data_2VY6
# 
_entry.id   2VY6 
# 
_audit_conform.dict_name       mmcif_pdbx.dic 
_audit_conform.dict_version    5.382 
_audit_conform.dict_location   http://mmcif.pdb.org/dictionaries/ascii/mmcif_pdbx.dic 
# 
loop_
_database_2.database_id 
_database_2.database_code 
_database_2.pdbx_database_accession 
_database_2.pdbx_DOI 
PDB   2VY6         pdb_00002vy6 10.2210/pdb2vy6/pdb 
PDBE  EBI-36944    ?            ?                   
WWPDB D_1290036944 ?            ?                   
# 
loop_
_pdbx_database_related.db_name 
_pdbx_database_related.db_id 
_pdbx_database_related.content_type 
_pdbx_database_related.details 
PDB 2JDQ unspecified 'C-TERMINAL DOMAIN OF INFLUENZA A VIRUS POLYMERASE PB2 SUBUNIT IN COMPLEX WITH HUMAN IMPORTIN ALPHA5' 
PDB 2VQZ unspecified 'STRUCTURE OF THE CAP-BINDING DOMAIN OF INFLUENZA VIRUS POLYMERASE SUBUNIT PB2 WITH BOUND M7GTP'      
PDB 2VY7 unspecified 'THE 627-DOMAIN FROM INFLUENZA A VIRUS POLYMERASE PB2 SUBUNIT'                                        
PDB 2VY8 unspecified 'THE 627-DOMAIN FROM INFLUENZA A VIRUS POLYMERASE PB2 SUBUNIT WITH GLU-627'                           
# 
_pdbx_database_status.status_code                     REL 
_pdbx_database_status.entry_id                        2VY6 
_pdbx_database_status.deposit_site                    PDBE 
_pdbx_database_status.process_site                    PDBE 
_pdbx_database_status.SG_entry                        . 
_pdbx_database_status.recvd_initial_deposition_date   2008-07-18 
_pdbx_database_status.pdb_format_compatible           Y 
_pdbx_database_status.status_code_sf                  REL 
_pdbx_database_status.status_code_mr                  ? 
_pdbx_database_status.status_code_cs                  ? 
_pdbx_database_status.methods_development_category    ? 
_pdbx_database_status.status_code_nmr_data            ? 
# 
loop_
_audit_author.name 
_audit_author.pdbx_ordinal 
'Tarendeau, F.' 1 
'Crepin, T.'    2 
'Guilligay, D.' 3 
'Ruigrok, R.'   4 
'Cusack, S.'    5 
'Hart, D.'      6 
# 
_citation.id                        primary 
_citation.title                     
'Host Determinant Residue Lysine 627 Lies on the Surface of a Discrete, Folded Domain of Influenza Virus Polymerase Pb2 Subunit' 
_citation.journal_abbrev            'Plos Pathog.' 
_citation.journal_volume            4 
_citation.page_first                136 
_citation.page_last                 ? 
_citation.year                      2008 
_citation.journal_id_ASTM           ? 
_citation.country                   US 
_citation.journal_id_ISSN           1553-7366 
_citation.journal_id_CSD            ? 
_citation.book_publisher            ? 
_citation.pdbx_database_id_PubMed   18769709 
_citation.pdbx_database_id_DOI      10.1371/JOURNAL.PPAT.1000136 
# 
loop_
_citation_author.citation_id 
_citation_author.name 
_citation_author.ordinal 
_citation_author.identifier_ORCID 
primary 'Tarendeau, F.' 1 ? 
primary 'Crepin, T.'    2 ? 
primary 'Guilligay, D.' 3 ? 
primary 'Ruigrok, R.'   4 ? 
primary 'Cusack, S.'    5 ? 
primary 'Hart, D.'      6 ? 
# 
_cell.entry_id           2VY6 
_cell.length_a           33.380 
_cell.length_b           65.350 
_cell.length_c           45.540 
_cell.angle_alpha        90.00 
_cell.angle_beta         91.99 
_cell.angle_gamma        90.00 
_cell.Z_PDB              2 
_cell.pdbx_unique_axis   ? 
# 
_symmetry.entry_id                         2VY6 
_symmetry.space_group_name_H-M             'P 1 21 1' 
_symmetry.pdbx_full_space_group_name_H-M   ? 
_symmetry.cell_setting                     ? 
_symmetry.Int_Tables_number                4 
# 
loop_
_entity.id 
_entity.type 
_entity.src_method 
_entity.pdbx_description 
_entity.formula_weight 
_entity.pdbx_number_of_molecules 
_entity.pdbx_ec 
_entity.pdbx_mutation 
_entity.pdbx_fragment 
_entity.details 
1 polymer man 'POLYMERASE BASIC PROTEIN 2' 24329.936 1  ? ? '627- AND NLS-DOMAINS, RESIDUES 538-753' ? 
2 water   nat water                        18.015    76 ? ? ?                                        ? 
# 
_entity_name_com.entity_id   1 
_entity_name_com.name        'RNA-DIRECTED RNA POLYMERASE SUBUNIT P3, INFLUENZA A VIRUS POLYMERASE PB2 SUBUNIT' 
# 
_entity_poly.entity_id                      1 
_entity_poly.type                           'polypeptide(L)' 
_entity_poly.nstd_linkage                   no 
_entity_poly.nstd_monomer                   no 
_entity_poly.pdbx_seq_one_letter_code       
;GEINGPESVLVNTYQWIIRNWETVKIQWSQNPTMLYNKMEFEPFQSLVPKAIRGQYSGFVRTLFQQMRDVLGTFDTTQII
KLLPFAAAPPKQSRMQFSSLTVNVRGSGMRILVRGNSPVFNYNKTTKRLTILGKDAGTLIEDPDESTSGVESAVLRGFLI
LGKEDRRYGPALSINELSNLAKGEKANVLIGQGDVVLVMKRKRDSSILTDSQTATKR
;
_entity_poly.pdbx_seq_one_letter_code_can   
;GEINGPESVLVNTYQWIIRNWETVKIQWSQNPTMLYNKMEFEPFQSLVPKAIRGQYSGFVRTLFQQMRDVLGTFDTTQII
KLLPFAAAPPKQSRMQFSSLTVNVRGSGMRILVRGNSPVFNYNKTTKRLTILGKDAGTLIEDPDESTSGVESAVLRGFLI
LGKEDRRYGPALSINELSNLAKGEKANVLIGQGDVVLVMKRKRDSSILTDSQTATKR
;
_entity_poly.pdbx_strand_id                 A 
_entity_poly.pdbx_target_identifier         ? 
# 
loop_
_entity_poly_seq.entity_id 
_entity_poly_seq.num 
_entity_poly_seq.mon_id 
_entity_poly_seq.hetero 
1 1   GLY n 
1 2   GLU n 
1 3   ILE n 
1 4   ASN n 
1 5   GLY n 
1 6   PRO n 
1 7   GLU n 
1 8   SER n 
1 9   VAL n 
1 10  LEU n 
1 11  VAL n 
1 12  ASN n 
1 13  THR n 
1 14  TYR n 
1 15  GLN n 
1 16  TRP n 
1 17  ILE n 
1 18  ILE n 
1 19  ARG n 
1 20  ASN n 
1 21  TRP n 
1 22  GLU n 
1 23  THR n 
1 24  VAL n 
1 25  LYS n 
1 26  ILE n 
1 27  GLN n 
1 28  TRP n 
1 29  SER n 
1 30  GLN n 
1 31  ASN n 
1 32  PRO n 
1 33  THR n 
1 34  MET n 
1 35  LEU n 
1 36  TYR n 
1 37  ASN n 
1 38  LYS n 
1 39  MET n 
1 40  GLU n 
1 41  PHE n 
1 42  GLU n 
1 43  PRO n 
1 44  PHE n 
1 45  GLN n 
1 46  SER n 
1 47  LEU n 
1 48  VAL n 
1 49  PRO n 
1 50  LYS n 
1 51  ALA n 
1 52  ILE n 
1 53  ARG n 
1 54  GLY n 
1 55  GLN n 
1 56  TYR n 
1 57  SER n 
1 58  GLY n 
1 59  PHE n 
1 60  VAL n 
1 61  ARG n 
1 62  THR n 
1 63  LEU n 
1 64  PHE n 
1 65  GLN n 
1 66  GLN n 
1 67  MET n 
1 68  ARG n 
1 69  ASP n 
1 70  VAL n 
1 71  LEU n 
1 72  GLY n 
1 73  THR n 
1 74  PHE n 
1 75  ASP n 
1 76  THR n 
1 77  THR n 
1 78  GLN n 
1 79  ILE n 
1 80  ILE n 
1 81  LYS n 
1 82  LEU n 
1 83  LEU n 
1 84  PRO n 
1 85  PHE n 
1 86  ALA n 
1 87  ALA n 
1 88  ALA n 
1 89  PRO n 
1 90  PRO n 
1 91  LYS n 
1 92  GLN n 
1 93  SER n 
1 94  ARG n 
1 95  MET n 
1 96  GLN n 
1 97  PHE n 
1 98  SER n 
1 99  SER n 
1 100 LEU n 
1 101 THR n 
1 102 VAL n 
1 103 ASN n 
1 104 VAL n 
1 105 ARG n 
1 106 GLY n 
1 107 SER n 
1 108 GLY n 
1 109 MET n 
1 110 ARG n 
1 111 ILE n 
1 112 LEU n 
1 113 VAL n 
1 114 ARG n 
1 115 GLY n 
1 116 ASN n 
1 117 SER n 
1 118 PRO n 
1 119 VAL n 
1 120 PHE n 
1 121 ASN n 
1 122 TYR n 
1 123 ASN n 
1 124 LYS n 
1 125 THR n 
1 126 THR n 
1 127 LYS n 
1 128 ARG n 
1 129 LEU n 
1 130 THR n 
1 131 ILE n 
1 132 LEU n 
1 133 GLY n 
1 134 LYS n 
1 135 ASP n 
1 136 ALA n 
1 137 GLY n 
1 138 THR n 
1 139 LEU n 
1 140 ILE n 
1 141 GLU n 
1 142 ASP n 
1 143 PRO n 
1 144 ASP n 
1 145 GLU n 
1 146 SER n 
1 147 THR n 
1 148 SER n 
1 149 GLY n 
1 150 VAL n 
1 151 GLU n 
1 152 SER n 
1 153 ALA n 
1 154 VAL n 
1 155 LEU n 
1 156 ARG n 
1 157 GLY n 
1 158 PHE n 
1 159 LEU n 
1 160 ILE n 
1 161 LEU n 
1 162 GLY n 
1 163 LYS n 
1 164 GLU n 
1 165 ASP n 
1 166 ARG n 
1 167 ARG n 
1 168 TYR n 
1 169 GLY n 
1 170 PRO n 
1 171 ALA n 
1 172 LEU n 
1 173 SER n 
1 174 ILE n 
1 175 ASN n 
1 176 GLU n 
1 177 LEU n 
1 178 SER n 
1 179 ASN n 
1 180 LEU n 
1 181 ALA n 
1 182 LYS n 
1 183 GLY n 
1 184 GLU n 
1 185 LYS n 
1 186 ALA n 
1 187 ASN n 
1 188 VAL n 
1 189 LEU n 
1 190 ILE n 
1 191 GLY n 
1 192 GLN n 
1 193 GLY n 
1 194 ASP n 
1 195 VAL n 
1 196 VAL n 
1 197 LEU n 
1 198 VAL n 
1 199 MET n 
1 200 LYS n 
1 201 ARG n 
1 202 LYS n 
1 203 ARG n 
1 204 ASP n 
1 205 SER n 
1 206 SER n 
1 207 ILE n 
1 208 LEU n 
1 209 THR n 
1 210 ASP n 
1 211 SER n 
1 212 GLN n 
1 213 THR n 
1 214 ALA n 
1 215 THR n 
1 216 LYS n 
1 217 ARG n 
# 
_entity_src_gen.entity_id                          1 
_entity_src_gen.pdbx_src_id                        1 
_entity_src_gen.pdbx_alt_source_flag               sample 
_entity_src_gen.pdbx_seq_type                      ? 
_entity_src_gen.pdbx_beg_seq_num                   ? 
_entity_src_gen.pdbx_end_seq_num                   ? 
_entity_src_gen.gene_src_common_name               ? 
_entity_src_gen.gene_src_genus                     ? 
_entity_src_gen.pdbx_gene_src_gene                 ? 
_entity_src_gen.gene_src_species                   ? 
_entity_src_gen.gene_src_strain                    'A/VICTORIA/3/1975(H3N2)' 
_entity_src_gen.gene_src_tissue                    ? 
_entity_src_gen.gene_src_tissue_fraction           ? 
_entity_src_gen.gene_src_details                   ? 
_entity_src_gen.pdbx_gene_src_fragment             ? 
_entity_src_gen.pdbx_gene_src_scientific_name      'INFLUENZA A VIRUS' 
_entity_src_gen.pdbx_gene_src_ncbi_taxonomy_id     11320 
_entity_src_gen.pdbx_gene_src_variant              ? 
_entity_src_gen.pdbx_gene_src_cell_line            ? 
_entity_src_gen.pdbx_gene_src_atcc                 ? 
_entity_src_gen.pdbx_gene_src_organ                ? 
_entity_src_gen.pdbx_gene_src_organelle            ? 
_entity_src_gen.pdbx_gene_src_cell                 ? 
_entity_src_gen.pdbx_gene_src_cellular_location    ? 
_entity_src_gen.host_org_common_name               ? 
_entity_src_gen.pdbx_host_org_scientific_name      'ESCHERICHIA COLI' 
_entity_src_gen.pdbx_host_org_ncbi_taxonomy_id     511693 
_entity_src_gen.host_org_genus                     ? 
_entity_src_gen.pdbx_host_org_gene                 ? 
_entity_src_gen.pdbx_host_org_organ                ? 
_entity_src_gen.host_org_species                   ? 
_entity_src_gen.pdbx_host_org_tissue               ? 
_entity_src_gen.pdbx_host_org_tissue_fraction      ? 
_entity_src_gen.pdbx_host_org_strain               BL21 
_entity_src_gen.pdbx_host_org_variant              'AI RIL' 
_entity_src_gen.pdbx_host_org_cell_line            ? 
_entity_src_gen.pdbx_host_org_atcc                 ? 
_entity_src_gen.pdbx_host_org_culture_collection   ? 
_entity_src_gen.pdbx_host_org_cell                 ? 
_entity_src_gen.pdbx_host_org_organelle            ? 
_entity_src_gen.pdbx_host_org_cellular_location    ? 
_entity_src_gen.pdbx_host_org_vector_type          ? 
_entity_src_gen.pdbx_host_org_vector               ? 
_entity_src_gen.host_org_details                   ? 
_entity_src_gen.expression_system_id               ? 
_entity_src_gen.plasmid_name                       ? 
_entity_src_gen.plasmid_details                    ? 
_entity_src_gen.pdbx_description                   ? 
# 
loop_
_struct_ref.id 
_struct_ref.db_name 
_struct_ref.db_code 
_struct_ref.entity_id 
_struct_ref.pdbx_seq_one_letter_code 
_struct_ref.pdbx_align_begin 
_struct_ref.pdbx_db_accession 
_struct_ref.pdbx_db_isoform 
1 PDB 2VY6      1 ? ? 2VY6   ? 
2 UNP PB2_I75A3 1 ? ? P31345 ? 
# 
loop_
_struct_ref_seq.align_id 
_struct_ref_seq.ref_id 
_struct_ref_seq.pdbx_PDB_id_code 
_struct_ref_seq.pdbx_strand_id 
_struct_ref_seq.seq_align_beg 
_struct_ref_seq.pdbx_seq_align_beg_ins_code 
_struct_ref_seq.seq_align_end 
_struct_ref_seq.pdbx_seq_align_end_ins_code 
_struct_ref_seq.pdbx_db_accession 
_struct_ref_seq.db_align_beg 
_struct_ref_seq.pdbx_db_align_beg_ins_code 
_struct_ref_seq.db_align_end 
_struct_ref_seq.pdbx_db_align_end_ins_code 
_struct_ref_seq.pdbx_auth_seq_align_beg 
_struct_ref_seq.pdbx_auth_seq_align_end 
1 1 2VY6 A 1 ? 1   ? 2VY6   537 ? 537 ? 537 537 
2 2 2VY6 A 2 ? 217 ? P31345 538 ? 753 ? 538 753 
# 
loop_
_chem_comp.id 
_chem_comp.type 
_chem_comp.mon_nstd_flag 
_chem_comp.name 
_chem_comp.pdbx_synonyms 
_chem_comp.formula 
_chem_comp.formula_weight 
ALA 'L-peptide linking' y ALANINE         ? 'C3 H7 N O2'     89.093  
ARG 'L-peptide linking' y ARGININE        ? 'C6 H15 N4 O2 1' 175.209 
ASN 'L-peptide linking' y ASPARAGINE      ? 'C4 H8 N2 O3'    132.118 
ASP 'L-peptide linking' y 'ASPARTIC ACID' ? 'C4 H7 N O4'     133.103 
GLN 'L-peptide linking' y GLUTAMINE       ? 'C5 H10 N2 O3'   146.144 
GLU 'L-peptide linking' y 'GLUTAMIC ACID' ? 'C5 H9 N O4'     147.129 
GLY 'peptide linking'   y GLYCINE         ? 'C2 H5 N O2'     75.067  
HOH non-polymer         . WATER           ? 'H2 O'           18.015  
ILE 'L-peptide linking' y ISOLEUCINE      ? 'C6 H13 N O2'    131.173 
LEU 'L-peptide linking' y LEUCINE         ? 'C6 H13 N O2'    131.173 
LYS 'L-peptide linking' y LYSINE          ? 'C6 H15 N2 O2 1' 147.195 
MET 'L-peptide linking' y METHIONINE      ? 'C5 H11 N O2 S'  149.211 
PHE 'L-peptide linking' y PHENYLALANINE   ? 'C9 H11 N O2'    165.189 
PRO 'L-peptide linking' y PROLINE         ? 'C5 H9 N O2'     115.130 
SER 'L-peptide linking' y SERINE          ? 'C3 H7 N O3'     105.093 
THR 'L-peptide linking' y THREONINE       ? 'C4 H9 N O3'     119.119 
TRP 'L-peptide linking' y TRYPTOPHAN      ? 'C11 H12 N2 O2'  204.225 
TYR 'L-peptide linking' y TYROSINE        ? 'C9 H11 N O3'    181.189 
VAL 'L-peptide linking' y VALINE          ? 'C5 H11 N O2'    117.146 
# 
_exptl.entry_id          2VY6 
_exptl.method            'X-RAY DIFFRACTION' 
_exptl.crystals_number   2 
# 
_exptl_crystal.id                    1 
_exptl_crystal.density_meas          ? 
_exptl_crystal.density_Matthews      2.1 
_exptl_crystal.density_percent_sol   41 
_exptl_crystal.description           NONE 
# 
_exptl_crystal_grow.crystal_id      1 
_exptl_crystal_grow.method          ? 
_exptl_crystal_grow.temp            ? 
_exptl_crystal_grow.temp_details    ? 
_exptl_crystal_grow.pH              ? 
_exptl_crystal_grow.pdbx_pH_range   ? 
_exptl_crystal_grow.pdbx_details    
;1 MICROLITRE OF 5.5 MG/ML PROTEIN SOLUTION IN 10 MM TRIS-HCL PH 7.0 AND 200 MM NACL WITH EQUAL VOLUME OF 100 MM HEPES PH 7.5 AND K/NA TARTRATE AT 1.2 M.
;
# 
_diffrn.id                     1 
_diffrn.ambient_temp           100 
_diffrn.ambient_temp_details   ? 
_diffrn.crystal_id             1 
# 
_diffrn_detector.diffrn_id              1 
_diffrn_detector.detector               CCD 
_diffrn_detector.type                   'ADSC CCD' 
_diffrn_detector.pdbx_collection_date   2007-11-21 
_diffrn_detector.details                ? 
# 
_diffrn_radiation.diffrn_id                        1 
_diffrn_radiation.wavelength_id                    1 
_diffrn_radiation.pdbx_monochromatic_or_laue_m_l   M 
_diffrn_radiation.monochromator                    ? 
_diffrn_radiation.pdbx_diffrn_protocol             'SINGLE WAVELENGTH' 
_diffrn_radiation.pdbx_scattering_type             x-ray 
# 
_diffrn_radiation_wavelength.id           1 
_diffrn_radiation_wavelength.wavelength   0.954 
_diffrn_radiation_wavelength.wt           1.0 
# 
_diffrn_source.diffrn_id                   1 
_diffrn_source.source                      SYNCHROTRON 
_diffrn_source.type                        'ESRF BEAMLINE ID23-1' 
_diffrn_source.pdbx_synchrotron_site       ESRF 
_diffrn_source.pdbx_synchrotron_beamline   ID23-1 
_diffrn_source.pdbx_wavelength             0.954 
_diffrn_source.pdbx_wavelength_list        ? 
# 
_reflns.pdbx_diffrn_id               1 
_reflns.pdbx_ordinal                 1 
_reflns.entry_id                     2VY6 
_reflns.observed_criterion_sigma_I   0.0 
_reflns.observed_criterion_sigma_F   ? 
_reflns.d_resolution_low             20.00 
_reflns.d_resolution_high            1.95 
_reflns.number_obs                   14078 
_reflns.number_all                   ? 
_reflns.percent_possible_obs         98.3 
_reflns.pdbx_Rmerge_I_obs            0.13 
_reflns.pdbx_Rsym_value              ? 
_reflns.pdbx_netI_over_sigmaI        8.95 
_reflns.B_iso_Wilson_estimate        ? 
_reflns.pdbx_redundancy              4.0 
# 
_reflns_shell.pdbx_diffrn_id         1 
_reflns_shell.pdbx_ordinal           1 
_reflns_shell.d_res_high             1.95 
_reflns_shell.d_res_low              2.00 
_reflns_shell.percent_possible_all   92.9 
_reflns_shell.Rmerge_I_obs           0.57 
_reflns_shell.pdbx_Rsym_value        ? 
_reflns_shell.meanI_over_sigI_obs    2.28 
_reflns_shell.pdbx_redundancy        3.1 
# 
_refine.pdbx_refine_id                           'X-RAY DIFFRACTION' 
_refine.entry_id                                 2VY6 
_refine.pdbx_diffrn_id                           1 
_refine.pdbx_TLS_residual_ADP_flag               ? 
_refine.ls_number_reflns_obs                     13456 
_refine.ls_number_reflns_all                     ? 
_refine.pdbx_ls_sigma_I                          ? 
_refine.pdbx_ls_sigma_F                          ? 
_refine.pdbx_data_cutoff_high_absF               ? 
_refine.pdbx_data_cutoff_low_absF                ? 
_refine.pdbx_data_cutoff_high_rms_absF           ? 
_refine.ls_d_res_low                             26.47 
_refine.ls_d_res_high                            1.95 
_refine.ls_percent_reflns_obs                    99.0 
_refine.ls_R_factor_obs                          0.204 
_refine.ls_R_factor_all                          ? 
_refine.ls_R_factor_R_work                       0.201 
_refine.ls_R_factor_R_free                       0.258 
_refine.ls_R_factor_R_free_error                 ? 
_refine.ls_R_factor_R_free_error_details         ? 
_refine.ls_percent_reflns_R_free                 5.000 
_refine.ls_number_reflns_R_free                  712 
_refine.ls_number_parameters                     ? 
_refine.ls_number_restraints                     ? 
_refine.occupancy_min                            ? 
_refine.occupancy_max                            ? 
_refine.correlation_coeff_Fo_to_Fc               0.945 
_refine.correlation_coeff_Fo_to_Fc_free          0.908 
_refine.B_iso_mean                               21.43 
_refine.aniso_B[1][1]                            -1.16000 
_refine.aniso_B[2][2]                            -1.12000 
_refine.aniso_B[3][3]                            2.22000 
_refine.aniso_B[1][2]                            0.00000 
_refine.aniso_B[1][3]                            -0.85000 
_refine.aniso_B[2][3]                            0.00000 
_refine.solvent_model_details                    MASK 
_refine.solvent_model_param_ksol                 ? 
_refine.solvent_model_param_bsol                 ? 
_refine.pdbx_solvent_vdw_probe_radii             1.40 
_refine.pdbx_solvent_ion_probe_radii             0.80 
_refine.pdbx_solvent_shrinkage_radii             0.80 
_refine.pdbx_ls_cross_valid_method               THROUGHOUT 
_refine.details                                  'HYDROGENS HAVE BEEN ADDED IN THE RIDING POSITIONS.' 
_refine.pdbx_starting_model                      '627-DOMAIN FROM PDB ENTRY 2VY7, AND NLS DOMAIN FROM PDB ENTRY 2JDQ' 
_refine.pdbx_method_to_determine_struct          'MOLECULAR REPLACEMENT' 
_refine.pdbx_isotropic_thermal_model             ? 
_refine.pdbx_stereochemistry_target_values       'MAXIMUM LIKELIHOOD' 
_refine.pdbx_stereochem_target_val_spec_case     ? 
_refine.pdbx_R_Free_selection_details            RANDOM 
_refine.pdbx_overall_ESU_R                       0.194 
_refine.pdbx_overall_ESU_R_Free                  0.179 
_refine.overall_SU_ML                            0.144 
_refine.pdbx_overall_phase_error                 ? 
_refine.overall_SU_B                             4.993 
_refine.overall_SU_R_Cruickshank_DPI             ? 
_refine.pdbx_overall_SU_R_free_Cruickshank_DPI   ? 
_refine.pdbx_overall_SU_R_Blow_DPI               ? 
_refine.pdbx_overall_SU_R_free_Blow_DPI          ? 
# 
_refine_hist.pdbx_refine_id                   'X-RAY DIFFRACTION' 
_refine_hist.cycle_id                         LAST 
_refine_hist.pdbx_number_atoms_protein        1555 
_refine_hist.pdbx_number_atoms_nucleic_acid   0 
_refine_hist.pdbx_number_atoms_ligand         0 
_refine_hist.number_atoms_solvent             76 
_refine_hist.number_atoms_total               1631 
_refine_hist.d_res_high                       1.95 
_refine_hist.d_res_low                        26.47 
# 
loop_
_refine_ls_restr.type 
_refine_ls_restr.dev_ideal 
_refine_ls_restr.dev_ideal_target 
_refine_ls_restr.weight 
_refine_ls_restr.number 
_refine_ls_restr.pdbx_refine_id 
_refine_ls_restr.pdbx_restraint_function 
r_bond_refined_d             0.015  0.022  ? 1582 'X-RAY DIFFRACTION' ? 
r_bond_other_d               0.007  0.020  ? 1119 'X-RAY DIFFRACTION' ? 
r_angle_refined_deg          1.583  1.968  ? 2134 'X-RAY DIFFRACTION' ? 
r_angle_other_deg            0.943  3.000  ? 2720 'X-RAY DIFFRACTION' ? 
r_dihedral_angle_1_deg       6.451  5.000  ? 194  'X-RAY DIFFRACTION' ? 
r_dihedral_angle_2_deg       35.668 23.478 ? 69   'X-RAY DIFFRACTION' ? 
r_dihedral_angle_3_deg       15.544 15.000 ? 294  'X-RAY DIFFRACTION' ? 
r_dihedral_angle_4_deg       19.065 15.000 ? 14   'X-RAY DIFFRACTION' ? 
r_chiral_restr               0.088  0.200  ? 242  'X-RAY DIFFRACTION' ? 
r_gen_planes_refined         0.006  0.020  ? 1722 'X-RAY DIFFRACTION' ? 
r_gen_planes_other           0.001  0.020  ? 321  'X-RAY DIFFRACTION' ? 
r_nbd_refined                0.224  0.200  ? 309  'X-RAY DIFFRACTION' ? 
r_nbd_other                  0.205  0.200  ? 1171 'X-RAY DIFFRACTION' ? 
r_nbtor_refined              0.188  0.200  ? 774  'X-RAY DIFFRACTION' ? 
r_nbtor_other                0.088  0.200  ? 919  'X-RAY DIFFRACTION' ? 
r_xyhbond_nbd_refined        0.181  0.200  ? 73   'X-RAY DIFFRACTION' ? 
r_xyhbond_nbd_other          ?      ?      ? ?    'X-RAY DIFFRACTION' ? 
r_metal_ion_refined          ?      ?      ? ?    'X-RAY DIFFRACTION' ? 
r_metal_ion_other            ?      ?      ? ?    'X-RAY DIFFRACTION' ? 
r_symmetry_vdw_refined       0.240  0.200  ? 18   'X-RAY DIFFRACTION' ? 
r_symmetry_vdw_other         0.298  0.200  ? 42   'X-RAY DIFFRACTION' ? 
r_symmetry_hbond_refined     0.126  0.200  ? 12   'X-RAY DIFFRACTION' ? 
r_symmetry_hbond_other       ?      ?      ? ?    'X-RAY DIFFRACTION' ? 
r_symmetry_metal_ion_refined ?      ?      ? ?    'X-RAY DIFFRACTION' ? 
r_symmetry_metal_ion_other   ?      ?      ? ?    'X-RAY DIFFRACTION' ? 
r_mcbond_it                  1.189  1.500  ? 1044 'X-RAY DIFFRACTION' ? 
r_mcbond_other               ?      ?      ? ?    'X-RAY DIFFRACTION' ? 
r_mcangle_it                 1.686  2.000  ? 1575 'X-RAY DIFFRACTION' ? 
r_mcangle_other              ?      ?      ? ?    'X-RAY DIFFRACTION' ? 
r_scbond_it                  2.312  3.000  ? 668  'X-RAY DIFFRACTION' ? 
r_scbond_other               ?      ?      ? ?    'X-RAY DIFFRACTION' ? 
r_scangle_it                 3.316  4.500  ? 559  'X-RAY DIFFRACTION' ? 
r_scangle_other              ?      ?      ? ?    'X-RAY DIFFRACTION' ? 
r_long_range_B_refined       ?      ?      ? ?    'X-RAY DIFFRACTION' ? 
r_long_range_B_other         ?      ?      ? ?    'X-RAY DIFFRACTION' ? 
r_rigid_bond_restr           ?      ?      ? ?    'X-RAY DIFFRACTION' ? 
r_sphericity_free            ?      ?      ? ?    'X-RAY DIFFRACTION' ? 
r_sphericity_bonded          ?      ?      ? ?    'X-RAY DIFFRACTION' ? 
# 
_refine_ls_shell.pdbx_refine_id                   'X-RAY DIFFRACTION' 
_refine_ls_shell.pdbx_total_number_of_bins_used   20 
_refine_ls_shell.d_res_high                       1.95 
_refine_ls_shell.d_res_low                        2.00 
_refine_ls_shell.number_reflns_R_work             914 
_refine_ls_shell.R_factor_R_work                  0.2670 
_refine_ls_shell.percent_reflns_obs               ? 
_refine_ls_shell.R_factor_R_free                  0.4030 
_refine_ls_shell.R_factor_R_free_error            ? 
_refine_ls_shell.percent_reflns_R_free            ? 
_refine_ls_shell.number_reflns_R_free             48 
_refine_ls_shell.number_reflns_all                ? 
_refine_ls_shell.R_factor_all                     ? 
# 
_struct.entry_id                  2VY6 
_struct.title                     'Two domains from the C-terminal region of influenza A virus polymerase PB2 subunit' 
_struct.pdbx_model_details        ? 
_struct.pdbx_CASP_flag            ? 
_struct.pdbx_model_type_details   ? 
# 
_struct_keywords.entry_id        2VY6 
_struct_keywords.pdbx_keywords   TRANSCRIPTION 
_struct_keywords.text            'MRNA CAPPING, MITOCHONDRION, MRNA PROCESSING, TRANSCRIPTION, VIRAL PROTEIN' 
# 
loop_
_struct_asym.id 
_struct_asym.pdbx_blank_PDB_chainid_flag 
_struct_asym.pdbx_modified 
_struct_asym.entity_id 
_struct_asym.details 
A N N 1 ? 
B N N 2 ? 
# 
_struct_biol.id   1 
# 
loop_
_struct_conf.conf_type_id 
_struct_conf.id 
_struct_conf.pdbx_PDB_helix_id 
_struct_conf.beg_label_comp_id 
_struct_conf.beg_label_asym_id 
_struct_conf.beg_label_seq_id 
_struct_conf.pdbx_beg_PDB_ins_code 
_struct_conf.end_label_comp_id 
_struct_conf.end_label_asym_id 
_struct_conf.end_label_seq_id 
_struct_conf.pdbx_end_PDB_ins_code 
_struct_conf.beg_auth_comp_id 
_struct_conf.beg_auth_asym_id 
_struct_conf.beg_auth_seq_id 
_struct_conf.end_auth_comp_id 
_struct_conf.end_auth_asym_id 
_struct_conf.end_auth_seq_id 
_struct_conf.pdbx_PDB_helix_class 
_struct_conf.details 
_struct_conf.pdbx_PDB_helix_length 
HELX_P HELX_P1  1  ASN A 4   ? ASN A 20  ? ASN A 540 ASN A 556 1 ? 17 
HELX_P HELX_P2  2  ASN A 20  ? ASN A 31  ? ASN A 556 ASN A 567 1 ? 12 
HELX_P HELX_P3  3  ASN A 31  ? ASN A 37  ? ASN A 567 ASN A 573 1 ? 7  
HELX_P HELX_P4  4  LYS A 38  ? GLU A 40  ? LYS A 574 GLU A 576 5 ? 3  
HELX_P HELX_P5  5  PHE A 41  ? VAL A 48  ? PHE A 577 VAL A 584 1 ? 8  
HELX_P HELX_P6  6  ILE A 52  ? VAL A 70  ? ILE A 588 VAL A 606 1 ? 19 
HELX_P HELX_P7  7  ASP A 75  ? LEU A 83  ? ASP A 611 LEU A 619 1 ? 9  
HELX_P HELX_P8  8  PRO A 84  ? ALA A 88  ? PRO A 620 ALA A 624 5 ? 5  
HELX_P HELX_P9  9  ASP A 165 ? GLY A 169 ? ASP A 701 GLY A 705 5 ? 5  
HELX_P HELX_P10 10 ASN A 175 ? LEU A 180 ? ASN A 711 LEU A 716 5 ? 6  
# 
_struct_conf_type.id          HELX_P 
_struct_conf_type.criteria    ? 
_struct_conf_type.reference   ? 
# 
loop_
_struct_sheet.id 
_struct_sheet.type 
_struct_sheet.number_strands 
_struct_sheet.details 
AA ? 2 ? 
AB ? 3 ? 
AC ? 4 ? 
# 
loop_
_struct_sheet_order.sheet_id 
_struct_sheet_order.range_id_1 
_struct_sheet_order.range_id_2 
_struct_sheet_order.offset 
_struct_sheet_order.sense 
AA 1 2 ? anti-parallel 
AB 1 2 ? anti-parallel 
AB 2 3 ? anti-parallel 
AC 1 2 ? anti-parallel 
AC 2 3 ? anti-parallel 
AC 3 4 ? parallel      
# 
loop_
_struct_sheet_range.sheet_id 
_struct_sheet_range.id 
_struct_sheet_range.beg_label_comp_id 
_struct_sheet_range.beg_label_asym_id 
_struct_sheet_range.beg_label_seq_id 
_struct_sheet_range.pdbx_beg_PDB_ins_code 
_struct_sheet_range.end_label_comp_id 
_struct_sheet_range.end_label_asym_id 
_struct_sheet_range.end_label_seq_id 
_struct_sheet_range.pdbx_end_PDB_ins_code 
_struct_sheet_range.beg_auth_comp_id 
_struct_sheet_range.beg_auth_asym_id 
_struct_sheet_range.beg_auth_seq_id 
_struct_sheet_range.end_auth_comp_id 
_struct_sheet_range.end_auth_asym_id 
_struct_sheet_range.end_auth_seq_id 
AA 1 SER A 99  ? VAL A 104 ? SER A 635 VAL A 640 
AA 2 SER A 107 ? LEU A 112 ? SER A 643 LEU A 648 
AB 1 PHE A 120 ? TYR A 122 ? PHE A 656 TYR A 658 
AB 2 ARG A 128 ? ILE A 131 ? ARG A 664 ILE A 667 
AB 3 LYS A 134 ? THR A 138 ? LYS A 670 THR A 674 
AC 1 PHE A 158 ? LYS A 163 ? PHE A 694 LYS A 699 
AC 2 ASP A 194 ? LYS A 200 ? ASP A 730 LYS A 736 
AC 3 LYS A 185 ? GLY A 191 ? LYS A 721 GLY A 727 
AC 4 LEU A 172 ? SER A 173 ? LEU A 708 SER A 709 
# 
loop_
_pdbx_struct_sheet_hbond.sheet_id 
_pdbx_struct_sheet_hbond.range_id_1 
_pdbx_struct_sheet_hbond.range_id_2 
_pdbx_struct_sheet_hbond.range_1_label_atom_id 
_pdbx_struct_sheet_hbond.range_1_label_comp_id 
_pdbx_struct_sheet_hbond.range_1_label_asym_id 
_pdbx_struct_sheet_hbond.range_1_label_seq_id 
_pdbx_struct_sheet_hbond.range_1_PDB_ins_code 
_pdbx_struct_sheet_hbond.range_1_auth_atom_id 
_pdbx_struct_sheet_hbond.range_1_auth_comp_id 
_pdbx_struct_sheet_hbond.range_1_auth_asym_id 
_pdbx_struct_sheet_hbond.range_1_auth_seq_id 
_pdbx_struct_sheet_hbond.range_2_label_atom_id 
_pdbx_struct_sheet_hbond.range_2_label_comp_id 
_pdbx_struct_sheet_hbond.range_2_label_asym_id 
_pdbx_struct_sheet_hbond.range_2_label_seq_id 
_pdbx_struct_sheet_hbond.range_2_PDB_ins_code 
_pdbx_struct_sheet_hbond.range_2_auth_atom_id 
_pdbx_struct_sheet_hbond.range_2_auth_comp_id 
_pdbx_struct_sheet_hbond.range_2_auth_asym_id 
_pdbx_struct_sheet_hbond.range_2_auth_seq_id 
AA 1 2 N VAL A 104 ? N VAL A 640 O SER A 107 ? O SER A 643 
AB 1 2 N ASN A 121 ? N ASN A 657 O THR A 130 ? O THR A 666 
AB 2 3 N ILE A 131 ? N ILE A 667 O LYS A 134 ? O LYS A 670 
AC 1 2 N LEU A 161 ? N LEU A 697 O LEU A 197 ? O LEU A 733 
AC 2 3 N VAL A 198 ? N VAL A 734 O ALA A 186 ? O ALA A 722 
AC 3 4 N LEU A 189 ? N LEU A 725 O LEU A 172 ? O LEU A 708 
# 
_atom_sites.entry_id                    2VY6 
_atom_sites.fract_transf_matrix[1][1]   -0.00133972 
_atom_sites.fract_transf_matrix[1][2]   -0.02211627 
_atom_sites.fract_transf_matrix[1][3]   0.02019012 
_atom_sites.fract_transf_matrix[2][1]   -0.00215462 
_atom_sites.fract_transf_matrix[2][2]   -0.01014265 
_atom_sites.fract_transf_matrix[2][3]   -0.01125324 
_atom_sites.fract_transf_matrix[3][1]   0.02168371 
_atom_sites.fract_transf_matrix[3][2]   -0.00336725 
_atom_sites.fract_transf_matrix[3][3]   -0.00111678 
_atom_sites.fract_transf_vector[1]      0.307480 
_atom_sites.fract_transf_vector[2]      0.145469 
_atom_sites.fract_transf_vector[3]      0.254813 
# 
loop_
_atom_type.symbol 
C 
N 
O 
S 
# 
loop_
_atom_site.group_PDB 
_atom_site.id 
_atom_site.type_symbol 
_atom_site.label_atom_id 
_atom_site.label_alt_id 
_atom_site.label_comp_id 
_atom_site.label_asym_id 
_atom_site.label_entity_id 
_atom_site.label_seq_id 
_atom_site.pdbx_PDB_ins_code 
_atom_site.Cartn_x 
_atom_site.Cartn_y 
_atom_site.Cartn_z 
_atom_site.occupancy 
_atom_site.B_iso_or_equiv 
_atom_site.pdbx_formal_charge 
_atom_site.auth_seq_id 
_atom_site.auth_comp_id 
_atom_site.auth_asym_id 
_atom_site.auth_atom_id 
_atom_site.pdbx_PDB_model_num 
ATOM   1    N N   . GLU A 1 2   ? 4.005   -20.337 -12.404 1.00 48.07 ? 538  GLU A N   1 
ATOM   2    C CA  . GLU A 1 2   ? 3.906   -19.952 -13.846 1.00 48.00 ? 538  GLU A CA  1 
ATOM   3    C C   . GLU A 1 2   ? 4.813   -18.769 -14.143 1.00 47.47 ? 538  GLU A C   1 
ATOM   4    O O   . GLU A 1 2   ? 4.500   -17.666 -13.706 1.00 48.33 ? 538  GLU A O   1 
ATOM   5    C CB  . GLU A 1 2   ? 2.456   -19.564 -14.189 1.00 48.13 ? 538  GLU A CB  1 
ATOM   6    N N   . ILE A 1 3   ? 5.931   -18.967 -14.853 1.00 46.43 ? 539  ILE A N   1 
ATOM   7    C CA  . ILE A 1 3   ? 6.727   -17.807 -15.282 1.00 45.58 ? 539  ILE A CA  1 
ATOM   8    C C   . ILE A 1 3   ? 6.617   -17.620 -16.781 1.00 44.35 ? 539  ILE A C   1 
ATOM   9    O O   . ILE A 1 3   ? 7.579   -17.798 -17.538 1.00 44.58 ? 539  ILE A O   1 
ATOM   10   C CB  . ILE A 1 3   ? 8.194   -17.802 -14.812 1.00 45.68 ? 539  ILE A CB  1 
ATOM   11   C CG1 . ILE A 1 3   ? 8.284   -18.073 -13.308 1.00 45.96 ? 539  ILE A CG1 1 
ATOM   12   C CG2 . ILE A 1 3   ? 8.823   -16.417 -15.072 1.00 46.23 ? 539  ILE A CG2 1 
ATOM   13   C CD1 . ILE A 1 3   ? 7.442   -17.126 -12.441 1.00 45.67 ? 539  ILE A CD1 1 
ATOM   14   N N   . ASN A 1 4   ? 5.401   -17.250 -17.169 1.00 42.54 ? 540  ASN A N   1 
ATOM   15   C CA  . ASN A 1 4   ? 5.067   -16.823 -18.510 1.00 40.67 ? 540  ASN A CA  1 
ATOM   16   C C   . ASN A 1 4   ? 4.756   -15.349 -18.367 1.00 39.27 ? 540  ASN A C   1 
ATOM   17   O O   . ASN A 1 4   ? 3.601   -14.954 -18.122 1.00 40.65 ? 540  ASN A O   1 
ATOM   18   C CB  . ASN A 1 4   ? 3.849   -17.586 -19.026 1.00 40.41 ? 540  ASN A CB  1 
ATOM   19   C CG  . ASN A 1 4   ? 3.883   -19.056 -18.642 1.00 40.49 ? 540  ASN A CG  1 
ATOM   20   O OD1 . ASN A 1 4   ? 4.718   -19.820 -19.125 1.00 36.36 ? 540  ASN A OD1 1 
ATOM   21   N ND2 . ASN A 1 4   ? 2.971   -19.453 -17.755 1.00 40.28 ? 540  ASN A ND2 1 
ATOM   22   N N   . GLY A 1 5   ? 5.817   -14.554 -18.396 1.00 36.44 ? 541  GLY A N   1 
ATOM   23   C CA  . GLY A 1 5   ? 5.702   -13.119 -18.470 1.00 34.10 ? 541  GLY A CA  1 
ATOM   24   C C   . GLY A 1 5   ? 5.341   -12.397 -17.174 1.00 32.22 ? 541  GLY A C   1 
ATOM   25   O O   . GLY A 1 5   ? 5.101   -13.024 -16.130 1.00 30.35 ? 541  GLY A O   1 
ATOM   26   N N   . PRO A 1 6   ? 5.304   -11.056 -17.253 1.00 30.08 ? 542  PRO A N   1 
ATOM   27   C CA  . PRO A 1 6   ? 5.094   -10.165 -16.096 1.00 29.11 ? 542  PRO A CA  1 
ATOM   28   C C   . PRO A 1 6   ? 3.837   -10.430 -15.297 1.00 27.69 ? 542  PRO A C   1 
ATOM   29   O O   . PRO A 1 6   ? 3.868   -10.333 -14.085 1.00 26.90 ? 542  PRO A O   1 
ATOM   30   C CB  . PRO A 1 6   ? 5.074   -8.764  -16.719 1.00 28.69 ? 542  PRO A CB  1 
ATOM   31   C CG  . PRO A 1 6   ? 4.868   -8.979  -18.188 1.00 30.01 ? 542  PRO A CG  1 
ATOM   32   C CD  . PRO A 1 6   ? 5.514   -10.287 -18.501 1.00 30.07 ? 542  PRO A CD  1 
ATOM   33   N N   . GLU A 1 7   ? 2.755   -10.798 -15.968 1.00 26.66 ? 543  GLU A N   1 
ATOM   34   C CA  . GLU A 1 7   ? 1.485   -11.055 -15.306 1.00 26.57 ? 543  GLU A CA  1 
ATOM   35   C C   . GLU A 1 7   ? 1.659   -12.233 -14.356 1.00 26.01 ? 543  GLU A C   1 
ATOM   36   O O   . GLU A 1 7   ? 1.140   -12.232 -13.248 1.00 24.85 ? 543  GLU A O   1 
ATOM   37   C CB  . GLU A 1 7   ? 0.378   -11.398 -16.305 1.00 26.56 ? 543  GLU A CB  1 
ATOM   38   C CG  . GLU A 1 7   ? 0.118   -10.372 -17.407 1.00 28.70 ? 543  GLU A CG  1 
ATOM   39   C CD  . GLU A 1 7   ? 1.052   -10.520 -18.611 1.00 29.58 ? 543  GLU A CD  1 
ATOM   40   O OE1 . GLU A 1 7   ? 1.646   -11.579 -18.768 1.00 30.20 ? 543  GLU A OE1 1 
ATOM   41   O OE2 . GLU A 1 7   ? 1.229   -9.562  -19.378 1.00 32.69 ? 543  GLU A OE2 1 
ATOM   42   N N   . SER A 1 8   ? 2.388   -13.240 -14.806 1.00 25.31 ? 544  SER A N   1 
ATOM   43   C CA  . SER A 1 8   ? 2.627   -14.433 -14.001 1.00 25.83 ? 544  SER A CA  1 
ATOM   44   C C   . SER A 1 8   ? 3.408   -14.073 -12.740 1.00 24.05 ? 544  SER A C   1 
ATOM   45   O O   . SER A 1 8   ? 3.069   -14.544 -11.650 1.00 23.78 ? 544  SER A O   1 
ATOM   46   C CB  . SER A 1 8   ? 3.359   -15.500 -14.821 1.00 26.03 ? 544  SER A CB  1 
ATOM   47   O OG  . SER A 1 8   ? 4.765   -15.414 -14.615 1.00 31.03 ? 544  SER A OG  1 
ATOM   48   N N   . VAL A 1 9   ? 4.426   -13.229 -12.898 1.00 23.26 ? 545  VAL A N   1 
ATOM   49   C CA  . VAL A 1 9   ? 5.232   -12.728 -11.775 1.00 22.97 ? 545  VAL A CA  1 
ATOM   50   C C   . VAL A 1 9   ? 4.391   -12.046 -10.693 1.00 22.49 ? 545  VAL A C   1 
ATOM   51   O O   . VAL A 1 9   ? 4.495   -12.386 -9.509  1.00 21.77 ? 545  VAL A O   1 
ATOM   52   C CB  . VAL A 1 9   ? 6.352   -11.816 -12.261 1.00 23.00 ? 545  VAL A CB  1 
ATOM   53   C CG1 . VAL A 1 9   ? 6.790   -10.854 -11.182 1.00 23.21 ? 545  VAL A CG1 1 
ATOM   54   C CG2 . VAL A 1 9   ? 7.545   -12.683 -12.775 1.00 25.79 ? 545  VAL A CG2 1 
ATOM   55   N N   . LEU A 1 10  ? 3.497   -11.159 -11.106 1.00 22.09 ? 546  LEU A N   1 
ATOM   56   C CA  . LEU A 1 10  ? 2.565   -10.540 -10.187 1.00 22.03 ? 546  LEU A CA  1 
ATOM   57   C C   . LEU A 1 10  ? 1.678   -11.531 -9.492  1.00 21.81 ? 546  LEU A C   1 
ATOM   58   O O   . LEU A 1 10  ? 1.496   -11.447 -8.263  1.00 21.48 ? 546  LEU A O   1 
ATOM   59   C CB  . LEU A 1 10  ? 1.698   -9.489  -10.920 1.00 22.56 ? 546  LEU A CB  1 
ATOM   60   C CG  . LEU A 1 10  ? 2.472   -8.284  -11.443 1.00 23.82 ? 546  LEU A CG  1 
ATOM   61   C CD1 . LEU A 1 10  ? 1.641   -7.485  -12.514 1.00 23.56 ? 546  LEU A CD1 1 
ATOM   62   C CD2 . LEU A 1 10  ? 2.949   -7.402  -10.283 1.00 22.59 ? 546  LEU A CD2 1 
ATOM   63   N N   . VAL A 1 11  ? 1.022   -12.410 -10.248 1.00 21.23 ? 547  VAL A N   1 
ATOM   64   C CA  . VAL A 1 11  ? 0.045   -13.312 -9.665  1.00 20.87 ? 547  VAL A CA  1 
ATOM   65   C C   . VAL A 1 11  ? 0.680   -14.264 -8.640  1.00 20.78 ? 547  VAL A C   1 
ATOM   66   O O   . VAL A 1 11  ? 0.142   -14.466 -7.550  1.00 17.56 ? 547  VAL A O   1 
ATOM   67   C CB  . VAL A 1 11  ? -0.713  -14.131 -10.732 1.00 22.13 ? 547  VAL A CB  1 
ATOM   68   C CG1 . VAL A 1 11  ? -1.358  -15.360 -10.084 1.00 22.30 ? 547  VAL A CG1 1 
ATOM   69   C CG2 . VAL A 1 11  ? -1.772  -13.269 -11.394 1.00 21.38 ? 547  VAL A CG2 1 
ATOM   70   N N   . ASN A 1 12  ? 1.854   -14.777 -8.995  1.00 20.56 ? 548  ASN A N   1 
ATOM   71   C CA  . ASN A 1 12  ? 2.685   -15.632 -8.159  1.00 22.38 ? 548  ASN A CA  1 
ATOM   72   C C   . ASN A 1 12  ? 3.260   -14.993 -6.899  1.00 22.13 ? 548  ASN A C   1 
ATOM   73   O O   . ASN A 1 12  ? 3.454   -15.665 -5.898  1.00 23.17 ? 548  ASN A O   1 
ATOM   74   C CB  . ASN A 1 12  ? 3.894   -16.121 -8.972  1.00 22.29 ? 548  ASN A CB  1 
ATOM   75   C CG  . ASN A 1 12  ? 3.507   -17.150 -10.040 1.00 26.51 ? 548  ASN A CG  1 
ATOM   76   O OD1 . ASN A 1 12  ? 4.083   -17.174 -11.142 1.00 33.41 ? 548  ASN A OD1 1 
ATOM   77   N ND2 . ASN A 1 12  ? 2.551   -17.992 -9.725  1.00 28.06 ? 548  ASN A ND2 1 
ATOM   78   N N   . THR A 1 13  ? 3.598   -13.719 -6.988  1.00 22.17 ? 549  THR A N   1 
ATOM   79   C CA  . THR A 1 13  ? 4.092   -12.963 -5.852  1.00 20.81 ? 549  THR A CA  1 
ATOM   80   C C   . THR A 1 13  ? 2.970   -12.910 -4.835  1.00 20.13 ? 549  THR A C   1 
ATOM   81   O O   . THR A 1 13  ? 3.183   -13.280 -3.689  1.00 17.95 ? 549  THR A O   1 
ATOM   82   C CB  . THR A 1 13  ? 4.535   -11.543 -6.243  1.00 21.75 ? 549  THR A CB  1 
ATOM   83   O OG1 . THR A 1 13  ? 5.643   -11.599 -7.156  1.00 19.97 ? 549  THR A OG1 1 
ATOM   84   C CG2 . THR A 1 13  ? 4.978   -10.757 -5.016  1.00 20.71 ? 549  THR A CG2 1 
ATOM   85   N N   . TYR A 1 14  ? 1.756   -12.521 -5.258  1.00 18.33 ? 550  TYR A N   1 
ATOM   86   C CA  . TYR A 1 14  ? 0.672   -12.402 -4.322  1.00 18.45 ? 550  TYR A CA  1 
ATOM   87   C C   . TYR A 1 14  ? 0.149   -13.744 -3.814  1.00 18.70 ? 550  TYR A C   1 
ATOM   88   O O   . TYR A 1 14  ? -0.214  -13.876 -2.627  1.00 16.90 ? 550  TYR A O   1 
ATOM   89   C CB  . TYR A 1 14  ? -0.458  -11.528 -4.880  1.00 19.21 ? 550  TYR A CB  1 
ATOM   90   C CG  . TYR A 1 14  ? -0.080  -10.050 -4.933  1.00 19.35 ? 550  TYR A CG  1 
ATOM   91   C CD1 . TYR A 1 14  ? 0.056   -9.300  -3.763  1.00 18.68 ? 550  TYR A CD1 1 
ATOM   92   C CD2 . TYR A 1 14  ? 0.193   -9.412  -6.153  1.00 17.22 ? 550  TYR A CD2 1 
ATOM   93   C CE1 . TYR A 1 14  ? 0.400   -7.961  -3.815  1.00 17.52 ? 550  TYR A CE1 1 
ATOM   94   C CE2 . TYR A 1 14  ? 0.537   -8.063  -6.210  1.00 18.52 ? 550  TYR A CE2 1 
ATOM   95   C CZ  . TYR A 1 14  ? 0.651   -7.344  -5.029  1.00 18.77 ? 550  TYR A CZ  1 
ATOM   96   O OH  . TYR A 1 14  ? 1.009   -6.017  -5.075  1.00 16.68 ? 550  TYR A OH  1 
ATOM   97   N N   . GLN A 1 15  ? 0.125   -14.743 -4.686  1.00 19.38 ? 551  GLN A N   1 
ATOM   98   C CA  . GLN A 1 15  ? -0.143  -16.128 -4.277  1.00 19.62 ? 551  GLN A CA  1 
ATOM   99   C C   . GLN A 1 15  ? 0.811   -16.577 -3.202  1.00 18.43 ? 551  GLN A C   1 
ATOM   100  O O   . GLN A 1 15  ? 0.402   -17.177 -2.244  1.00 17.78 ? 551  GLN A O   1 
ATOM   101  C CB  . GLN A 1 15  ? -0.050  -17.099 -5.463  1.00 20.27 ? 551  GLN A CB  1 
ATOM   102  C CG  . GLN A 1 15  ? -1.293  -17.036 -6.347  1.00 22.33 ? 551  GLN A CG  1 
ATOM   103  C CD  . GLN A 1 15  ? -1.233  -17.911 -7.603  1.00 23.68 ? 551  GLN A CD  1 
ATOM   104  O OE1 . GLN A 1 15  ? -0.258  -18.591 -7.840  1.00 27.31 ? 551  GLN A OE1 1 
ATOM   105  N NE2 . GLN A 1 15  ? -2.311  -17.876 -8.419  1.00 27.76 ? 551  GLN A NE2 1 
ATOM   106  N N   . TRP A 1 16  ? 2.085   -16.278 -3.357  1.00 19.14 ? 552  TRP A N   1 
ATOM   107  C CA  . TRP A 1 16  ? 3.066   -16.677 -2.343  1.00 19.62 ? 552  TRP A CA  1 
ATOM   108  C C   . TRP A 1 16  ? 2.798   -16.002 -0.988  1.00 19.79 ? 552  TRP A C   1 
ATOM   109  O O   . TRP A 1 16  ? 3.022   -16.598 0.077   1.00 17.94 ? 552  TRP A O   1 
ATOM   110  C CB  . TRP A 1 16  ? 4.454   -16.339 -2.817  1.00 21.07 ? 552  TRP A CB  1 
ATOM   111  C CG  . TRP A 1 16  ? 5.521   -16.706 -1.871  1.00 21.83 ? 552  TRP A CG  1 
ATOM   112  C CD1 . TRP A 1 16  ? 6.162   -17.908 -1.775  1.00 24.43 ? 552  TRP A CD1 1 
ATOM   113  C CD2 . TRP A 1 16  ? 6.100   -15.863 -0.877  1.00 21.35 ? 552  TRP A CD2 1 
ATOM   114  N NE1 . TRP A 1 16  ? 7.105   -17.863 -0.785  1.00 23.05 ? 552  TRP A NE1 1 
ATOM   115  C CE2 . TRP A 1 16  ? 7.084   -16.621 -0.208  1.00 23.04 ? 552  TRP A CE2 1 
ATOM   116  C CE3 . TRP A 1 16  ? 5.888   -14.546 -0.488  1.00 22.20 ? 552  TRP A CE3 1 
ATOM   117  C CZ2 . TRP A 1 16  ? 7.860   -16.096 0.819   1.00 23.45 ? 552  TRP A CZ2 1 
ATOM   118  C CZ3 . TRP A 1 16  ? 6.648   -14.030 0.556   1.00 24.26 ? 552  TRP A CZ3 1 
ATOM   119  C CH2 . TRP A 1 16  ? 7.622   -14.808 1.195   1.00 22.75 ? 552  TRP A CH2 1 
ATOM   120  N N   . ILE A 1 17  ? 2.308   -14.759 -1.017  1.00 19.55 ? 553  ILE A N   1 
ATOM   121  C CA  . ILE A 1 17  ? 2.056   -14.064 0.227   1.00 18.06 ? 553  ILE A CA  1 
ATOM   122  C C   . ILE A 1 17  ? 0.883   -14.676 0.952   1.00 19.27 ? 553  ILE A C   1 
ATOM   123  O O   . ILE A 1 17  ? 0.986   -14.880 2.156   1.00 19.95 ? 553  ILE A O   1 
ATOM   124  C CB  . ILE A 1 17  ? 1.910   -12.546 0.086   1.00 17.96 ? 553  ILE A CB  1 
ATOM   125  C CG1 . ILE A 1 17  ? 3.192   -11.975 -0.511  1.00 16.07 ? 553  ILE A CG1 1 
ATOM   126  C CG2 . ILE A 1 17  ? 1.657   -11.937 1.486   1.00 11.86 ? 553  ILE A CG2 1 
ATOM   127  C CD1 . ILE A 1 17  ? 3.167   -10.545 -1.006  1.00 17.91 ? 553  ILE A CD1 1 
ATOM   128  N N   . ILE A 1 18  ? -0.228  -14.918 0.248   1.00 19.10 ? 554  ILE A N   1 
ATOM   129  C CA  . ILE A 1 18  ? -1.389  -15.537 0.838   1.00 19.85 ? 554  ILE A CA  1 
ATOM   130  C C   . ILE A 1 18  ? -0.988  -16.905 1.387   1.00 20.43 ? 554  ILE A C   1 
ATOM   131  O O   . ILE A 1 18  ? -1.298  -17.233 2.512   1.00 19.44 ? 554  ILE A O   1 
ATOM   132  C CB  . ILE A 1 18  ? -2.533  -15.709 -0.188  1.00 20.01 ? 554  ILE A CB  1 
ATOM   133  C CG1 . ILE A 1 18  ? -3.005  -14.354 -0.726  1.00 20.63 ? 554  ILE A CG1 1 
ATOM   134  C CG2 . ILE A 1 18  ? -3.695  -16.457 0.435   1.00 21.30 ? 554  ILE A CG2 1 
ATOM   135  C CD1 . ILE A 1 18  ? -4.297  -14.460 -1.621  1.00 21.26 ? 554  ILE A CD1 1 
ATOM   136  N N   . ARG A 1 19  ? -0.266  -17.681 0.587   1.00 20.16 ? 555  ARG A N   1 
ATOM   137  C CA  . ARG A 1 19  ? 0.178   -19.018 0.976   1.00 22.43 ? 555  ARG A CA  1 
ATOM   138  C C   . ARG A 1 19  ? 0.966   -18.953 2.271   1.00 20.76 ? 555  ARG A C   1 
ATOM   139  O O   . ARG A 1 19  ? 0.774   -19.774 3.147   1.00 22.77 ? 555  ARG A O   1 
ATOM   140  C CB  . ARG A 1 19  ? 1.079   -19.625 -0.148  1.00 21.45 ? 555  ARG A CB  1 
ATOM   141  C CG  . ARG A 1 19  ? 1.181   -21.096 -0.145  1.00 25.84 ? 555  ARG A CG  1 
ATOM   142  C CD  . ARG A 1 19  ? 1.470   -21.700 -1.545  1.00 26.73 ? 555  ARG A CD  1 
ATOM   143  N NE  . ARG A 1 19  ? 2.701   -21.161 -2.145  1.00 31.01 ? 555  ARG A NE  1 
ATOM   144  C CZ  . ARG A 1 19  ? 2.778   -20.453 -3.283  1.00 31.32 ? 555  ARG A CZ  1 
ATOM   145  N NH1 . ARG A 1 19  ? 1.698   -20.167 -4.010  1.00 33.63 ? 555  ARG A NH1 1 
ATOM   146  N NH2 . ARG A 1 19  ? 3.966   -20.038 -3.717  1.00 29.15 ? 555  ARG A NH2 1 
ATOM   147  N N   . ASN A 1 20  ? 1.876   -17.993 2.372   1.00 19.86 ? 556  ASN A N   1 
ATOM   148  C CA  . ASN A 1 20  ? 2.777   -17.905 3.505   1.00 20.08 ? 556  ASN A CA  1 
ATOM   149  C C   . ASN A 1 20  ? 2.304   -16.886 4.554   1.00 19.11 ? 556  ASN A C   1 
ATOM   150  O O   . ASN A 1 20  ? 3.074   -16.452 5.383   1.00 20.92 ? 556  ASN A O   1 
ATOM   151  C CB  . ASN A 1 20  ? 4.179   -17.535 3.004   1.00 18.83 ? 556  ASN A CB  1 
ATOM   152  C CG  . ASN A 1 20  ? 4.811   -18.647 2.175   1.00 22.07 ? 556  ASN A CG  1 
ATOM   153  O OD1 . ASN A 1 20  ? 5.505   -19.495 2.721   1.00 22.27 ? 556  ASN A OD1 1 
ATOM   154  N ND2 . ASN A 1 20  ? 4.525   -18.681 0.859   1.00 21.14 ? 556  ASN A ND2 1 
ATOM   155  N N   . TRP A 1 21  ? 1.046   -16.476 4.510   1.00 20.01 ? 557  TRP A N   1 
ATOM   156  C CA  . TRP A 1 21  ? 0.632   -15.326 5.276   1.00 19.56 ? 557  TRP A CA  1 
ATOM   157  C C   . TRP A 1 21  ? 0.827   -15.496 6.804   1.00 21.33 ? 557  TRP A C   1 
ATOM   158  O O   . TRP A 1 21  ? 1.222   -14.554 7.483   1.00 20.46 ? 557  TRP A O   1 
ATOM   159  C CB  . TRP A 1 21  ? -0.824  -15.020 5.006   1.00 18.26 ? 557  TRP A CB  1 
ATOM   160  C CG  . TRP A 1 21  ? -1.270  -13.897 5.795   1.00 15.05 ? 557  TRP A CG  1 
ATOM   161  C CD1 . TRP A 1 21  ? -2.293  -13.889 6.708   1.00 15.05 ? 557  TRP A CD1 1 
ATOM   162  C CD2 . TRP A 1 21  ? -0.744  -12.582 5.764   1.00 15.21 ? 557  TRP A CD2 1 
ATOM   163  N NE1 . TRP A 1 21  ? -2.413  -12.646 7.250   1.00 15.51 ? 557  TRP A NE1 1 
ATOM   164  C CE2 . TRP A 1 21  ? -1.470  -11.821 6.700   1.00 14.39 ? 557  TRP A CE2 1 
ATOM   165  C CE3 . TRP A 1 21  ? 0.275   -11.965 5.049   1.00 15.80 ? 557  TRP A CE3 1 
ATOM   166  C CZ2 . TRP A 1 21  ? -1.212  -10.472 6.934   1.00 15.63 ? 557  TRP A CZ2 1 
ATOM   167  C CZ3 . TRP A 1 21  ? 0.531   -10.618 5.286   1.00 15.08 ? 557  TRP A CZ3 1 
ATOM   168  C CH2 . TRP A 1 21  ? -0.219  -9.889  6.221   1.00 14.77 ? 557  TRP A CH2 1 
ATOM   169  N N   . GLU A 1 22  ? 0.564   -16.693 7.323   1.00 22.60 ? 558  GLU A N   1 
ATOM   170  C CA  . GLU A 1 22  ? 0.789   -16.965 8.753   1.00 23.29 ? 558  GLU A CA  1 
ATOM   171  C C   . GLU A 1 22  ? 2.201   -16.685 9.235   1.00 23.38 ? 558  GLU A C   1 
ATOM   172  O O   . GLU A 1 22  ? 2.357   -16.177 10.313  1.00 24.16 ? 558  GLU A O   1 
ATOM   173  C CB  . GLU A 1 22  ? 0.373   -18.386 9.148   1.00 24.60 ? 558  GLU A CB  1 
ATOM   174  C CG  . GLU A 1 22  ? -1.137  -18.611 9.078   1.00 26.23 ? 558  GLU A CG  1 
ATOM   175  C CD  . GLU A 1 22  ? -2.010  -17.601 9.841   1.00 31.06 ? 558  GLU A CD  1 
ATOM   176  O OE1 . GLU A 1 22  ? -1.663  -17.129 10.951  1.00 32.15 ? 558  GLU A OE1 1 
ATOM   177  O OE2 . GLU A 1 22  ? -3.103  -17.294 9.315   1.00 33.10 ? 558  GLU A OE2 1 
ATOM   178  N N   . THR A 1 23  ? 3.228   -17.003 8.463   1.00 22.83 ? 559  THR A N   1 
ATOM   179  C CA  . THR A 1 23  ? 4.585   -16.669 8.868   1.00 22.88 ? 559  THR A CA  1 
ATOM   180  C C   . THR A 1 23  ? 4.885   -15.227 8.457   1.00 21.96 ? 559  THR A C   1 
ATOM   181  O O   . THR A 1 23  ? 5.595   -14.474 9.162   1.00 22.31 ? 559  THR A O   1 
ATOM   182  C CB  . THR A 1 23  ? 5.674   -17.583 8.178   1.00 23.60 ? 559  THR A CB  1 
ATOM   183  O OG1 . THR A 1 23  ? 5.370   -17.672 6.783   1.00 27.46 ? 559  THR A OG1 1 
ATOM   184  C CG2 . THR A 1 23  ? 5.720   -18.968 8.741   1.00 21.89 ? 559  THR A CG2 1 
ATOM   185  N N   . VAL A 1 24  ? 4.413   -14.845 7.276   1.00 20.20 ? 560  VAL A N   1 
ATOM   186  C CA  . VAL A 1 24  ? 4.689   -13.501 6.780   1.00 19.40 ? 560  VAL A CA  1 
ATOM   187  C C   . VAL A 1 24  ? 4.136   -12.448 7.762   1.00 19.50 ? 560  VAL A C   1 
ATOM   188  O O   . VAL A 1 24  ? 4.794   -11.444 8.019   1.00 18.94 ? 560  VAL A O   1 
ATOM   189  C CB  . VAL A 1 24  ? 4.137   -13.243 5.350   1.00 19.86 ? 560  VAL A CB  1 
ATOM   190  C CG1 . VAL A 1 24  ? 4.097   -11.752 5.057   1.00 16.15 ? 560  VAL A CG1 1 
ATOM   191  C CG2 . VAL A 1 24  ? 4.991   -13.982 4.286   1.00 18.92 ? 560  VAL A CG2 1 
ATOM   192  N N   . LYS A 1 25  ? 2.943   -12.677 8.290   1.00 18.85 ? 561  LYS A N   1 
ATOM   193  C CA  . LYS A 1 25  ? 2.354   -11.737 9.241   1.00 19.65 ? 561  LYS A CA  1 
ATOM   194  C C   . LYS A 1 25  ? 3.284   -11.445 10.399  1.00 18.53 ? 561  LYS A C   1 
ATOM   195  O O   . LYS A 1 25  ? 3.341   -10.332 10.896  1.00 18.30 ? 561  LYS A O   1 
ATOM   196  C CB  . LYS A 1 25  ? 1.206   -12.370 9.986   1.00 20.68 ? 561  LYS A CB  1 
ATOM   197  C CG  . LYS A 1 25  ? -0.048  -12.449 9.298   1.00 25.93 ? 561  LYS A CG  1 
ATOM   198  C CD  . LYS A 1 25  ? -0.958  -13.345 10.083  1.00 29.13 ? 561  LYS A CD  1 
ATOM   199  C CE  . LYS A 1 25  ? -1.632  -12.581 11.174  1.00 32.13 ? 561  LYS A CE  1 
ATOM   200  N NZ  . LYS A 1 25  ? -2.617  -13.498 11.823  1.00 33.32 ? 561  LYS A NZ  1 
ATOM   201  N N   . ILE A 1 26  ? 3.877   -12.524 10.902  1.00 17.52 ? 562  ILE A N   1 
ATOM   202  C CA  . ILE A 1 26  ? 4.653   -12.489 12.129  1.00 18.06 ? 562  ILE A CA  1 
ATOM   203  C C   . ILE A 1 26  ? 5.914   -11.746 11.862  1.00 18.09 ? 562  ILE A C   1 
ATOM   204  O O   . ILE A 1 26  ? 6.313   -10.912 12.656  1.00 18.22 ? 562  ILE A O   1 
ATOM   205  C CB  . ILE A 1 26  ? 5.002   -13.889 12.629  1.00 18.45 ? 562  ILE A CB  1 
ATOM   206  C CG1 . ILE A 1 26  ? 3.832   -14.523 13.319  1.00 19.77 ? 562  ILE A CG1 1 
ATOM   207  C CG2 . ILE A 1 26  ? 6.182   -13.844 13.672  1.00 18.86 ? 562  ILE A CG2 1 
ATOM   208  C CD1 . ILE A 1 26  ? 2.594   -14.574 12.545  1.00 23.51 ? 562  ILE A CD1 1 
ATOM   209  N N   . GLN A 1 27  ? 6.535   -12.031 10.716  1.00 19.15 ? 563  GLN A N   1 
ATOM   210  C CA  . GLN A 1 27  ? 7.773   -11.404 10.351  1.00 19.64 ? 563  GLN A CA  1 
ATOM   211  C C   . GLN A 1 27  ? 7.553   -9.929  10.075  1.00 19.30 ? 563  GLN A C   1 
ATOM   212  O O   . GLN A 1 27  ? 8.389   -9.093  10.389  1.00 20.54 ? 563  GLN A O   1 
ATOM   213  C CB  . GLN A 1 27  ? 8.386   -12.095 9.110   1.00 20.96 ? 563  GLN A CB  1 
ATOM   214  C CG  . GLN A 1 27  ? 9.014   -13.475 9.417   1.00 21.23 ? 563  GLN A CG  1 
ATOM   215  C CD  . GLN A 1 27  ? 9.256   -14.388 8.178   1.00 23.06 ? 563  GLN A CD  1 
ATOM   216  O OE1 . GLN A 1 27  ? 8.710   -14.188 7.073   1.00 27.27 ? 563  GLN A OE1 1 
ATOM   217  N NE2 . GLN A 1 27  ? 10.061  -15.421 8.391   1.00 25.72 ? 563  GLN A NE2 1 
ATOM   218  N N   . TRP A 1 28  ? 6.437   -9.608  9.445   1.00 19.76 ? 564  TRP A N   1 
ATOM   219  C CA  . TRP A 1 28  ? 6.079   -8.232  9.189   1.00 19.92 ? 564  TRP A CA  1 
ATOM   220  C C   . TRP A 1 28  ? 6.075   -7.445  10.501  1.00 21.06 ? 564  TRP A C   1 
ATOM   221  O O   . TRP A 1 28  ? 6.657   -6.346  10.559  1.00 20.79 ? 564  TRP A O   1 
ATOM   222  C CB  . TRP A 1 28  ? 4.712   -8.144  8.492   1.00 17.89 ? 564  TRP A CB  1 
ATOM   223  C CG  . TRP A 1 28  ? 4.252   -6.713  8.202   1.00 17.15 ? 564  TRP A CG  1 
ATOM   224  C CD1 . TRP A 1 28  ? 4.466   -5.989  7.074   1.00 17.06 ? 564  TRP A CD1 1 
ATOM   225  C CD2 . TRP A 1 28  ? 3.475   -5.882  9.057   1.00 14.10 ? 564  TRP A CD2 1 
ATOM   226  N NE1 . TRP A 1 28  ? 3.879   -4.771  7.169   1.00 14.28 ? 564  TRP A NE1 1 
ATOM   227  C CE2 . TRP A 1 28  ? 3.278   -4.668  8.387   1.00 12.05 ? 564  TRP A CE2 1 
ATOM   228  C CE3 . TRP A 1 28  ? 2.920   -6.059  10.331  1.00 14.94 ? 564  TRP A CE3 1 
ATOM   229  C CZ2 . TRP A 1 28  ? 2.586   -3.617  8.947   1.00 11.75 ? 564  TRP A CZ2 1 
ATOM   230  C CZ3 . TRP A 1 28  ? 2.249   -5.028  10.893  1.00 15.44 ? 564  TRP A CZ3 1 
ATOM   231  C CH2 . TRP A 1 28  ? 2.080   -3.815  10.205  1.00 15.76 ? 564  TRP A CH2 1 
ATOM   232  N N   . SER A 1 29  ? 5.448   -8.021  11.530  1.00 22.98 ? 565  SER A N   1 
ATOM   233  C CA  . SER A 1 29  ? 5.375   -7.417  12.874  1.00 25.11 ? 565  SER A CA  1 
ATOM   234  C C   . SER A 1 29  ? 6.707   -7.278  13.587  1.00 25.75 ? 565  SER A C   1 
ATOM   235  O O   . SER A 1 29  ? 7.002   -6.234  14.180  1.00 26.35 ? 565  SER A O   1 
ATOM   236  C CB  . SER A 1 29  ? 4.484   -8.237  13.779  1.00 25.52 ? 565  SER A CB  1 
ATOM   237  O OG  . SER A 1 29  ? 3.154   -8.124  13.347  1.00 30.45 ? 565  SER A OG  1 
ATOM   238  N N   . GLN A 1 30  ? 7.511   -8.337  13.502  1.00 26.33 ? 566  GLN A N   1 
ATOM   239  C CA  . GLN A 1 30  ? 8.701   -8.513  14.337  1.00 26.26 ? 566  GLN A CA  1 
ATOM   240  C C   . GLN A 1 30  ? 10.041  -8.253  13.683  1.00 25.88 ? 566  GLN A C   1 
ATOM   241  O O   . GLN A 1 30  ? 10.970  -7.784  14.353  1.00 25.56 ? 566  GLN A O   1 
ATOM   242  C CB  . GLN A 1 30  ? 8.733   -9.949  14.848  1.00 26.04 ? 566  GLN A CB  1 
ATOM   243  C CG  . GLN A 1 30  ? 7.623   -10.283 15.813  1.00 28.69 ? 566  GLN A CG  1 
ATOM   244  C CD  . GLN A 1 30  ? 7.744   -11.682 16.334  1.00 29.40 ? 566  GLN A CD  1 
ATOM   245  O OE1 . GLN A 1 30  ? 8.484   -12.496 15.775  1.00 35.06 ? 566  GLN A OE1 1 
ATOM   246  N NE2 . GLN A 1 30  ? 7.042   -11.978 17.420  1.00 33.10 ? 566  GLN A NE2 1 
ATOM   247  N N   . ASN A 1 31  ? 10.192  -8.637  12.421  1.00 25.06 ? 567  ASN A N   1 
ATOM   248  C CA  . ASN A 1 31  ? 11.500  -8.578  11.759  1.00 26.06 ? 567  ASN A CA  1 
ATOM   249  C C   . ASN A 1 31  ? 11.309  -8.132  10.312  1.00 25.22 ? 567  ASN A C   1 
ATOM   250  O O   . ASN A 1 31  ? 11.569  -8.894  9.391   1.00 23.48 ? 567  ASN A O   1 
ATOM   251  C CB  . ASN A 1 31  ? 12.194  -9.959  11.857  1.00 26.85 ? 567  ASN A CB  1 
ATOM   252  C CG  . ASN A 1 31  ? 13.658  -9.928  11.446  1.00 30.56 ? 567  ASN A CG  1 
ATOM   253  O OD1 . ASN A 1 31  ? 14.375  -10.951 11.553  1.00 35.53 ? 567  ASN A OD1 1 
ATOM   254  N ND2 . ASN A 1 31  ? 14.118  -8.777  10.952  1.00 34.51 ? 567  ASN A ND2 1 
ATOM   255  N N   . PRO A 1 32  ? 10.763  -6.924  10.114  1.00 26.25 ? 568  PRO A N   1 
ATOM   256  C CA  . PRO A 1 32  ? 10.446  -6.464  8.753   1.00 26.99 ? 568  PRO A CA  1 
ATOM   257  C C   . PRO A 1 32  ? 11.635  -6.368  7.782   1.00 28.05 ? 568  PRO A C   1 
ATOM   258  O O   . PRO A 1 32  ? 11.476  -6.671  6.602   1.00 27.97 ? 568  PRO A O   1 
ATOM   259  C CB  . PRO A 1 32  ? 9.767   -5.102  8.991   1.00 27.05 ? 568  PRO A CB  1 
ATOM   260  C CG  . PRO A 1 32  ? 10.076  -4.724  10.360  1.00 26.40 ? 568  PRO A CG  1 
ATOM   261  C CD  . PRO A 1 32  ? 10.316  -5.951  11.132  1.00 26.07 ? 568  PRO A CD  1 
ATOM   262  N N   . THR A 1 33  ? 12.829  -6.042  8.253   1.00 29.51 ? 569  THR A N   1 
ATOM   263  C CA  . THR A 1 33  ? 13.975  -5.955  7.344   1.00 30.68 ? 569  THR A CA  1 
ATOM   264  C C   . THR A 1 33  ? 14.203  -7.297  6.663   1.00 31.99 ? 569  THR A C   1 
ATOM   265  O O   . THR A 1 33  ? 14.509  -7.354  5.478   1.00 31.70 ? 569  THR A O   1 
ATOM   266  C CB  . THR A 1 33  ? 15.274  -5.489  8.077   1.00 31.03 ? 569  THR A CB  1 
ATOM   267  O OG1 . THR A 1 33  ? 15.025  -4.230  8.680   1.00 31.24 ? 569  THR A OG1 1 
ATOM   268  C CG2 . THR A 1 33  ? 16.441  -5.307  7.117   1.00 30.28 ? 569  THR A CG2 1 
ATOM   269  N N   . MET A 1 34  ? 14.033  -8.375  7.422   1.00 33.20 ? 570  MET A N   1 
ATOM   270  C CA  . MET A 1 34  ? 14.153  -9.717  6.889   1.00 35.18 ? 570  MET A CA  1 
ATOM   271  C C   . MET A 1 34  ? 13.069  -9.995  5.861   1.00 32.74 ? 570  MET A C   1 
ATOM   272  O O   . MET A 1 34  ? 13.334  -10.578 4.804   1.00 33.34 ? 570  MET A O   1 
ATOM   273  C CB  . MET A 1 34  ? 14.039  -10.762 8.001   1.00 35.19 ? 570  MET A CB  1 
ATOM   274  C CG  . MET A 1 34  ? 13.348  -12.063 7.557   1.00 37.20 ? 570  MET A CG  1 
ATOM   275  S SD  . MET A 1 34  ? 13.739  -13.415 8.650   1.00 43.37 ? 570  MET A SD  1 
ATOM   276  C CE  . MET A 1 34  ? 15.443  -13.819 8.174   1.00 44.11 ? 570  MET A CE  1 
ATOM   277  N N   . LEU A 1 35  ? 11.845  -9.638  6.193   1.00 30.38 ? 571  LEU A N   1 
ATOM   278  C CA  . LEU A 1 35  ? 10.753  -9.852  5.248   1.00 28.40 ? 571  LEU A CA  1 
ATOM   279  C C   . LEU A 1 35  ? 10.986  -9.079  3.941   1.00 27.56 ? 571  LEU A C   1 
ATOM   280  O O   . LEU A 1 35  ? 10.760  -9.617  2.861   1.00 27.02 ? 571  LEU A O   1 
ATOM   281  C CB  . LEU A 1 35  ? 9.432   -9.454  5.873   1.00 27.76 ? 571  LEU A CB  1 
ATOM   282  C CG  . LEU A 1 35  ? 8.199   -9.633  4.985   1.00 27.78 ? 571  LEU A CG  1 
ATOM   283  C CD1 . LEU A 1 35  ? 8.088   -11.079 4.494   1.00 25.56 ? 571  LEU A CD1 1 
ATOM   284  C CD2 . LEU A 1 35  ? 6.930   -9.192  5.721   1.00 25.05 ? 571  LEU A CD2 1 
ATOM   285  N N   . TYR A 1 36  ? 11.404  -7.816  4.057   1.00 26.26 ? 572  TYR A N   1 
ATOM   286  C CA  . TYR A 1 36  ? 11.526  -6.938  2.908   1.00 25.56 ? 572  TYR A CA  1 
ATOM   287  C C   . TYR A 1 36  ? 12.668  -7.398  2.038   1.00 26.57 ? 572  TYR A C   1 
ATOM   288  O O   . TYR A 1 36  ? 12.656  -7.181  0.846   1.00 25.54 ? 572  TYR A O   1 
ATOM   289  C CB  . TYR A 1 36  ? 11.797  -5.497  3.328   1.00 23.93 ? 572  TYR A CB  1 
ATOM   290  C CG  . TYR A 1 36  ? 10.761  -4.871  4.184   1.00 22.29 ? 572  TYR A CG  1 
ATOM   291  C CD1 . TYR A 1 36  ? 9.442   -5.280  4.153   1.00 20.71 ? 572  TYR A CD1 1 
ATOM   292  C CD2 . TYR A 1 36  ? 11.096  -3.837  5.027   1.00 22.08 ? 572  TYR A CD2 1 
ATOM   293  C CE1 . TYR A 1 36  ? 8.482   -4.666  4.965   1.00 19.71 ? 572  TYR A CE1 1 
ATOM   294  C CE2 . TYR A 1 36  ? 10.161  -3.238  5.836   1.00 21.83 ? 572  TYR A CE2 1 
ATOM   295  C CZ  . TYR A 1 36  ? 8.861   -3.647  5.796   1.00 21.07 ? 572  TYR A CZ  1 
ATOM   296  O OH  . TYR A 1 36  ? 7.948   -3.021  6.618   1.00 19.06 ? 572  TYR A OH  1 
ATOM   297  N N   . ASN A 1 37  ? 13.652  -8.033  2.660   1.00 27.47 ? 573  ASN A N   1 
ATOM   298  C CA  . ASN A 1 37  ? 14.843  -8.504  1.978   1.00 29.47 ? 573  ASN A CA  1 
ATOM   299  C C   . ASN A 1 37  ? 14.724  -9.896  1.381   1.00 29.72 ? 573  ASN A C   1 
ATOM   300  O O   . ASN A 1 37  ? 15.675  -10.387 0.777   1.00 32.12 ? 573  ASN A O   1 
ATOM   301  C CB  . ASN A 1 37  ? 16.029  -8.476  2.945   1.00 30.07 ? 573  ASN A CB  1 
ATOM   302  C CG  . ASN A 1 37  ? 16.426  -7.061  3.357   1.00 31.88 ? 573  ASN A CG  1 
ATOM   303  O OD1 . ASN A 1 37  ? 15.754  -6.072  3.031   1.00 34.07 ? 573  ASN A OD1 1 
ATOM   304  N ND2 . ASN A 1 37  ? 17.539  -6.962  4.097   1.00 35.86 ? 573  ASN A ND2 1 
ATOM   305  N N   . LYS A 1 38  ? 13.576  -10.526 1.528   1.00 30.07 ? 574  LYS A N   1 
ATOM   306  C CA  . LYS A 1 38  ? 13.339  -11.832 0.949   1.00 31.02 ? 574  LYS A CA  1 
ATOM   307  C C   . LYS A 1 38  ? 13.522  -11.849 -0.571  1.00 31.16 ? 574  LYS A C   1 
ATOM   308  O O   . LYS A 1 38  ? 12.922  -11.055 -1.304  1.00 30.33 ? 574  LYS A O   1 
ATOM   309  C CB  . LYS A 1 38  ? 11.957  -12.349 1.330   1.00 30.83 ? 574  LYS A CB  1 
ATOM   310  C CG  . LYS A 1 38  ? 11.990  -13.167 2.598   1.00 32.12 ? 574  LYS A CG  1 
ATOM   311  C CD  . LYS A 1 38  ? 10.638  -13.640 3.062   1.00 32.51 ? 574  LYS A CD  1 
ATOM   312  C CE  . LYS A 1 38  ? 10.736  -14.835 4.036   1.00 34.23 ? 574  LYS A CE  1 
ATOM   313  N NZ  . LYS A 1 38  ? 12.143  -15.119 4.486   1.00 36.17 ? 574  LYS A NZ  1 
ATOM   314  N N   . MET A 1 39  ? 14.365  -12.777 -1.016  1.00 31.42 ? 575  MET A N   1 
ATOM   315  C CA  . MET A 1 39  ? 14.696  -12.954 -2.415  1.00 32.36 ? 575  MET A CA  1 
ATOM   316  C C   . MET A 1 39  ? 13.462  -13.285 -3.268  1.00 30.27 ? 575  MET A C   1 
ATOM   317  O O   . MET A 1 39  ? 13.502  -13.165 -4.500  1.00 29.92 ? 575  MET A O   1 
ATOM   318  C CB  . MET A 1 39  ? 15.801  -14.021 -2.558  1.00 32.63 ? 575  MET A CB  1 
ATOM   319  C CG  . MET A 1 39  ? 17.209  -13.493 -2.083  1.00 34.80 ? 575  MET A CG  1 
ATOM   320  S SD  . MET A 1 39  ? 18.582  -14.694 -1.926  1.00 39.66 ? 575  MET A SD  1 
ATOM   321  C CE  . MET A 1 39  ? 20.000  -13.800 -2.629  1.00 36.64 ? 575  MET A CE  1 
ATOM   322  N N   . GLU A 1 40  ? 12.359  -13.679 -2.636  1.00 28.33 ? 576  GLU A N   1 
ATOM   323  C CA  . GLU A 1 40  ? 11.138  -13.946 -3.396  1.00 27.62 ? 576  GLU A CA  1 
ATOM   324  C C   . GLU A 1 40  ? 10.445  -12.697 -3.937  1.00 27.44 ? 576  GLU A C   1 
ATOM   325  O O   . GLU A 1 40  ? 9.486   -12.840 -4.724  1.00 26.62 ? 576  GLU A O   1 
ATOM   326  C CB  . GLU A 1 40  ? 10.117  -14.704 -2.562  1.00 27.97 ? 576  GLU A CB  1 
ATOM   327  C CG  . GLU A 1 40  ? 10.573  -16.091 -2.196  1.00 30.43 ? 576  GLU A CG  1 
ATOM   328  C CD  . GLU A 1 40  ? 11.209  -16.163 -0.833  1.00 31.32 ? 576  GLU A CD  1 
ATOM   329  O OE1 . GLU A 1 40  ? 12.138  -15.380 -0.532  1.00 33.46 ? 576  GLU A OE1 1 
ATOM   330  O OE2 . GLU A 1 40  ? 10.776  -17.033 -0.068  1.00 36.87 ? 576  GLU A OE2 1 
ATOM   331  N N   . PHE A 1 41  ? 10.870  -11.507 -3.477  1.00 26.11 ? 577  PHE A N   1 
ATOM   332  C CA  . PHE A 1 41  ? 10.320  -10.235 -3.969  1.00 25.80 ? 577  PHE A CA  1 
ATOM   333  C C   . PHE A 1 41  ? 11.142  -9.657  -5.124  1.00 25.60 ? 577  PHE A C   1 
ATOM   334  O O   . PHE A 1 41  ? 10.785  -8.637  -5.680  1.00 24.43 ? 577  PHE A O   1 
ATOM   335  C CB  . PHE A 1 41  ? 10.215  -9.190  -2.837  1.00 25.22 ? 577  PHE A CB  1 
ATOM   336  C CG  . PHE A 1 41  ? 9.246   -9.564  -1.764  1.00 24.03 ? 577  PHE A CG  1 
ATOM   337  C CD1 . PHE A 1 41  ? 7.930   -9.854  -2.083  1.00 23.01 ? 577  PHE A CD1 1 
ATOM   338  C CD2 . PHE A 1 41  ? 9.638   -9.642  -0.426  1.00 21.14 ? 577  PHE A CD2 1 
ATOM   339  C CE1 . PHE A 1 41  ? 7.021   -10.231 -1.101  1.00 23.42 ? 577  PHE A CE1 1 
ATOM   340  C CE2 . PHE A 1 41  ? 8.742   -10.000 0.547   1.00 22.92 ? 577  PHE A CE2 1 
ATOM   341  C CZ  . PHE A 1 41  ? 7.431   -10.307 0.220   1.00 23.63 ? 577  PHE A CZ  1 
ATOM   342  N N   . GLU A 1 42  ? 12.236  -10.312 -5.475  1.00 25.44 ? 578  GLU A N   1 
ATOM   343  C CA  . GLU A 1 42  ? 13.061  -9.860  -6.598  1.00 26.59 ? 578  GLU A CA  1 
ATOM   344  C C   . GLU A 1 42  ? 12.333  -9.778  -7.951  1.00 25.57 ? 578  GLU A C   1 
ATOM   345  O O   . GLU A 1 42  ? 12.503  -8.778  -8.649  1.00 25.79 ? 578  GLU A O   1 
ATOM   346  C CB  . GLU A 1 42  ? 14.331  -10.707 -6.708  1.00 26.22 ? 578  GLU A CB  1 
ATOM   347  C CG  . GLU A 1 42  ? 15.284  -10.458 -5.516  1.00 27.66 ? 578  GLU A CG  1 
ATOM   348  C CD  . GLU A 1 42  ? 16.616  -11.168 -5.670  1.00 30.70 ? 578  GLU A CD  1 
ATOM   349  O OE1 . GLU A 1 42  ? 16.812  -11.866 -6.697  1.00 34.84 ? 578  GLU A OE1 1 
ATOM   350  O OE2 . GLU A 1 42  ? 17.471  -11.027 -4.756  1.00 35.68 ? 578  GLU A OE2 1 
ATOM   351  N N   . PRO A 1 43  ? 11.590  -10.839 -8.344  1.00 25.25 ? 579  PRO A N   1 
ATOM   352  C CA  . PRO A 1 43  ? 10.771  -10.839 -9.571  1.00 24.59 ? 579  PRO A CA  1 
ATOM   353  C C   . PRO A 1 43  ? 9.805   -9.643  -9.670  1.00 23.31 ? 579  PRO A C   1 
ATOM   354  O O   . PRO A 1 43  ? 9.810   -8.901  -10.658 1.00 23.08 ? 579  PRO A O   1 
ATOM   355  C CB  . PRO A 1 43  ? 9.974   -12.158 -9.475  1.00 24.52 ? 579  PRO A CB  1 
ATOM   356  C CG  . PRO A 1 43  ? 10.693  -13.025 -8.538  1.00 25.87 ? 579  PRO A CG  1 
ATOM   357  C CD  . PRO A 1 43  ? 11.636  -12.171 -7.712  1.00 25.35 ? 579  PRO A CD  1 
ATOM   358  N N   . PHE A 1 44  ? 8.991   -9.439  -8.640  1.00 21.83 ? 580  PHE A N   1 
ATOM   359  C CA  . PHE A 1 44  ? 8.085   -8.288  -8.607  1.00 19.72 ? 580  PHE A CA  1 
ATOM   360  C C   . PHE A 1 44  ? 8.914   -7.029  -8.777  1.00 19.53 ? 580  PHE A C   1 
ATOM   361  O O   . PHE A 1 44  ? 8.573   -6.160  -9.547  1.00 19.51 ? 580  PHE A O   1 
ATOM   362  C CB  . PHE A 1 44  ? 7.301   -8.296  -7.278  1.00 19.27 ? 580  PHE A CB  1 
ATOM   363  C CG  . PHE A 1 44  ? 6.215   -7.282  -7.186  1.00 17.14 ? 580  PHE A CG  1 
ATOM   364  C CD1 . PHE A 1 44  ? 4.907   -7.650  -7.275  1.00 18.28 ? 580  PHE A CD1 1 
ATOM   365  C CD2 . PHE A 1 44  ? 6.519   -5.941  -6.930  1.00 20.36 ? 580  PHE A CD2 1 
ATOM   366  C CE1 . PHE A 1 44  ? 3.884   -6.688  -7.109  1.00 17.75 ? 580  PHE A CE1 1 
ATOM   367  C CE2 . PHE A 1 44  ? 5.509   -5.003  -6.810  1.00 17.95 ? 580  PHE A CE2 1 
ATOM   368  C CZ  . PHE A 1 44  ? 4.188   -5.411  -6.902  1.00 16.89 ? 580  PHE A CZ  1 
ATOM   369  N N   . GLN A 1 45  ? 10.050  -6.938  -8.095  1.00 19.51 ? 581  GLN A N   1 
ATOM   370  C CA  . GLN A 1 45  ? 10.817  -5.735  -8.099  1.00 19.72 ? 581  GLN A CA  1 
ATOM   371  C C   . GLN A 1 45  ? 11.342  -5.412  -9.475  1.00 19.75 ? 581  GLN A C   1 
ATOM   372  O O   . GLN A 1 45  ? 11.501  -4.245  -9.775  1.00 19.74 ? 581  GLN A O   1 
ATOM   373  C CB  . GLN A 1 45  ? 12.014  -5.819  -7.126  1.00 20.25 ? 581  GLN A CB  1 
ATOM   374  C CG  . GLN A 1 45  ? 11.694  -5.345  -5.724  1.00 22.61 ? 581  GLN A CG  1 
ATOM   375  C CD  . GLN A 1 45  ? 11.315  -3.892  -5.668  1.00 24.40 ? 581  GLN A CD  1 
ATOM   376  O OE1 . GLN A 1 45  ? 12.066  -3.003  -6.135  1.00 25.13 ? 581  GLN A OE1 1 
ATOM   377  N NE2 . GLN A 1 45  ? 10.162  -3.621  -5.079  1.00 20.16 ? 581  GLN A NE2 1 
ATOM   378  N N   . SER A 1 46  ? 11.571  -6.431  -10.310 1.00 20.13 ? 582  SER A N   1 
ATOM   379  C CA  . SER A 1 46  ? 12.069  -6.198  -11.662 1.00 21.25 ? 582  SER A CA  1 
ATOM   380  C C   . SER A 1 46  ? 11.049  -5.494  -12.537 1.00 22.10 ? 582  SER A C   1 
ATOM   381  O O   . SER A 1 46  ? 11.415  -4.922  -13.556 1.00 23.23 ? 582  SER A O   1 
ATOM   382  C CB  . SER A 1 46  ? 12.510  -7.506  -12.327 1.00 21.29 ? 582  SER A CB  1 
ATOM   383  O OG  . SER A 1 46  ? 11.419  -8.386  -12.558 1.00 20.23 ? 582  SER A OG  1 
ATOM   384  N N   . LEU A 1 47  ? 9.778   -5.550  -12.130 1.00 22.39 ? 583  LEU A N   1 
ATOM   385  C CA  . LEU A 1 47  ? 8.679   -4.912  -12.853 1.00 22.10 ? 583  LEU A CA  1 
ATOM   386  C C   . LEU A 1 47  ? 8.386   -3.511  -12.369 1.00 22.30 ? 583  LEU A C   1 
ATOM   387  O O   . LEU A 1 47  ? 7.663   -2.764  -13.041 1.00 22.29 ? 583  LEU A O   1 
ATOM   388  C CB  . LEU A 1 47  ? 7.404   -5.745  -12.706 1.00 22.41 ? 583  LEU A CB  1 
ATOM   389  C CG  . LEU A 1 47  ? 7.368   -7.202  -13.100 1.00 23.99 ? 583  LEU A CG  1 
ATOM   390  C CD1 . LEU A 1 47  ? 5.951   -7.758  -12.884 1.00 23.10 ? 583  LEU A CD1 1 
ATOM   391  C CD2 . LEU A 1 47  ? 7.853   -7.357  -14.535 1.00 24.94 ? 583  LEU A CD2 1 
ATOM   392  N N   . VAL A 1 48  ? 8.965   -3.127  -11.227 1.00 22.67 ? 584  VAL A N   1 
ATOM   393  C CA  . VAL A 1 48  ? 8.776   -1.799  -10.681 1.00 22.46 ? 584  VAL A CA  1 
ATOM   394  C C   . VAL A 1 48  ? 9.758   -0.817  -11.364 1.00 23.41 ? 584  VAL A C   1 
ATOM   395  O O   . VAL A 1 48  ? 10.940  -1.076  -11.431 1.00 22.82 ? 584  VAL A O   1 
ATOM   396  C CB  . VAL A 1 48  ? 8.919   -1.804  -9.154  1.00 21.47 ? 584  VAL A CB  1 
ATOM   397  C CG1 . VAL A 1 48  ? 8.826   -0.414  -8.623  1.00 19.96 ? 584  VAL A CG1 1 
ATOM   398  C CG2 . VAL A 1 48  ? 7.834   -2.683  -8.527  1.00 20.28 ? 584  VAL A CG2 1 
ATOM   399  N N   . PRO A 1 49  ? 9.259   0.313   -11.886 1.00 24.58 ? 585  PRO A N   1 
ATOM   400  C CA  . PRO A 1 49  ? 10.142  1.220   -12.640 1.00 25.04 ? 585  PRO A CA  1 
ATOM   401  C C   . PRO A 1 49  ? 11.420  1.625   -11.893 1.00 26.91 ? 585  PRO A C   1 
ATOM   402  O O   . PRO A 1 49  ? 11.356  2.175   -10.786 1.00 26.81 ? 585  PRO A O   1 
ATOM   403  C CB  . PRO A 1 49  ? 9.262   2.431   -12.895 1.00 25.57 ? 585  PRO A CB  1 
ATOM   404  C CG  . PRO A 1 49  ? 7.866   1.873   -12.911 1.00 25.17 ? 585  PRO A CG  1 
ATOM   405  C CD  . PRO A 1 49  ? 7.864   0.792   -11.858 1.00 24.08 ? 585  PRO A CD  1 
ATOM   406  N N   . LYS A 1 50  ? 12.572  1.374   -12.503 1.00 28.52 ? 586  LYS A N   1 
ATOM   407  C CA  . LYS A 1 50  ? 13.850  1.518   -11.789 1.00 29.98 ? 586  LYS A CA  1 
ATOM   408  C C   . LYS A 1 50  ? 14.024  2.899   -11.160 1.00 29.63 ? 586  LYS A C   1 
ATOM   409  O O   . LYS A 1 50  ? 14.605  3.016   -10.087 1.00 29.70 ? 586  LYS A O   1 
ATOM   410  C CB  . LYS A 1 50  ? 15.027  1.181   -12.705 1.00 30.54 ? 586  LYS A CB  1 
ATOM   411  C CG  . LYS A 1 50  ? 16.388  1.145   -12.002 1.00 31.40 ? 586  LYS A CG  1 
ATOM   412  C CD  . LYS A 1 50  ? 17.551  1.416   -12.999 1.00 32.83 ? 586  LYS A CD  1 
ATOM   413  C CE  . LYS A 1 50  ? 18.897  0.780   -12.519 1.00 35.17 ? 586  LYS A CE  1 
ATOM   414  N NZ  . LYS A 1 50  ? 20.083  1.244   -13.361 1.00 35.25 ? 586  LYS A NZ  1 
ATOM   415  N N   . ALA A 1 51  ? 13.487  3.938   -11.802 1.00 29.18 ? 587  ALA A N   1 
ATOM   416  C CA  . ALA A 1 51  ? 13.708  5.298   -11.347 1.00 28.94 ? 587  ALA A CA  1 
ATOM   417  C C   . ALA A 1 51  ? 12.987  5.621   -10.051 1.00 28.53 ? 587  ALA A C   1 
ATOM   418  O O   . ALA A 1 51  ? 13.320  6.608   -9.406  1.00 28.94 ? 587  ALA A O   1 
ATOM   419  C CB  . ALA A 1 51  ? 13.303  6.288   -12.410 1.00 28.91 ? 587  ALA A CB  1 
ATOM   420  N N   . ILE A 1 52  ? 11.993  4.816   -9.677  1.00 27.93 ? 588  ILE A N   1 
ATOM   421  C CA  . ILE A 1 52  ? 11.138  5.150   -8.536  1.00 26.67 ? 588  ILE A CA  1 
ATOM   422  C C   . ILE A 1 52  ? 10.899  4.043   -7.513  1.00 25.62 ? 588  ILE A C   1 
ATOM   423  O O   . ILE A 1 52  ? 10.233  4.258   -6.530  1.00 23.65 ? 588  ILE A O   1 
ATOM   424  C CB  . ILE A 1 52  ? 9.766   5.678   -9.020  1.00 26.62 ? 588  ILE A CB  1 
ATOM   425  C CG1 . ILE A 1 52  ? 8.943   4.561   -9.636  1.00 26.73 ? 588  ILE A CG1 1 
ATOM   426  C CG2 . ILE A 1 52  ? 9.929   6.887   -10.001 1.00 29.48 ? 588  ILE A CG2 1 
ATOM   427  C CD1 . ILE A 1 52  ? 7.771   5.095   -10.397 1.00 27.26 ? 588  ILE A CD1 1 
ATOM   428  N N   . ARG A 1 53  ? 11.444  2.866   -7.759  1.00 25.79 ? 589  ARG A N   1 
ATOM   429  C CA  . ARG A 1 53  ? 11.472  1.750   -6.803  1.00 25.63 ? 589  ARG A CA  1 
ATOM   430  C C   . ARG A 1 53  ? 11.768  2.124   -5.370  1.00 24.60 ? 589  ARG A C   1 
ATOM   431  O O   . ARG A 1 53  ? 11.087  1.697   -4.441  1.00 25.01 ? 589  ARG A O   1 
ATOM   432  C CB  . ARG A 1 53  ? 12.612  0.799   -7.205  1.00 26.36 ? 589  ARG A CB  1 
ATOM   433  C CG  . ARG A 1 53  ? 12.313  -0.067  -8.300  1.00 27.13 ? 589  ARG A CG  1 
ATOM   434  C CD  . ARG A 1 53  ? 13.476  -0.982  -8.595  1.00 31.67 ? 589  ARG A CD  1 
ATOM   435  N NE  . ARG A 1 53  ? 13.191  -1.565  -9.884  1.00 36.48 ? 589  ARG A NE  1 
ATOM   436  C CZ  . ARG A 1 53  ? 13.912  -2.501  -10.482 1.00 38.74 ? 589  ARG A CZ  1 
ATOM   437  N NH1 . ARG A 1 53  ? 15.027  -2.956  -9.920  1.00 39.67 ? 589  ARG A NH1 1 
ATOM   438  N NH2 . ARG A 1 53  ? 13.492  -2.968  -11.659 1.00 37.74 ? 589  ARG A NH2 1 
ATOM   439  N N   . GLY A 1 54  ? 12.824  2.895   -5.197  1.00 24.43 ? 590  GLY A N   1 
ATOM   440  C CA  . GLY A 1 54  ? 13.335  3.214   -3.872  1.00 23.39 ? 590  GLY A CA  1 
ATOM   441  C C   . GLY A 1 54  ? 12.375  4.103   -3.125  1.00 22.92 ? 590  GLY A C   1 
ATOM   442  O O   . GLY A 1 54  ? 12.145  3.915   -1.931  1.00 22.09 ? 590  GLY A O   1 
ATOM   443  N N   . GLN A 1 55  ? 11.801  5.054   -3.840  1.00 22.39 ? 591  GLN A N   1 
ATOM   444  C CA  . GLN A 1 55  ? 10.861  5.982   -3.232  1.00 23.53 ? 591  GLN A CA  1 
ATOM   445  C C   . GLN A 1 55  ? 9.585   5.301   -2.824  1.00 22.05 ? 591  GLN A C   1 
ATOM   446  O O   . GLN A 1 55  ? 9.015   5.602   -1.776  1.00 22.69 ? 591  GLN A O   1 
ATOM   447  C CB  . GLN A 1 55  ? 10.525  7.069   -4.210  1.00 23.89 ? 591  GLN A CB  1 
ATOM   448  C CG  . GLN A 1 55  ? 11.679  7.954   -4.492  1.00 28.86 ? 591  GLN A CG  1 
ATOM   449  C CD  . GLN A 1 55  ? 11.214  9.245   -5.049  1.00 34.05 ? 591  GLN A CD  1 
ATOM   450  O OE1 . GLN A 1 55  ? 10.259  9.849   -4.534  1.00 39.79 ? 591  GLN A OE1 1 
ATOM   451  N NE2 . GLN A 1 55  ? 11.876  9.702   -6.106  1.00 39.06 ? 591  GLN A NE2 1 
ATOM   452  N N   . TYR A 1 56  ? 9.104   4.450   -3.719  1.00 21.37 ? 592  TYR A N   1 
ATOM   453  C CA  . TYR A 1 56  ? 7.993   3.553   -3.441  1.00 20.22 ? 592  TYR A CA  1 
ATOM   454  C C   . TYR A 1 56  ? 8.247   2.772   -2.160  1.00 19.29 ? 592  TYR A C   1 
ATOM   455  O O   . TYR A 1 56  ? 7.399   2.735   -1.281  1.00 18.28 ? 592  TYR A O   1 
ATOM   456  C CB  . TYR A 1 56  ? 7.805   2.574   -4.603  1.00 20.46 ? 592  TYR A CB  1 
ATOM   457  C CG  . TYR A 1 56  ? 6.979   3.031   -5.811  1.00 20.58 ? 592  TYR A CG  1 
ATOM   458  C CD1 . TYR A 1 56  ? 6.477   4.323   -5.922  1.00 20.27 ? 592  TYR A CD1 1 
ATOM   459  C CD2 . TYR A 1 56  ? 6.767   2.154   -6.881  1.00 20.65 ? 592  TYR A CD2 1 
ATOM   460  C CE1 . TYR A 1 56  ? 5.737   4.702   -7.026  1.00 18.84 ? 592  TYR A CE1 1 
ATOM   461  C CE2 . TYR A 1 56  ? 6.024   2.528   -7.999  1.00 20.73 ? 592  TYR A CE2 1 
ATOM   462  C CZ  . TYR A 1 56  ? 5.527   3.812   -8.060  1.00 21.08 ? 592  TYR A CZ  1 
ATOM   463  O OH  . TYR A 1 56  ? 4.775   4.203   -9.135  1.00 21.85 ? 592  TYR A OH  1 
ATOM   464  N N   . SER A 1 57  ? 9.417   2.158   -2.051  1.00 18.83 ? 593  SER A N   1 
ATOM   465  C CA  . SER A 1 57  ? 9.755   1.403   -0.869  1.00 19.75 ? 593  SER A CA  1 
ATOM   466  C C   . SER A 1 57  ? 9.823   2.252   0.376   1.00 19.64 ? 593  SER A C   1 
ATOM   467  O O   . SER A 1 57  ? 9.233   1.888   1.375   1.00 19.79 ? 593  SER A O   1 
ATOM   468  C CB  . SER A 1 57  ? 11.071  0.687   -1.009  1.00 20.78 ? 593  SER A CB  1 
ATOM   469  O OG  . SER A 1 57  ? 11.390  0.103   0.251   1.00 21.48 ? 593  SER A OG  1 
ATOM   470  N N   . GLY A 1 58  ? 10.519  3.387   0.311   1.00 19.42 ? 594  GLY A N   1 
ATOM   471  C CA  . GLY A 1 58  ? 10.576  4.323   1.441   1.00 19.20 ? 594  GLY A CA  1 
ATOM   472  C C   . GLY A 1 58  ? 9.182   4.673   1.925   1.00 18.62 ? 594  GLY A C   1 
ATOM   473  O O   . GLY A 1 58  ? 8.891   4.628   3.145   1.00 17.76 ? 594  GLY A O   1 
ATOM   474  N N   . PHE A 1 59  ? 8.318   4.974   0.950   1.00 17.54 ? 595  PHE A N   1 
ATOM   475  C CA  . PHE A 1 59  ? 6.915   5.278   1.192   1.00 16.08 ? 595  PHE A CA  1 
ATOM   476  C C   . PHE A 1 59  ? 6.157   4.142   1.888   1.00 16.62 ? 595  PHE A C   1 
ATOM   477  O O   . PHE A 1 59  ? 5.464   4.374   2.894   1.00 15.86 ? 595  PHE A O   1 
ATOM   478  C CB  . PHE A 1 59  ? 6.216   5.532   -0.134  1.00 16.54 ? 595  PHE A CB  1 
ATOM   479  C CG  . PHE A 1 59  ? 4.765   5.907   -0.008  1.00 13.45 ? 595  PHE A CG  1 
ATOM   480  C CD1 . PHE A 1 59  ? 4.414   7.086   0.550   1.00 16.62 ? 595  PHE A CD1 1 
ATOM   481  C CD2 . PHE A 1 59  ? 3.759   5.082   -0.514  1.00 16.08 ? 595  PHE A CD2 1 
ATOM   482  C CE1 . PHE A 1 59  ? 3.080   7.476   0.620   1.00 15.40 ? 595  PHE A CE1 1 
ATOM   483  C CE2 . PHE A 1 59  ? 2.457   5.431   -0.407  1.00 15.28 ? 595  PHE A CE2 1 
ATOM   484  C CZ  . PHE A 1 59  ? 2.099   6.632   0.146   1.00 15.49 ? 595  PHE A CZ  1 
ATOM   485  N N   . VAL A 1 60  ? 6.257   2.938   1.334   1.00 15.80 ? 596  VAL A N   1 
ATOM   486  C CA  . VAL A 1 60  ? 5.555   1.797   1.874   1.00 15.63 ? 596  VAL A CA  1 
ATOM   487  C C   . VAL A 1 60  ? 6.121   1.398   3.234   1.00 16.14 ? 596  VAL A C   1 
ATOM   488  O O   . VAL A 1 60  ? 5.375   1.064   4.141   1.00 14.08 ? 596  VAL A O   1 
ATOM   489  C CB  . VAL A 1 60  ? 5.525   0.632   0.871   1.00 15.91 ? 596  VAL A CB  1 
ATOM   490  C CG1 . VAL A 1 60  ? 5.127   -0.685  1.540   1.00 15.13 ? 596  VAL A CG1 1 
ATOM   491  C CG2 . VAL A 1 60  ? 4.565   1.010   -0.296  1.00 13.19 ? 596  VAL A CG2 1 
ATOM   492  N N   . ARG A 1 61  ? 7.432   1.489   3.394   1.00 17.41 ? 597  ARG A N   1 
ATOM   493  C CA  . ARG A 1 61  ? 8.037   1.144   4.691   1.00 18.03 ? 597  ARG A CA  1 
ATOM   494  C C   . ARG A 1 61  ? 7.519   2.095   5.747   1.00 17.72 ? 597  ARG A C   1 
ATOM   495  O O   . ARG A 1 61  ? 7.246   1.681   6.861   1.00 18.10 ? 597  ARG A O   1 
ATOM   496  C CB  . ARG A 1 61  ? 9.561   1.177   4.627   1.00 18.57 ? 597  ARG A CB  1 
ATOM   497  C CG  . ARG A 1 61  ? 10.099  -0.060  4.031   1.00 21.22 ? 597  ARG A CG  1 
ATOM   498  C CD  . ARG A 1 61  ? 11.597  -0.020  3.972   1.00 22.58 ? 597  ARG A CD  1 
ATOM   499  N NE  . ARG A 1 61  ? 12.109  -1.029  3.056   1.00 22.72 ? 597  ARG A NE  1 
ATOM   500  C CZ  . ARG A 1 61  ? 13.243  -1.691  3.207   1.00 22.60 ? 597  ARG A CZ  1 
ATOM   501  N NH1 . ARG A 1 61  ? 14.023  -1.466  4.260   1.00 27.48 ? 597  ARG A NH1 1 
ATOM   502  N NH2 . ARG A 1 61  ? 13.591  -2.599  2.318   1.00 23.16 ? 597  ARG A NH2 1 
ATOM   503  N N   . THR A 1 62  ? 7.320   3.349   5.386   1.00 18.27 ? 598  THR A N   1 
ATOM   504  C CA  . THR A 1 62  ? 6.801   4.324   6.356   1.00 17.64 ? 598  THR A CA  1 
ATOM   505  C C   . THR A 1 62  ? 5.395   3.992   6.721   1.00 16.49 ? 598  THR A C   1 
ATOM   506  O O   . THR A 1 62  ? 5.076   3.969   7.894   1.00 16.78 ? 598  THR A O   1 
ATOM   507  C CB  . THR A 1 62  ? 6.941   5.822   5.896   1.00 18.32 ? 598  THR A CB  1 
ATOM   508  O OG1 . THR A 1 62  ? 8.308   6.121   5.632   1.00 20.14 ? 598  THR A OG1 1 
ATOM   509  C CG2 . THR A 1 62  ? 6.523   6.773   6.957   1.00 18.50 ? 598  THR A CG2 1 
ATOM   510  N N   . LEU A 1 63  ? 4.525   3.769   5.742   1.00 17.76 ? 599  LEU A N   1 
ATOM   511  C CA  . LEU A 1 63  ? 3.124   3.323   6.011   1.00 16.28 ? 599  LEU A CA  1 
ATOM   512  C C   . LEU A 1 63  ? 2.997   2.113   6.921   1.00 15.63 ? 599  LEU A C   1 
ATOM   513  O O   . LEU A 1 63  ? 2.170   2.072   7.817   1.00 15.50 ? 599  LEU A O   1 
ATOM   514  C CB  . LEU A 1 63  ? 2.353   3.030   4.699   1.00 16.80 ? 599  LEU A CB  1 
ATOM   515  C CG  . LEU A 1 63  ? 2.344   4.088   3.617   1.00 14.40 ? 599  LEU A CG  1 
ATOM   516  C CD1 . LEU A 1 63  ? 1.458   3.604   2.483   1.00 15.17 ? 599  LEU A CD1 1 
ATOM   517  C CD2 . LEU A 1 63  ? 1.859   5.414   4.179   1.00 12.07 ? 599  LEU A CD2 1 
ATOM   518  N N   . PHE A 1 64  ? 3.775   1.077   6.649   1.00 15.57 ? 600  PHE A N   1 
ATOM   519  C CA  . PHE A 1 64  ? 3.798   -0.084  7.490   1.00 14.89 ? 600  PHE A CA  1 
ATOM   520  C C   . PHE A 1 64  ? 4.184   0.279   8.937   1.00 16.08 ? 600  PHE A C   1 
ATOM   521  O O   . PHE A 1 64  ? 3.563   -0.182  9.891   1.00 15.94 ? 600  PHE A O   1 
ATOM   522  C CB  . PHE A 1 64  ? 4.772   -1.156  6.928   1.00 15.16 ? 600  PHE A CB  1 
ATOM   523  C CG  . PHE A 1 64  ? 4.317   -1.857  5.690   1.00 11.74 ? 600  PHE A CG  1 
ATOM   524  C CD1 . PHE A 1 64  ? 2.981   -1.829  5.252   1.00 15.16 ? 600  PHE A CD1 1 
ATOM   525  C CD2 . PHE A 1 64  ? 5.222   -2.648  4.980   1.00 13.54 ? 600  PHE A CD2 1 
ATOM   526  C CE1 . PHE A 1 64  ? 2.607   -2.504  4.151   1.00 13.84 ? 600  PHE A CE1 1 
ATOM   527  C CE2 . PHE A 1 64  ? 4.841   -3.324  3.881   1.00 13.52 ? 600  PHE A CE2 1 
ATOM   528  C CZ  . PHE A 1 64  ? 3.520   -3.253  3.450   1.00 13.12 ? 600  PHE A CZ  1 
ATOM   529  N N   . GLN A 1 65  ? 5.165   1.159   9.115   1.00 17.15 ? 601  GLN A N   1 
ATOM   530  C CA  . GLN A 1 65  ? 5.527   1.537   10.487  1.00 17.62 ? 601  GLN A CA  1 
ATOM   531  C C   . GLN A 1 65  ? 4.373   2.303   11.141  1.00 16.95 ? 601  GLN A C   1 
ATOM   532  O O   . GLN A 1 65  ? 4.048   2.091   12.305  1.00 17.58 ? 601  GLN A O   1 
ATOM   533  C CB  . GLN A 1 65  ? 6.836   2.329   10.552  1.00 16.99 ? 601  GLN A CB  1 
ATOM   534  C CG  . GLN A 1 65  ? 7.600   2.259   11.950  1.00 19.77 ? 601  GLN A CG  1 
ATOM   535  C CD  . GLN A 1 65  ? 7.724   0.852   12.567  1.00 21.93 ? 601  GLN A CD  1 
ATOM   536  O OE1 . GLN A 1 65  ? 8.305   -0.068  11.966  1.00 25.07 ? 601  GLN A OE1 1 
ATOM   537  N NE2 . GLN A 1 65  ? 7.251   0.702   13.802  1.00 24.46 ? 601  GLN A NE2 1 
ATOM   538  N N   . GLN A 1 66  ? 3.708   3.144   10.392  1.00 16.34 ? 602  GLN A N   1 
ATOM   539  C CA  . GLN A 1 66  ? 2.542   3.820   10.960  1.00 17.17 ? 602  GLN A CA  1 
ATOM   540  C C   . GLN A 1 66  ? 1.529   2.803   11.479  1.00 17.96 ? 602  GLN A C   1 
ATOM   541  O O   . GLN A 1 66  ? 0.932   2.990   12.569  1.00 17.68 ? 602  GLN A O   1 
ATOM   542  C CB  . GLN A 1 66  ? 1.919   4.736   9.910   1.00 16.79 ? 602  GLN A CB  1 
ATOM   543  C CG  . GLN A 1 66  ? 2.887   5.818   9.493   1.00 18.99 ? 602  GLN A CG  1 
ATOM   544  C CD  . GLN A 1 66  ? 2.407   6.784   8.432   1.00 17.53 ? 602  GLN A CD  1 
ATOM   545  O OE1 . GLN A 1 66  ? 3.114   7.747   8.117   1.00 21.23 ? 602  GLN A OE1 1 
ATOM   546  N NE2 . GLN A 1 66  ? 1.234   6.544   7.878   1.00 18.20 ? 602  GLN A NE2 1 
ATOM   547  N N   . MET A 1 67  ? 1.308   1.743   10.696  1.00 17.87 ? 603  MET A N   1 
ATOM   548  C CA  . MET A 1 67  ? 0.370   0.702   11.065  1.00 18.96 ? 603  MET A CA  1 
ATOM   549  C C   . MET A 1 67  ? 0.819   -0.047  12.321  1.00 19.71 ? 603  MET A C   1 
ATOM   550  O O   . MET A 1 67  ? -0.010  -0.420  13.138  1.00 20.83 ? 603  MET A O   1 
ATOM   551  C CB  . MET A 1 67  ? 0.139   -0.281  9.924   1.00 17.80 ? 603  MET A CB  1 
ATOM   552  C CG  . MET A 1 67  ? -0.845  -1.360  10.231  1.00 19.43 ? 603  MET A CG  1 
ATOM   553  S SD  . MET A 1 67  ? -1.262  -2.394  8.788   1.00 21.16 ? 603  MET A SD  1 
ATOM   554  C CE  . MET A 1 67  ? -1.917  -1.170  7.693   1.00 21.18 ? 603  MET A CE  1 
ATOM   555  N N   . ARG A 1 68  ? 2.115   -0.282  12.443  1.00 20.43 ? 604  ARG A N   1 
ATOM   556  C CA  . ARG A 1 68  ? 2.636   -0.909  13.613  1.00 21.25 ? 604  ARG A CA  1 
ATOM   557  C C   . ARG A 1 68  ? 2.500   -0.002  14.826  1.00 23.34 ? 604  ARG A C   1 
ATOM   558  O O   . ARG A 1 68  ? 2.188   -0.504  15.895  1.00 24.37 ? 604  ARG A O   1 
ATOM   559  C CB  . ARG A 1 68  ? 4.087   -1.268  13.470  1.00 19.84 ? 604  ARG A CB  1 
ATOM   560  C CG  . ARG A 1 68  ? 4.337   -2.305  12.455  1.00 18.58 ? 604  ARG A CG  1 
ATOM   561  C CD  . ARG A 1 68  ? 5.750   -2.731  12.465  1.00 16.19 ? 604  ARG A CD  1 
ATOM   562  N NE  . ARG A 1 68  ? 6.042   -3.480  11.269  1.00 14.81 ? 604  ARG A NE  1 
ATOM   563  C CZ  . ARG A 1 68  ? 6.562   -2.941  10.166  1.00 16.01 ? 604  ARG A CZ  1 
ATOM   564  N NH1 . ARG A 1 68  ? 6.953   -1.694  10.145  1.00 13.57 ? 604  ARG A NH1 1 
ATOM   565  N NH2 . ARG A 1 68  ? 6.779   -3.678  9.085   1.00 17.45 ? 604  ARG A NH2 1 
ATOM   566  N N   . ASP A 1 69  ? 2.733   1.300   14.659  1.00 24.69 ? 605  ASP A N   1 
ATOM   567  C CA  . ASP A 1 69  ? 2.633   2.252   15.786  1.00 26.14 ? 605  ASP A CA  1 
ATOM   568  C C   . ASP A 1 69  ? 1.232   2.648   16.209  1.00 26.86 ? 605  ASP A C   1 
ATOM   569  O O   . ASP A 1 69  ? 1.020   3.003   17.391  1.00 27.84 ? 605  ASP A O   1 
ATOM   570  C CB  . ASP A 1 69  ? 3.386   3.526   15.487  1.00 27.28 ? 605  ASP A CB  1 
ATOM   571  C CG  . ASP A 1 69  ? 4.840   3.289   15.247  1.00 27.35 ? 605  ASP A CG  1 
ATOM   572  O OD1 . ASP A 1 69  ? 5.323   2.203   15.587  1.00 31.06 ? 605  ASP A OD1 1 
ATOM   573  O OD2 . ASP A 1 69  ? 5.513   4.182   14.708  1.00 32.79 ? 605  ASP A OD2 1 
ATOM   574  N N   . VAL A 1 70  ? 0.265   2.582   15.296  1.00 26.29 ? 606  VAL A N   1 
ATOM   575  C CA  . VAL A 1 70  ? -1.093  3.007   15.607  1.00 25.91 ? 606  VAL A CA  1 
ATOM   576  C C   . VAL A 1 70  ? -1.985  1.811   15.938  1.00 27.01 ? 606  VAL A C   1 
ATOM   577  O O   . VAL A 1 70  ? -2.443  1.098   15.048  1.00 25.79 ? 606  VAL A O   1 
ATOM   578  C CB  . VAL A 1 70  ? -1.645  3.890   14.465  1.00 26.16 ? 606  VAL A CB  1 
ATOM   579  C CG1 . VAL A 1 70  ? -2.976  4.450   14.812  1.00 24.84 ? 606  VAL A CG1 1 
ATOM   580  C CG2 . VAL A 1 70  ? -0.662  5.027   14.190  1.00 23.07 ? 606  VAL A CG2 1 
ATOM   581  N N   . LEU A 1 71  ? -2.257  1.629   17.243  1.00 26.87 ? 607  LEU A N   1 
ATOM   582  C CA  . LEU A 1 71  ? -2.915  0.439   17.757  1.00 27.82 ? 607  LEU A CA  1 
ATOM   583  C C   . LEU A 1 71  ? -4.241  0.283   17.109  1.00 27.64 ? 607  LEU A C   1 
ATOM   584  O O   . LEU A 1 71  ? -4.944  1.264   16.955  1.00 27.39 ? 607  LEU A O   1 
ATOM   585  C CB  . LEU A 1 71  ? -3.221  0.589   19.254  1.00 28.59 ? 607  LEU A CB  1 
ATOM   586  C CG  . LEU A 1 71  ? -2.115  0.648   20.293  1.00 31.18 ? 607  LEU A CG  1 
ATOM   587  C CD1 . LEU A 1 71  ? -2.400  1.800   21.325  1.00 32.36 ? 607  LEU A CD1 1 
ATOM   588  C CD2 . LEU A 1 71  ? -1.972  -0.724  20.976  1.00 31.29 ? 607  LEU A CD2 1 
ATOM   589  N N   . GLY A 1 72  ? -4.615  -0.943  16.775  1.00 27.22 ? 608  GLY A N   1 
ATOM   590  C CA  . GLY A 1 72  ? -5.955  -1.180  16.239  1.00 26.85 ? 608  GLY A CA  1 
ATOM   591  C C   . GLY A 1 72  ? -6.135  -0.850  14.770  1.00 26.37 ? 608  GLY A C   1 
ATOM   592  O O   . GLY A 1 72  ? -7.253  -0.799  14.294  1.00 27.97 ? 608  GLY A O   1 
ATOM   593  N N   . THR A 1 73  ? -5.057  -0.639  14.021  1.00 25.48 ? 609  THR A N   1 
ATOM   594  C CA  . THR A 1 73  ? -5.214  -0.262  12.610  1.00 24.55 ? 609  THR A CA  1 
ATOM   595  C C   . THR A 1 73  ? -4.641  -1.309  11.643  1.00 23.67 ? 609  THR A C   1 
ATOM   596  O O   . THR A 1 73  ? -4.448  -1.044  10.454  1.00 23.81 ? 609  THR A O   1 
ATOM   597  C CB  . THR A 1 73  ? -4.668  1.125   12.334  1.00 23.29 ? 609  THR A CB  1 
ATOM   598  O OG1 . THR A 1 73  ? -3.251  1.152   12.454  1.00 24.94 ? 609  THR A OG1 1 
ATOM   599  C CG2 . THR A 1 73  ? -5.277  2.158   13.311  1.00 24.71 ? 609  THR A CG2 1 
ATOM   600  N N   . PHE A 1 74  ? -4.377  -2.496  12.171  1.00 22.69 ? 610  PHE A N   1 
ATOM   601  C CA  . PHE A 1 74  ? -3.997  -3.634  11.333  1.00 20.84 ? 610  PHE A CA  1 
ATOM   602  C C   . PHE A 1 74  ? -4.963  -3.939  10.170  1.00 19.82 ? 610  PHE A C   1 
ATOM   603  O O   . PHE A 1 74  ? -6.168  -4.150  10.358  1.00 19.31 ? 610  PHE A O   1 
ATOM   604  C CB  . PHE A 1 74  ? -3.857  -4.880  12.180  1.00 21.22 ? 610  PHE A CB  1 
ATOM   605  C CG  . PHE A 1 74  ? -3.054  -5.941  11.510  1.00 19.22 ? 610  PHE A CG  1 
ATOM   606  C CD1 . PHE A 1 74  ? -1.696  -5.917  11.579  1.00 21.69 ? 610  PHE A CD1 1 
ATOM   607  C CD2 . PHE A 1 74  ? -3.670  -6.945  10.784  1.00 20.89 ? 610  PHE A CD2 1 
ATOM   608  C CE1 . PHE A 1 74  ? -0.938  -6.885  10.952  1.00 20.02 ? 610  PHE A CE1 1 
ATOM   609  C CE2 . PHE A 1 74  ? -2.902  -7.935  10.145  1.00 19.18 ? 610  PHE A CE2 1 
ATOM   610  C CZ  . PHE A 1 74  ? -1.556  -7.877  10.221  1.00 20.15 ? 610  PHE A CZ  1 
ATOM   611  N N   . ASP A 1 75  ? -4.406  -4.021  8.967   1.00 18.18 ? 611  ASP A N   1 
ATOM   612  C CA  . ASP A 1 75  ? -5.181  -4.201  7.749   1.00 16.94 ? 611  ASP A CA  1 
ATOM   613  C C   . ASP A 1 75  ? -4.437  -5.156  6.816   1.00 16.20 ? 611  ASP A C   1 
ATOM   614  O O   . ASP A 1 75  ? -3.417  -4.773  6.177   1.00 17.16 ? 611  ASP A O   1 
ATOM   615  C CB  . ASP A 1 75  ? -5.383  -2.848  7.072   1.00 18.44 ? 611  ASP A CB  1 
ATOM   616  C CG  . ASP A 1 75  ? -6.310  -2.933  5.854   1.00 20.77 ? 611  ASP A CG  1 
ATOM   617  O OD1 . ASP A 1 75  ? -6.632  -4.043  5.406   1.00 26.84 ? 611  ASP A OD1 1 
ATOM   618  O OD2 . ASP A 1 75  ? -6.690  -1.872  5.340   1.00 26.57 ? 611  ASP A OD2 1 
ATOM   619  N N   . THR A 1 76  ? -4.928  -6.389  6.779   1.00 14.35 ? 612  THR A N   1 
ATOM   620  C CA  . THR A 1 76  ? -4.226  -7.536  6.201   1.00 14.69 ? 612  THR A CA  1 
ATOM   621  C C   . THR A 1 76  ? -4.050  -7.324  4.723   1.00 14.32 ? 612  THR A C   1 
ATOM   622  O O   . THR A 1 76  ? -2.978  -7.523  4.169   1.00 14.24 ? 612  THR A O   1 
ATOM   623  C CB  . THR A 1 76  ? -5.078  -8.863  6.477   1.00 14.99 ? 612  THR A CB  1 
ATOM   624  O OG1 . THR A 1 76  ? -5.105  -9.151  7.884   1.00 17.39 ? 612  THR A OG1 1 
ATOM   625  C CG2 . THR A 1 76  ? -4.550  -10.044 5.678   1.00 13.81 ? 612  THR A CG2 1 
ATOM   626  N N   . THR A 1 77  ? -5.138  -6.945  4.050   1.00 15.21 ? 613  THR A N   1 
ATOM   627  C CA  . THR A 1 77  ? -5.093  -6.781  2.615   1.00 16.50 ? 613  THR A CA  1 
ATOM   628  C C   . THR A 1 77  ? -4.144  -5.637  2.170   1.00 15.91 ? 613  THR A C   1 
ATOM   629  O O   . THR A 1 77  ? -3.473  -5.757  1.135   1.00 15.59 ? 613  THR A O   1 
ATOM   630  C CB  . THR A 1 77  ? -6.502  -6.530  2.011   1.00 15.87 ? 613  THR A CB  1 
ATOM   631  O OG1 . THR A 1 77  ? -6.917  -5.235  2.379   1.00 23.07 ? 613  THR A OG1 1 
ATOM   632  C CG2 . THR A 1 77  ? -7.492  -7.501  2.547   1.00 16.14 ? 613  THR A CG2 1 
ATOM   633  N N   . GLN A 1 78  ? -4.147  -4.524  2.902   1.00 16.40 ? 614  GLN A N   1 
ATOM   634  C CA  . GLN A 1 78  ? -3.189  -3.430  2.668   1.00 16.64 ? 614  GLN A CA  1 
ATOM   635  C C   . GLN A 1 78  ? -1.745  -3.859  2.824   1.00 16.25 ? 614  GLN A C   1 
ATOM   636  O O   . GLN A 1 78  ? -0.879  -3.482  2.008   1.00 15.78 ? 614  GLN A O   1 
ATOM   637  C CB  . GLN A 1 78  ? -3.442  -2.259  3.626   1.00 17.95 ? 614  GLN A CB  1 
ATOM   638  C CG  . GLN A 1 78  ? -2.764  -0.982  3.203   1.00 19.62 ? 614  GLN A CG  1 
ATOM   639  C CD  . GLN A 1 78  ? -3.451  -0.358  2.000   1.00 19.79 ? 614  GLN A CD  1 
ATOM   640  O OE1 . GLN A 1 78  ? -4.225  -1.015  1.288   1.00 17.27 ? 614  GLN A OE1 1 
ATOM   641  N NE2 . GLN A 1 78  ? -3.146  0.885   1.750   1.00 16.83 ? 614  GLN A NE2 1 
ATOM   642  N N   . ILE A 1 79  ? -1.484  -4.623  3.880   1.00 14.81 ? 615  ILE A N   1 
ATOM   643  C CA  . ILE A 1 79  ? -0.169  -5.195  4.059   1.00 13.71 ? 615  ILE A CA  1 
ATOM   644  C C   . ILE A 1 79  ? 0.149   -6.076  2.880   1.00 12.82 ? 615  ILE A C   1 
ATOM   645  O O   . ILE A 1 79  ? 1.163   -5.875  2.278   1.00 11.70 ? 615  ILE A O   1 
ATOM   646  C CB  . ILE A 1 79  ? 0.028   -6.001  5.346   1.00 13.14 ? 615  ILE A CB  1 
ATOM   647  C CG1 . ILE A 1 79  ? -0.258  -5.148  6.597   1.00 13.66 ? 615  ILE A CG1 1 
ATOM   648  C CG2 . ILE A 1 79  ? 1.457   -6.581  5.335   1.00 14.26 ? 615  ILE A CG2 1 
ATOM   649  C CD1 . ILE A 1 79  ? -0.489  -5.931  7.802   1.00 11.73 ? 615  ILE A CD1 1 
ATOM   650  N N   . ILE A 1 80  ? -0.731  -7.035  2.516   1.00 12.83 ? 616  ILE A N   1 
ATOM   651  C CA  . ILE A 1 80  ? -0.427  -7.915  1.375   1.00 12.91 ? 616  ILE A CA  1 
ATOM   652  C C   . ILE A 1 80  ? -0.193  -7.183  0.031   1.00 12.65 ? 616  ILE A C   1 
ATOM   653  O O   . ILE A 1 80  ? 0.720   -7.503  -0.721  1.00 12.46 ? 616  ILE A O   1 
ATOM   654  C CB  . ILE A 1 80  ? -1.543  -8.950  1.107   1.00 12.73 ? 616  ILE A CB  1 
ATOM   655  C CG1 . ILE A 1 80  ? -1.719  -9.874  2.333   1.00 14.25 ? 616  ILE A CG1 1 
ATOM   656  C CG2 . ILE A 1 80  ? -1.123  -9.702  -0.144  1.00 10.68 ? 616  ILE A CG2 1 
ATOM   657  C CD1 . ILE A 1 80  ? -2.811  -10.966 2.221   1.00 13.07 ? 616  ILE A CD1 1 
ATOM   658  N N   . LYS A 1 81  ? -1.047  -6.202  -0.276  1.00 11.17 ? 617  LYS A N   1 
ATOM   659  C CA  . LYS A 1 81  ? -0.958  -5.403  -1.472  1.00 12.50 ? 617  LYS A CA  1 
ATOM   660  C C   . LYS A 1 81  ? 0.338   -4.636  -1.617  1.00 12.89 ? 617  LYS A C   1 
ATOM   661  O O   . LYS A 1 81  ? 0.991   -4.651  -2.682  1.00 14.28 ? 617  LYS A O   1 
ATOM   662  C CB  . LYS A 1 81  ? -2.065  -4.332  -1.424  1.00 11.79 ? 617  LYS A CB  1 
ATOM   663  C CG  . LYS A 1 81  ? -2.039  -3.388  -2.556  1.00 13.58 ? 617  LYS A CG  1 
ATOM   664  C CD  . LYS A 1 81  ? -3.379  -2.649  -2.720  1.00 14.27 ? 617  LYS A CD  1 
ATOM   665  C CE  . LYS A 1 81  ? -3.725  -1.753  -1.636  1.00 14.95 ? 617  LYS A CE  1 
ATOM   666  N NZ  . LYS A 1 81  ? -5.134  -1.179  -1.793  1.00 16.02 ? 617  LYS A NZ  1 
ATOM   667  N N   . LEU A 1 82  ? 0.719   -3.972  -0.546  1.00 12.98 ? 618  LEU A N   1 
ATOM   668  C CA  . LEU A 1 82  ? 1.878   -3.071  -0.604  1.00 13.71 ? 618  LEU A CA  1 
ATOM   669  C C   . LEU A 1 82  ? 3.224   -3.733  -0.380  1.00 13.38 ? 618  LEU A C   1 
ATOM   670  O O   . LEU A 1 82  ? 4.270   -3.195  -0.779  1.00 14.25 ? 618  LEU A O   1 
ATOM   671  C CB  . LEU A 1 82  ? 1.703   -1.956  0.404   1.00 14.17 ? 618  LEU A CB  1 
ATOM   672  C CG  . LEU A 1 82  ? 0.522   -1.004  0.216   1.00 14.09 ? 618  LEU A CG  1 
ATOM   673  C CD1 . LEU A 1 82  ? 0.549   0.061   1.297   1.00 14.52 ? 618  LEU A CD1 1 
ATOM   674  C CD2 . LEU A 1 82  ? 0.516   -0.346  -1.134  1.00 14.93 ? 618  LEU A CD2 1 
ATOM   675  N N   . LEU A 1 83  ? 3.199   -4.893  0.232   1.00 14.44 ? 619  LEU A N   1 
ATOM   676  C CA  . LEU A 1 83  ? 4.447   -5.609  0.655   1.00 13.95 ? 619  LEU A CA  1 
ATOM   677  C C   . LEU A 1 83  ? 5.548   -5.747  -0.392  1.00 14.85 ? 619  LEU A C   1 
ATOM   678  O O   . LEU A 1 83  ? 6.726   -5.465  -0.115  1.00 13.16 ? 619  LEU A O   1 
ATOM   679  C CB  . LEU A 1 83  ? 4.071   -6.968  1.207   1.00 13.99 ? 619  LEU A CB  1 
ATOM   680  C CG  . LEU A 1 83  ? 5.272   -7.711  1.795   1.00 14.68 ? 619  LEU A CG  1 
ATOM   681  C CD1 . LEU A 1 83  ? 6.096   -6.865  2.820   1.00 12.31 ? 619  LEU A CD1 1 
ATOM   682  C CD2 . LEU A 1 83  ? 4.820   -8.974  2.421   1.00 12.31 ? 619  LEU A CD2 1 
ATOM   683  N N   . PRO A 1 84  ? 5.183   -6.205  -1.582  1.00 13.70 ? 620  PRO A N   1 
ATOM   684  C CA  . PRO A 1 84  ? 6.257   -6.300  -2.580  1.00 14.72 ? 620  PRO A CA  1 
ATOM   685  C C   . PRO A 1 84  ? 6.985   -5.003  -2.881  1.00 15.14 ? 620  PRO A C   1 
ATOM   686  O O   . PRO A 1 84  ? 8.176   -5.041  -3.169  1.00 15.85 ? 620  PRO A O   1 
ATOM   687  C CB  . PRO A 1 84  ? 5.529   -6.893  -3.805  1.00 14.24 ? 620  PRO A CB  1 
ATOM   688  C CG  . PRO A 1 84  ? 4.386   -7.667  -3.216  1.00 13.45 ? 620  PRO A CG  1 
ATOM   689  C CD  . PRO A 1 84  ? 3.913   -6.764  -2.079  1.00 12.93 ? 620  PRO A CD  1 
ATOM   690  N N   . PHE A 1 85  ? 6.307   -3.858  -2.757  1.00 15.70 ? 621  PHE A N   1 
ATOM   691  C CA  . PHE A 1 85  ? 6.944   -2.588  -2.960  1.00 16.76 ? 621  PHE A CA  1 
ATOM   692  C C   . PHE A 1 85  ? 7.909   -2.204  -1.870  1.00 18.20 ? 621  PHE A C   1 
ATOM   693  O O   . PHE A 1 85  ? 8.753   -1.344  -2.089  1.00 19.38 ? 621  PHE A O   1 
ATOM   694  C CB  . PHE A 1 85  ? 5.925   -1.467  -3.122  1.00 17.12 ? 621  PHE A CB  1 
ATOM   695  C CG  . PHE A 1 85  ? 5.091   -1.597  -4.348  1.00 16.96 ? 621  PHE A CG  1 
ATOM   696  C CD1 . PHE A 1 85  ? 5.611   -1.210  -5.575  1.00 19.37 ? 621  PHE A CD1 1 
ATOM   697  C CD2 . PHE A 1 85  ? 3.804   -2.105  -4.291  1.00 19.40 ? 621  PHE A CD2 1 
ATOM   698  C CE1 . PHE A 1 85  ? 4.850   -1.335  -6.713  1.00 16.82 ? 621  PHE A CE1 1 
ATOM   699  C CE2 . PHE A 1 85  ? 3.041   -2.244  -5.429  1.00 19.08 ? 621  PHE A CE2 1 
ATOM   700  C CZ  . PHE A 1 85  ? 3.565   -1.833  -6.641  1.00 17.66 ? 621  PHE A CZ  1 
ATOM   701  N N   . ALA A 1 86  ? 7.791   -2.799  -0.698  1.00 19.67 ? 622  ALA A N   1 
ATOM   702  C CA  . ALA A 1 86  ? 8.764   -2.526  0.360   1.00 22.05 ? 622  ALA A CA  1 
ATOM   703  C C   . ALA A 1 86  ? 10.121  -3.227  0.127   1.00 22.43 ? 622  ALA A C   1 
ATOM   704  O O   . ALA A 1 86  ? 11.084  -2.964  0.828   1.00 22.62 ? 622  ALA A O   1 
ATOM   705  C CB  . ALA A 1 86  ? 8.168   -2.870  1.739   1.00 21.05 ? 622  ALA A CB  1 
ATOM   706  N N   . ALA A 1 87  ? 10.226  -4.069  -0.895  1.00 23.83 ? 623  ALA A N   1 
ATOM   707  C CA  . ALA A 1 87  ? 11.455  -4.850  -1.109  1.00 24.83 ? 623  ALA A CA  1 
ATOM   708  C C   . ALA A 1 87  ? 12.630  -4.098  -1.717  1.00 26.17 ? 623  ALA A C   1 
ATOM   709  O O   . ALA A 1 87  ? 13.721  -4.668  -1.775  1.00 27.46 ? 623  ALA A O   1 
ATOM   710  C CB  . ALA A 1 87  ? 11.158  -6.081  -1.967  1.00 24.88 ? 623  ALA A CB  1 
ATOM   711  N N   . ALA A 1 88  ? 12.430  -2.868  -2.207  1.00 26.50 ? 624  ALA A N   1 
ATOM   712  C CA  . ALA A 1 88  ? 13.554  -2.048  -2.716  1.00 27.91 ? 624  ALA A CA  1 
ATOM   713  C C   . ALA A 1 88  ? 14.312  -1.381  -1.573  1.00 29.09 ? 624  ALA A C   1 
ATOM   714  O O   . ALA A 1 88  ? 13.723  -1.097  -0.548  1.00 30.85 ? 624  ALA A O   1 
ATOM   715  C CB  . ALA A 1 88  ? 13.048  -0.979  -3.660  1.00 27.15 ? 624  ALA A CB  1 
ATOM   716  N N   . PRO A 1 89  ? 15.600  -1.068  -1.773  1.00 31.67 ? 625  PRO A N   1 
ATOM   717  C CA  . PRO A 1 89  ? 16.320  -0.226  -0.810  1.00 32.21 ? 625  PRO A CA  1 
ATOM   718  C C   . PRO A 1 89  ? 15.658  1.129   -0.732  1.00 32.67 ? 625  PRO A C   1 
ATOM   719  O O   . PRO A 1 89  ? 15.487  1.768   -1.751  1.00 33.46 ? 625  PRO A O   1 
ATOM   720  C CB  . PRO A 1 89  ? 17.722  -0.091  -1.428  1.00 32.26 ? 625  PRO A CB  1 
ATOM   721  C CG  . PRO A 1 89  ? 17.847  -1.227  -2.388  1.00 31.63 ? 625  PRO A CG  1 
ATOM   722  C CD  . PRO A 1 89  ? 16.457  -1.466  -2.906  1.00 31.44 ? 625  PRO A CD  1 
ATOM   723  N N   . PRO A 1 90  ? 15.251  1.562   0.466   1.00 33.80 ? 626  PRO A N   1 
ATOM   724  C CA  . PRO A 1 90  ? 14.374  2.742   0.541   1.00 33.86 ? 626  PRO A CA  1 
ATOM   725  C C   . PRO A 1 90  ? 15.026  4.100   0.300   1.00 34.57 ? 626  PRO A C   1 
ATOM   726  O O   . PRO A 1 90  ? 16.072  4.385   0.844   1.00 33.22 ? 626  PRO A O   1 
ATOM   727  C CB  . PRO A 1 90  ? 13.849  2.688   1.984   1.00 33.98 ? 626  PRO A CB  1 
ATOM   728  C CG  . PRO A 1 90  ? 14.923  1.956   2.740   1.00 33.75 ? 626  PRO A CG  1 
ATOM   729  C CD  . PRO A 1 90  ? 15.538  0.990   1.798   1.00 33.18 ? 626  PRO A CD  1 
ATOM   730  N N   . LYS A 1 91  ? 14.344  4.953   -0.459  1.00 35.65 ? 627  LYS A N   1 
ATOM   731  C CA  . LYS A 1 91  ? 14.749  6.348   -0.613  1.00 37.22 ? 627  LYS A CA  1 
ATOM   732  C C   . LYS A 1 91  ? 13.606  7.232   -0.155  1.00 37.41 ? 627  LYS A C   1 
ATOM   733  O O   . LYS A 1 91  ? 12.452  6.999   -0.499  1.00 37.36 ? 627  LYS A O   1 
ATOM   734  C CB  . LYS A 1 91  ? 15.124  6.632   -2.068  1.00 37.55 ? 627  LYS A CB  1 
ATOM   735  C CG  . LYS A 1 91  ? 16.373  5.857   -2.509  1.00 38.29 ? 627  LYS A CG  1 
ATOM   736  C CD  . LYS A 1 91  ? 16.554  5.932   -4.014  1.00 39.51 ? 627  LYS A CD  1 
ATOM   737  C CE  . LYS A 1 91  ? 18.023  5.706   -4.418  1.00 41.79 ? 627  LYS A CE  1 
ATOM   738  N NZ  . LYS A 1 91  ? 18.101  5.347   -5.898  1.00 43.34 ? 627  LYS A NZ  1 
ATOM   739  N N   . GLN A 1 92  ? 13.926  8.237   0.647   1.00 37.96 ? 628  GLN A N   1 
ATOM   740  C CA  . GLN A 1 92  ? 12.905  9.078   1.238   1.00 38.52 ? 628  GLN A CA  1 
ATOM   741  C C   . GLN A 1 92  ? 12.516  10.213  0.322   1.00 37.49 ? 628  GLN A C   1 
ATOM   742  O O   . GLN A 1 92  ? 13.283  10.669  -0.494  1.00 37.75 ? 628  GLN A O   1 
ATOM   743  C CB  . GLN A 1 92  ? 13.373  9.630   2.594   1.00 39.49 ? 628  GLN A CB  1 
ATOM   744  C CG  . GLN A 1 92  ? 13.514  8.558   3.684   1.00 42.11 ? 628  GLN A CG  1 
ATOM   745  C CD  . GLN A 1 92  ? 12.269  7.690   3.834   1.00 44.31 ? 628  GLN A CD  1 
ATOM   746  O OE1 . GLN A 1 92  ? 12.356  6.471   3.823   1.00 46.67 ? 628  GLN A OE1 1 
ATOM   747  N NE2 . GLN A 1 92  ? 11.107  8.321   3.960   1.00 46.08 ? 628  GLN A NE2 1 
ATOM   748  N N   . SER A 1 93  ? 11.283  10.638  0.456   1.00 36.48 ? 629  SER A N   1 
ATOM   749  C CA  . SER A 1 93  ? 10.817  11.822  -0.192  1.00 36.02 ? 629  SER A CA  1 
ATOM   750  C C   . SER A 1 93  ? 9.654   12.320  0.639   1.00 35.87 ? 629  SER A C   1 
ATOM   751  O O   . SER A 1 93  ? 9.291   11.697  1.631   1.00 34.70 ? 629  SER A O   1 
ATOM   752  C CB  . SER A 1 93  ? 10.428  11.545  -1.636  1.00 35.83 ? 629  SER A CB  1 
ATOM   753  O OG  . SER A 1 93  ? 9.355   10.630  -1.743  1.00 35.42 ? 629  SER A OG  1 
ATOM   754  N N   . ARG A 1 94  ? 9.109   13.465  0.261   1.00 36.02 ? 630  ARG A N   1 
ATOM   755  C CA  . ARG A 1 94  ? 7.904   13.981  0.904   1.00 36.49 ? 630  ARG A CA  1 
ATOM   756  C C   . ARG A 1 94  ? 6.686   13.644  0.054   1.00 35.09 ? 630  ARG A C   1 
ATOM   757  O O   . ARG A 1 94  ? 5.557   13.956  0.423   1.00 35.06 ? 630  ARG A O   1 
ATOM   758  C CB  . ARG A 1 94  ? 8.001   15.492  1.072   1.00 36.79 ? 630  ARG A CB  1 
ATOM   759  C CG  . ARG A 1 94  ? 9.143   15.965  1.989   1.00 38.83 ? 630  ARG A CG  1 
ATOM   760  C CD  . ARG A 1 94  ? 9.463   17.437  1.755   1.00 39.39 ? 630  ARG A CD  1 
ATOM   761  N NE  . ARG A 1 94  ? 9.799   17.627  0.341   1.00 43.18 ? 630  ARG A NE  1 
ATOM   762  C CZ  . ARG A 1 94  ? 9.693   18.770  -0.336  1.00 45.40 ? 630  ARG A CZ  1 
ATOM   763  N NH1 . ARG A 1 94  ? 9.276   19.888  0.260   1.00 45.36 ? 630  ARG A NH1 1 
ATOM   764  N NH2 . ARG A 1 94  ? 10.020  18.790  -1.633  1.00 45.52 ? 630  ARG A NH2 1 
ATOM   765  N N   . MET A 1 95  ? 6.921   12.995  -1.077  1.00 33.66 ? 631  MET A N   1 
ATOM   766  C CA  . MET A 1 95  ? 5.865   12.726  -2.031  1.00 33.36 ? 631  MET A CA  1 
ATOM   767  C C   . MET A 1 95  ? 4.822   11.764  -1.506  1.00 30.35 ? 631  MET A C   1 
ATOM   768  O O   . MET A 1 95  ? 5.151   10.821  -0.838  1.00 28.73 ? 631  MET A O   1 
ATOM   769  C CB  . MET A 1 95  ? 6.432   12.124  -3.305  1.00 33.25 ? 631  MET A CB  1 
ATOM   770  C CG  . MET A 1 95  ? 5.459   12.230  -4.469  1.00 35.61 ? 631  MET A CG  1 
ATOM   771  S SD  . MET A 1 95  ? 6.367   12.668  -5.939  1.00 38.32 ? 631  MET A SD  1 
ATOM   772  C CE  . MET A 1 95  ? 7.459   11.232  -5.989  1.00 38.92 ? 631  MET A CE  1 
ATOM   773  N N   . GLN A 1 96  ? 3.577   12.000  -1.871  1.00 28.44 ? 632  GLN A N   1 
ATOM   774  C CA  . GLN A 1 96  ? 2.479   11.101  -1.522  1.00 28.01 ? 632  GLN A CA  1 
ATOM   775  C C   . GLN A 1 96  ? 2.036   10.402  -2.773  1.00 26.67 ? 632  GLN A C   1 
ATOM   776  O O   . GLN A 1 96  ? 1.849   11.037  -3.807  1.00 27.38 ? 632  GLN A O   1 
ATOM   777  C CB  . GLN A 1 96  ? 1.291   11.887  -0.977  1.00 27.65 ? 632  GLN A CB  1 
ATOM   778  C CG  . GLN A 1 96  ? 1.585   12.669  0.283   1.00 28.12 ? 632  GLN A CG  1 
ATOM   779  C CD  . GLN A 1 96  ? 1.657   11.809  1.520   1.00 28.10 ? 632  GLN A CD  1 
ATOM   780  O OE1 . GLN A 1 96  ? 1.439   10.580  1.471   1.00 25.48 ? 632  GLN A OE1 1 
ATOM   781  N NE2 . GLN A 1 96  ? 1.965   12.443  2.639   1.00 24.41 ? 632  GLN A NE2 1 
ATOM   782  N N   . PHE A 1 97  ? 1.850   9.094   -2.688  1.00 25.34 ? 633  PHE A N   1 
ATOM   783  C CA  . PHE A 1 97  ? 1.463   8.304   -3.843  1.00 23.67 ? 633  PHE A CA  1 
ATOM   784  C C   . PHE A 1 97  ? 0.088   7.801   -3.640  1.00 22.92 ? 633  PHE A C   1 
ATOM   785  O O   . PHE A 1 97  ? -0.219  7.211   -2.594  1.00 23.79 ? 633  PHE A O   1 
ATOM   786  C CB  . PHE A 1 97  ? 2.420   7.135   -4.023  1.00 23.02 ? 633  PHE A CB  1 
ATOM   787  C CG  . PHE A 1 97  ? 3.814   7.558   -4.237  1.00 23.05 ? 633  PHE A CG  1 
ATOM   788  C CD1 . PHE A 1 97  ? 4.273   7.885   -5.519  1.00 21.97 ? 633  PHE A CD1 1 
ATOM   789  C CD2 . PHE A 1 97  ? 4.699   7.620   -3.163  1.00 23.19 ? 633  PHE A CD2 1 
ATOM   790  C CE1 . PHE A 1 97  ? 5.576   8.285   -5.710  1.00 24.26 ? 633  PHE A CE1 1 
ATOM   791  C CE2 . PHE A 1 97  ? 5.994   7.985   -3.348  1.00 21.80 ? 633  PHE A CE2 1 
ATOM   792  C CZ  . PHE A 1 97  ? 6.441   8.339   -4.628  1.00 24.14 ? 633  PHE A CZ  1 
ATOM   793  N N   . SER A 1 98  ? -0.773  8.029   -4.615  1.00 21.55 ? 634  SER A N   1 
ATOM   794  C CA  . SER A 1 98  ? -2.038  7.359   -4.618  1.00 21.08 ? 634  SER A CA  1 
ATOM   795  C C   . SER A 1 98  ? -2.026  6.075   -5.428  1.00 20.37 ? 634  SER A C   1 
ATOM   796  O O   . SER A 1 98  ? -2.993  5.297   -5.357  1.00 19.64 ? 634  SER A O   1 
ATOM   797  C CB  . SER A 1 98  ? -3.173  8.279   -5.143  1.00 21.79 ? 634  SER A CB  1 
ATOM   798  O OG  . SER A 1 98  ? -2.930  8.637   -6.454  1.00 24.78 ? 634  SER A OG  1 
ATOM   799  N N   . SER A 1 99  ? -0.982  5.866   -6.229  1.00 19.80 ? 635  SER A N   1 
ATOM   800  C CA  . SER A 1 99  ? -0.852  4.617   -6.918  1.00 20.18 ? 635  SER A CA  1 
ATOM   801  C C   . SER A 1 99  ? 0.601   4.241   -7.100  1.00 19.52 ? 635  SER A C   1 
ATOM   802  O O   . SER A 1 99  ? 1.496   5.087   -7.088  1.00 18.93 ? 635  SER A O   1 
ATOM   803  C CB  . SER A 1 99  ? -1.567  4.653   -8.277  1.00 20.12 ? 635  SER A CB  1 
ATOM   804  O OG  . SER A 1 99  ? -0.753  5.288   -9.215  1.00 22.99 ? 635  SER A OG  1 
ATOM   805  N N   . LEU A 1 100 ? 0.815   2.941   -7.222  1.00 19.16 ? 636  LEU A N   1 
ATOM   806  C CA  . LEU A 1 100 ? 2.149   2.391   -7.339  1.00 18.86 ? 636  LEU A CA  1 
ATOM   807  C C   . LEU A 1 100 ? 2.160   1.554   -8.597  1.00 19.42 ? 636  LEU A C   1 
ATOM   808  O O   . LEU A 1 100 ? 1.344   0.657   -8.778  1.00 19.97 ? 636  LEU A O   1 
ATOM   809  C CB  . LEU A 1 100 ? 2.476   1.544   -6.113  1.00 18.57 ? 636  LEU A CB  1 
ATOM   810  C CG  . LEU A 1 100 ? 2.568   2.200   -4.729  1.00 18.06 ? 636  LEU A CG  1 
ATOM   811  C CD1 . LEU A 1 100 ? 2.942   1.173   -3.695  1.00 18.86 ? 636  LEU A CD1 1 
ATOM   812  C CD2 . LEU A 1 100 ? 3.541   3.397   -4.616  1.00 14.20 ? 636  LEU A CD2 1 
ATOM   813  N N   . THR A 1 101 ? 3.069   1.872   -9.494  1.00 20.52 ? 637  THR A N   1 
ATOM   814  C CA  . THR A 1 101 ? 3.085   1.290   -10.822 1.00 20.02 ? 637  THR A CA  1 
ATOM   815  C C   . THR A 1 101 ? 3.986   0.073   -10.929 1.00 20.08 ? 637  THR A C   1 
ATOM   816  O O   . THR A 1 101 ? 5.085   0.050   -10.387 1.00 18.71 ? 637  THR A O   1 
ATOM   817  C CB  . THR A 1 101 ? 3.479   2.386   -11.850 1.00 21.37 ? 637  THR A CB  1 
ATOM   818  O OG1 . THR A 1 101 ? 2.335   3.235   -12.031 1.00 22.50 ? 637  THR A OG1 1 
ATOM   819  C CG2 . THR A 1 101 ? 3.840   1.782   -13.189 1.00 19.30 ? 637  THR A CG2 1 
ATOM   820  N N   . VAL A 1 102 ? 3.472   -0.973  -11.581 1.00 20.46 ? 638  VAL A N   1 
ATOM   821  C CA  . VAL A 1 102 ? 4.314   -2.081  -12.094 1.00 21.13 ? 638  VAL A CA  1 
ATOM   822  C C   . VAL A 1 102 ? 4.210   -2.112  -13.635 1.00 22.02 ? 638  VAL A C   1 
ATOM   823  O O   . VAL A 1 102 ? 3.171   -1.751  -14.209 1.00 21.37 ? 638  VAL A O   1 
ATOM   824  C CB  . VAL A 1 102 ? 3.985   -3.474  -11.467 1.00 20.33 ? 638  VAL A CB  1 
ATOM   825  C CG1 . VAL A 1 102 ? 4.510   -3.556  -10.058 1.00 20.70 ? 638  VAL A CG1 1 
ATOM   826  C CG2 . VAL A 1 102 ? 2.478   -3.774  -11.518 1.00 20.47 ? 638  VAL A CG2 1 
ATOM   827  N N   . ASN A 1 103 ? 5.302   -2.480  -14.300 1.00 22.95 ? 639  ASN A N   1 
ATOM   828  C CA  . ASN A 1 103 ? 5.355   -2.443  -15.774 1.00 23.47 ? 639  ASN A CA  1 
ATOM   829  C C   . ASN A 1 103 ? 5.049   -3.799  -16.292 1.00 24.37 ? 639  ASN A C   1 
ATOM   830  O O   . ASN A 1 103 ? 5.771   -4.735  -15.976 1.00 24.76 ? 639  ASN A O   1 
ATOM   831  C CB  . ASN A 1 103 ? 6.729   -2.025  -16.285 1.00 23.82 ? 639  ASN A CB  1 
ATOM   832  C CG  . ASN A 1 103 ? 7.066   -0.609  -15.976 1.00 25.74 ? 639  ASN A CG  1 
ATOM   833  O OD1 . ASN A 1 103 ? 6.221   0.293   -16.056 1.00 32.60 ? 639  ASN A OD1 1 
ATOM   834  N ND2 . ASN A 1 103 ? 8.340   -0.372  -15.661 1.00 31.55 ? 639  ASN A ND2 1 
ATOM   835  N N   . VAL A 1 104 ? 3.953   -3.904  -17.038 1.00 25.49 ? 640  VAL A N   1 
ATOM   836  C CA  . VAL A 1 104 ? 3.488   -5.146  -17.647 1.00 27.60 ? 640  VAL A CA  1 
ATOM   837  C C   . VAL A 1 104 ? 3.499   -4.933  -19.171 1.00 28.79 ? 640  VAL A C   1 
ATOM   838  O O   . VAL A 1 104 ? 2.704   -4.153  -19.704 1.00 29.79 ? 640  VAL A O   1 
ATOM   839  C CB  . VAL A 1 104 ? 2.092   -5.512  -17.134 1.00 26.91 ? 640  VAL A CB  1 
ATOM   840  C CG1 . VAL A 1 104 ? 1.560   -6.753  -17.787 1.00 27.14 ? 640  VAL A CG1 1 
ATOM   841  C CG2 . VAL A 1 104 ? 2.115   -5.695  -15.610 1.00 26.99 ? 640  VAL A CG2 1 
ATOM   842  N N   . ARG A 1 105 ? 4.464   -5.560  -19.839 1.00 30.18 ? 641  ARG A N   1 
ATOM   843  C CA  . ARG A 1 105 ? 4.613   -5.500  -21.303 1.00 31.00 ? 641  ARG A CA  1 
ATOM   844  C C   . ARG A 1 105 ? 4.555   -4.082  -21.871 1.00 31.64 ? 641  ARG A C   1 
ATOM   845  O O   . ARG A 1 105 ? 3.779   -3.805  -22.788 1.00 32.70 ? 641  ARG A O   1 
ATOM   846  C CB  . ARG A 1 105 ? 3.528   -6.361  -21.936 1.00 31.73 ? 641  ARG A CB  1 
ATOM   847  C CG  . ARG A 1 105 ? 3.556   -7.822  -21.485 1.00 32.54 ? 641  ARG A CG  1 
ATOM   848  C CD  . ARG A 1 105 ? 2.498   -8.637  -22.186 1.00 33.76 ? 641  ARG A CD  1 
ATOM   849  N NE  . ARG A 1 105 ? 2.411   -9.987  -21.643 1.00 36.99 ? 641  ARG A NE  1 
ATOM   850  C CZ  . ARG A 1 105 ? 3.206   -11.001 -21.970 1.00 36.50 ? 641  ARG A CZ  1 
ATOM   851  N NH1 . ARG A 1 105 ? 4.164   -10.867 -22.883 1.00 36.19 ? 641  ARG A NH1 1 
ATOM   852  N NH2 . ARG A 1 105 ? 3.007   -12.176 -21.389 1.00 36.42 ? 641  ARG A NH2 1 
ATOM   853  N N   . GLY A 1 106 ? 5.356   -3.174  -21.316 1.00 31.00 ? 642  GLY A N   1 
ATOM   854  C CA  . GLY A 1 106 ? 5.338   -1.778  -21.741 1.00 31.28 ? 642  GLY A CA  1 
ATOM   855  C C   . GLY A 1 106 ? 4.242   -0.900  -21.134 1.00 31.33 ? 642  GLY A C   1 
ATOM   856  O O   . GLY A 1 106 ? 4.332   0.338   -21.180 1.00 32.83 ? 642  GLY A O   1 
ATOM   857  N N   . SER A 1 107 ? 3.208   -1.516  -20.570 1.00 30.80 ? 643  SER A N   1 
ATOM   858  C CA  . SER A 1 107 ? 2.101   -0.770  -19.958 1.00 29.78 ? 643  SER A CA  1 
ATOM   859  C C   . SER A 1 107 ? 2.442   -0.525  -18.499 1.00 29.17 ? 643  SER A C   1 
ATOM   860  O O   . SER A 1 107 ? 2.929   -1.418  -17.827 1.00 29.15 ? 643  SER A O   1 
ATOM   861  C CB  . SER A 1 107 ? 0.803   -1.578  -20.024 1.00 30.44 ? 643  SER A CB  1 
ATOM   862  O OG  . SER A 1 107 ? 0.154   -1.473  -21.282 1.00 31.41 ? 643  SER A OG  1 
ATOM   863  N N   . GLY A 1 108 ? 2.163   0.667   -17.998 1.00 28.70 ? 644  GLY A N   1 
ATOM   864  C CA  . GLY A 1 108 ? 2.337   0.973   -16.590 1.00 27.38 ? 644  GLY A CA  1 
ATOM   865  C C   . GLY A 1 108 ? 1.033   0.736   -15.870 1.00 27.08 ? 644  GLY A C   1 
ATOM   866  O O   . GLY A 1 108 ? 0.085   1.499   -16.035 1.00 27.16 ? 644  GLY A O   1 
ATOM   867  N N   . MET A 1 109 ? 0.999   -0.314  -15.055 1.00 25.94 ? 645  MET A N   1 
ATOM   868  C CA  . MET A 1 109 ? -0.209  -0.736  -14.355 1.00 26.23 ? 645  MET A CA  1 
ATOM   869  C C   . MET A 1 109 ? -0.265  -0.139  -12.951 1.00 25.00 ? 645  MET A C   1 
ATOM   870  O O   . MET A 1 109 ? 0.701   -0.216  -12.212 1.00 25.23 ? 645  MET A O   1 
ATOM   871  C CB  . MET A 1 109 ? -0.198  -2.245  -14.238 1.00 26.71 ? 645  MET A CB  1 
ATOM   872  C CG  . MET A 1 109 ? 0.169   -2.932  -15.526 1.00 28.47 ? 645  MET A CG  1 
ATOM   873  S SD  . MET A 1 109 ? -1.246  -2.950  -16.611 1.00 31.25 ? 645  MET A SD  1 
ATOM   874  C CE  . MET A 1 109 ? -1.971  -4.521  -16.194 1.00 25.96 ? 645  MET A CE  1 
ATOM   875  N N   . ARG A 1 110 ? -1.398  0.446   -12.585 1.00 23.26 ? 646  ARG A N   1 
ATOM   876  C CA  . ARG A 1 110 ? -1.540  1.118   -11.291 1.00 22.13 ? 646  ARG A CA  1 
ATOM   877  C C   . ARG A 1 110 ? -2.084  0.177   -10.226 1.00 21.07 ? 646  ARG A C   1 
ATOM   878  O O   . ARG A 1 110 ? -3.173  -0.412  -10.367 1.00 17.79 ? 646  ARG A O   1 
ATOM   879  C CB  . ARG A 1 110 ? -2.441  2.357   -11.406 1.00 22.41 ? 646  ARG A CB  1 
ATOM   880  C CG  . ARG A 1 110 ? -1.773  3.532   -12.117 1.00 24.54 ? 646  ARG A CG  1 
ATOM   881  C CD  . ARG A 1 110 ? -2.776  4.302   -12.934 1.00 29.52 ? 646  ARG A CD  1 
ATOM   882  N NE  . ARG A 1 110 ? -3.859  4.783   -12.084 1.00 30.26 ? 646  ARG A NE  1 
ATOM   883  C CZ  . ARG A 1 110 ? -3.896  5.995   -11.531 1.00 32.81 ? 646  ARG A CZ  1 
ATOM   884  N NH1 . ARG A 1 110 ? -2.931  6.890   -11.755 1.00 35.39 ? 646  ARG A NH1 1 
ATOM   885  N NH2 . ARG A 1 110 ? -4.919  6.329   -10.771 1.00 33.34 ? 646  ARG A NH2 1 
ATOM   886  N N   . ILE A 1 111 ? -1.286  -0.023  -9.180  1.00 18.83 ? 647  ILE A N   1 
ATOM   887  C CA  . ILE A 1 111 ? -1.834  -0.598  -7.968  1.00 19.11 ? 647  ILE A CA  1 
ATOM   888  C C   . ILE A 1 111 ? -2.226  0.583   -7.073  1.00 18.76 ? 647  ILE A C   1 
ATOM   889  O O   . ILE A 1 111 ? -1.382  1.287   -6.539  1.00 18.70 ? 647  ILE A O   1 
ATOM   890  C CB  . ILE A 1 111 ? -0.856  -1.577  -7.261  1.00 18.34 ? 647  ILE A CB  1 
ATOM   891  C CG1 . ILE A 1 111 ? -0.566  -2.753  -8.164  1.00 19.19 ? 647  ILE A CG1 1 
ATOM   892  C CG2 . ILE A 1 111 ? -1.478  -2.105  -5.920  1.00 18.10 ? 647  ILE A CG2 1 
ATOM   893  C CD1 . ILE A 1 111 ? 0.668   -3.557  -7.736  1.00 20.12 ? 647  ILE A CD1 1 
ATOM   894  N N   . LEU A 1 112 ? -3.522  0.788   -6.927  1.00 19.16 ? 648  LEU A N   1 
ATOM   895  C CA  . LEU A 1 112 ? -4.014  1.849   -6.079  1.00 19.66 ? 648  LEU A CA  1 
ATOM   896  C C   . LEU A 1 112 ? -3.744  1.564   -4.606  1.00 19.12 ? 648  LEU A C   1 
ATOM   897  O O   . LEU A 1 112 ? -3.999  0.449   -4.120  1.00 18.35 ? 648  LEU A O   1 
ATOM   898  C CB  . LEU A 1 112 ? -5.474  2.070   -6.321  1.00 19.65 ? 648  LEU A CB  1 
ATOM   899  C CG  . LEU A 1 112 ? -5.883  2.525   -7.719  1.00 22.42 ? 648  LEU A CG  1 
ATOM   900  C CD1 . LEU A 1 112 ? -7.398  2.770   -7.647  1.00 23.91 ? 648  LEU A CD1 1 
ATOM   901  C CD2 . LEU A 1 112 ? -5.197  3.780   -8.122  1.00 24.04 ? 648  LEU A CD2 1 
ATOM   902  N N   . VAL A 1 113 ? -3.204  2.569   -3.912  1.00 18.12 ? 649  VAL A N   1 
ATOM   903  C CA  . VAL A 1 113 ? -2.890  2.457   -2.483  1.00 17.28 ? 649  VAL A CA  1 
ATOM   904  C C   . VAL A 1 113 ? -4.118  2.248   -1.636  1.00 19.24 ? 649  VAL A C   1 
ATOM   905  O O   . VAL A 1 113 ? -4.101  1.417   -0.743  1.00 19.97 ? 649  VAL A O   1 
ATOM   906  C CB  . VAL A 1 113 ? -2.084  3.681   -1.947  1.00 18.41 ? 649  VAL A CB  1 
ATOM   907  C CG1 . VAL A 1 113 ? -1.783  3.527   -0.465  1.00 12.36 ? 649  VAL A CG1 1 
ATOM   908  C CG2 . VAL A 1 113 ? -0.822  3.851   -2.768  1.00 13.57 ? 649  VAL A CG2 1 
ATOM   909  N N   . ARG A 1 114 ? -5.194  2.952   -1.940  1.00 19.56 ? 650  ARG A N   1 
ATOM   910  C CA  . ARG A 1 114 ? -6.420  2.740   -1.230  1.00 21.21 ? 650  ARG A CA  1 
ATOM   911  C C   . ARG A 1 114 ? -7.371  2.043   -2.178  1.00 21.48 ? 650  ARG A C   1 
ATOM   912  O O   . ARG A 1 114 ? -7.692  2.574   -3.211  1.00 23.06 ? 650  ARG A O   1 
ATOM   913  C CB  . ARG A 1 114 ? -6.983  4.062   -0.751  1.00 20.67 ? 650  ARG A CB  1 
ATOM   914  C CG  . ARG A 1 114 ? -8.047  3.896   0.267   1.00 22.29 ? 650  ARG A CG  1 
ATOM   915  C CD  . ARG A 1 114 ? -8.407  5.226   0.875   1.00 24.25 ? 650  ARG A CD  1 
ATOM   916  N NE  . ARG A 1 114 ? -9.476  5.085   1.864   1.00 25.78 ? 650  ARG A NE  1 
ATOM   917  C CZ  . ARG A 1 114 ? -10.778 5.221   1.621   1.00 27.21 ? 650  ARG A CZ  1 
ATOM   918  N NH1 . ARG A 1 114 ? -11.237 5.513   0.419   1.00 30.39 ? 650  ARG A NH1 1 
ATOM   919  N NH2 . ARG A 1 114 ? -11.643 5.069   2.610   1.00 28.57 ? 650  ARG A NH2 1 
ATOM   920  N N   . GLY A 1 115 ? -7.830  0.864   -1.798  1.00 22.11 ? 651  GLY A N   1 
ATOM   921  C CA  . GLY A 1 115 ? -8.829  0.138   -2.562  1.00 22.22 ? 651  GLY A CA  1 
ATOM   922  C C   . GLY A 1 115 ? -8.344  -0.748  -3.707  1.00 23.25 ? 651  GLY A C   1 
ATOM   923  O O   . GLY A 1 115 ? -7.142  -0.969  -3.901  1.00 22.93 ? 651  GLY A O   1 
ATOM   924  N N   . ASN A 1 116 ? -9.325  -1.219  -4.489  1.00 23.77 ? 652  ASN A N   1 
ATOM   925  C CA  . ASN A 1 116 ? -9.107  -2.157  -5.584  1.00 24.10 ? 652  ASN A CA  1 
ATOM   926  C C   . ASN A 1 116 ? -8.725  -1.466  -6.878  1.00 25.20 ? 652  ASN A C   1 
ATOM   927  O O   . ASN A 1 116 ? -9.014  -0.280  -7.082  1.00 25.84 ? 652  ASN A O   1 
ATOM   928  C CB  . ASN A 1 116 ? -10.373 -3.004  -5.819  1.00 23.72 ? 652  ASN A CB  1 
ATOM   929  C CG  . ASN A 1 116 ? -10.666 -3.976  -4.678  1.00 21.76 ? 652  ASN A CG  1 
ATOM   930  O OD1 . ASN A 1 116 ? -9.769  -4.415  -3.965  1.00 23.54 ? 652  ASN A OD1 1 
ATOM   931  N ND2 . ASN A 1 116 ? -11.921 -4.326  -4.518  1.00 27.21 ? 652  ASN A ND2 1 
ATOM   932  N N   . SER A 1 117 ? -8.105  -2.236  -7.762  1.00 25.65 ? 653  SER A N   1 
ATOM   933  C CA  . SER A 1 117 ? -7.533  -1.742  -9.017  1.00 26.86 ? 653  SER A CA  1 
ATOM   934  C C   . SER A 1 117 ? -7.527  -2.891  -10.031 1.00 28.06 ? 653  SER A C   1 
ATOM   935  O O   . SER A 1 117 ? -7.915  -4.012  -9.688  1.00 28.71 ? 653  SER A O   1 
ATOM   936  C CB  . SER A 1 117 ? -6.127  -1.208  -8.768  1.00 27.20 ? 653  SER A CB  1 
ATOM   937  O OG  . SER A 1 117 ? -5.156  -2.223  -8.732  1.00 25.44 ? 653  SER A OG  1 
ATOM   938  N N   . PRO A 1 118 ? -7.121  -2.630  -11.288 1.00 29.38 ? 654  PRO A N   1 
ATOM   939  C CA  . PRO A 1 118 ? -7.245  -3.727  -12.250 1.00 29.37 ? 654  PRO A CA  1 
ATOM   940  C C   . PRO A 1 118 ? -6.223  -4.805  -11.907 1.00 28.04 ? 654  PRO A C   1 
ATOM   941  O O   . PRO A 1 118 ? -6.465  -5.991  -12.083 1.00 29.90 ? 654  PRO A O   1 
ATOM   942  C CB  . PRO A 1 118 ? -6.927  -3.054  -13.577 1.00 30.32 ? 654  PRO A CB  1 
ATOM   943  C CG  . PRO A 1 118 ? -6.054  -1.910  -13.229 1.00 30.44 ? 654  PRO A CG  1 
ATOM   944  C CD  . PRO A 1 118 ? -6.516  -1.431  -11.895 1.00 30.21 ? 654  PRO A CD  1 
ATOM   945  N N   . VAL A 1 119 ? -5.106  -4.376  -11.340 1.00 25.96 ? 655  VAL A N   1 
ATOM   946  C CA  . VAL A 1 119 ? -4.059  -5.290  -10.882 1.00 23.61 ? 655  VAL A CA  1 
ATOM   947  C C   . VAL A 1 119 ? -4.434  -6.040  -9.602  1.00 23.03 ? 655  VAL A C   1 
ATOM   948  O O   . VAL A 1 119 ? -4.263  -7.228  -9.541  1.00 23.06 ? 655  VAL A O   1 
ATOM   949  C CB  . VAL A 1 119 ? -2.741  -4.547  -10.661 1.00 23.35 ? 655  VAL A CB  1 
ATOM   950  C CG1 . VAL A 1 119 ? -1.687  -5.515  -10.131 1.00 22.17 ? 655  VAL A CG1 1 
ATOM   951  C CG2 . VAL A 1 119 ? -2.250  -3.927  -11.945 1.00 23.52 ? 655  VAL A CG2 1 
ATOM   952  N N   . PHE A 1 120 ? -4.936  -5.343  -8.582  1.00 22.21 ? 656  PHE A N   1 
ATOM   953  C CA  . PHE A 1 120 ? -5.161  -5.918  -7.256  1.00 20.86 ? 656  PHE A CA  1 
ATOM   954  C C   . PHE A 1 120 ? -6.618  -5.736  -6.910  1.00 20.96 ? 656  PHE A C   1 
ATOM   955  O O   . PHE A 1 120 ? -7.038  -4.615  -6.629  1.00 19.50 ? 656  PHE A O   1 
ATOM   956  C CB  . PHE A 1 120 ? -4.318  -5.201  -6.218  1.00 19.87 ? 656  PHE A CB  1 
ATOM   957  C CG  . PHE A 1 120 ? -4.315  -5.857  -4.858  1.00 19.22 ? 656  PHE A CG  1 
ATOM   958  C CD1 . PHE A 1 120 ? -3.317  -6.738  -4.514  1.00 16.01 ? 656  PHE A CD1 1 
ATOM   959  C CD2 . PHE A 1 120 ? -5.308  -5.594  -3.933  1.00 16.39 ? 656  PHE A CD2 1 
ATOM   960  C CE1 . PHE A 1 120 ? -3.289  -7.308  -3.313  1.00 17.62 ? 656  PHE A CE1 1 
ATOM   961  C CE2 . PHE A 1 120 ? -5.290  -6.174  -2.699  1.00 16.74 ? 656  PHE A CE2 1 
ATOM   962  C CZ  . PHE A 1 120 ? -4.283  -7.055  -2.381  1.00 16.08 ? 656  PHE A CZ  1 
ATOM   963  N N   . ASN A 1 121 ? -7.381  -6.818  -6.946  1.00 21.81 ? 657  ASN A N   1 
ATOM   964  C CA  . ASN A 1 121 ? -8.785  -6.762  -6.605  1.00 23.75 ? 657  ASN A CA  1 
ATOM   965  C C   . ASN A 1 121 ? -9.127  -7.762  -5.517  1.00 25.23 ? 657  ASN A C   1 
ATOM   966  O O   . ASN A 1 121 ? -9.020  -8.987  -5.698  1.00 25.28 ? 657  ASN A O   1 
ATOM   967  C CB  . ASN A 1 121 ? -9.671  -7.053  -7.818  1.00 24.69 ? 657  ASN A CB  1 
ATOM   968  C CG  . ASN A 1 121 ? -11.135 -6.794  -7.516  1.00 25.76 ? 657  ASN A CG  1 
ATOM   969  O OD1 . ASN A 1 121 ? -11.790 -7.552  -6.801  1.00 35.01 ? 657  ASN A OD1 1 
ATOM   970  N ND2 . ASN A 1 121 ? -11.640 -5.707  -8.020  1.00 29.84 ? 657  ASN A ND2 1 
ATOM   971  N N   . TYR A 1 122 ? -9.574  -7.238  -4.386  1.00 26.42 ? 658  TYR A N   1 
ATOM   972  C CA  . TYR A 1 122 ? -9.931  -8.056  -3.265  1.00 26.21 ? 658  TYR A CA  1 
ATOM   973  C C   . TYR A 1 122 ? -11.419 -7.989  -3.040  1.00 27.10 ? 658  TYR A C   1 
ATOM   974  O O   . TYR A 1 122 ? -11.968 -6.892  -2.933  1.00 27.68 ? 658  TYR A O   1 
ATOM   975  C CB  . TYR A 1 122 ? -9.208  -7.582  -2.014  1.00 26.38 ? 658  TYR A CB  1 
ATOM   976  C CG  . TYR A 1 122 ? -9.585  -8.383  -0.800  1.00 26.20 ? 658  TYR A CG  1 
ATOM   977  C CD1 . TYR A 1 122 ? -9.143  -9.676  -0.648  1.00 24.73 ? 658  TYR A CD1 1 
ATOM   978  C CD2 . TYR A 1 122 ? -10.405 -7.851  0.172   1.00 24.61 ? 658  TYR A CD2 1 
ATOM   979  C CE1 . TYR A 1 122 ? -9.485  -10.414 0.457   1.00 27.62 ? 658  TYR A CE1 1 
ATOM   980  C CE2 . TYR A 1 122 ? -10.739 -8.583  1.313   1.00 28.86 ? 658  TYR A CE2 1 
ATOM   981  C CZ  . TYR A 1 122 ? -10.295 -9.863  1.438   1.00 26.18 ? 658  TYR A CZ  1 
ATOM   982  O OH  . TYR A 1 122 ? -10.629 -10.589 2.536   1.00 26.74 ? 658  TYR A OH  1 
ATOM   983  N N   . ASN A 1 123 ? -12.055 -9.159  -2.975  1.00 26.55 ? 659  ASN A N   1 
ATOM   984  C CA  . ASN A 1 123 ? -13.468 -9.273  -2.707  1.00 27.57 ? 659  ASN A CA  1 
ATOM   985  C C   . ASN A 1 123 ? -13.655 -9.520  -1.218  1.00 27.83 ? 659  ASN A C   1 
ATOM   986  O O   . ASN A 1 123 ? -13.285 -10.577 -0.704  1.00 27.78 ? 659  ASN A O   1 
ATOM   987  C CB  . ASN A 1 123 ? -14.051 -10.428 -3.513  1.00 27.00 ? 659  ASN A CB  1 
ATOM   988  C CG  . ASN A 1 123 ? -15.533 -10.465 -3.444  1.00 28.09 ? 659  ASN A CG  1 
ATOM   989  O OD1 . ASN A 1 123 ? -16.132 -10.545 -2.375  1.00 28.04 ? 659  ASN A OD1 1 
ATOM   990  N ND2 . ASN A 1 123 ? -16.159 -10.363 -4.598  1.00 30.20 ? 659  ASN A ND2 1 
ATOM   991  N N   . LYS A 1 124 ? -14.205 -8.540  -0.523  1.00 28.83 ? 660  LYS A N   1 
ATOM   992  C CA  . LYS A 1 124 ? -14.369 -8.625  0.918   1.00 30.30 ? 660  LYS A CA  1 
ATOM   993  C C   . LYS A 1 124 ? -15.308 -9.761  1.376   1.00 30.36 ? 660  LYS A C   1 
ATOM   994  O O   . LYS A 1 124 ? -15.182 -10.250 2.489   1.00 30.08 ? 660  LYS A O   1 
ATOM   995  C CB  . LYS A 1 124 ? -14.857 -7.284  1.495   1.00 30.85 ? 660  LYS A CB  1 
ATOM   996  C CG  . LYS A 1 124 ? -14.085 -6.052  0.987   1.00 31.84 ? 660  LYS A CG  1 
ATOM   997  C CD  . LYS A 1 124 ? -13.906 -4.955  2.050   1.00 32.62 ? 660  LYS A CD  1 
ATOM   998  C CE  . LYS A 1 124 ? -13.754 -3.566  1.431   1.00 34.60 ? 660  LYS A CE  1 
ATOM   999  N NZ  . LYS A 1 124 ? -12.462 -2.876  1.872   1.00 38.01 ? 660  LYS A NZ  1 
ATOM   1000 N N   . THR A 1 125 ? -16.253 -10.179 0.553   1.00 31.38 ? 661  THR A N   1 
ATOM   1001 C CA  . THR A 1 125 ? -17.218 -11.198 1.010   1.00 31.33 ? 661  THR A CA  1 
ATOM   1002 C C   . THR A 1 125 ? -16.639 -12.590 0.823   1.00 30.91 ? 661  THR A C   1 
ATOM   1003 O O   . THR A 1 125 ? -16.647 -13.395 1.765   1.00 31.54 ? 661  THR A O   1 
ATOM   1004 C CB  . THR A 1 125 ? -18.557 -11.096 0.292   1.00 31.85 ? 661  THR A CB  1 
ATOM   1005 O OG1 . THR A 1 125 ? -18.450 -11.745 -0.985  1.00 36.07 ? 661  THR A OG1 1 
ATOM   1006 C CG2 . THR A 1 125 ? -18.948 -9.666  0.121   1.00 31.52 ? 661  THR A CG2 1 
ATOM   1007 N N   . THR A 1 126 ? -16.118 -12.871 -0.376  1.00 29.88 ? 662  THR A N   1 
ATOM   1008 C CA  . THR A 1 126 ? -15.573 -14.178 -0.688  1.00 29.11 ? 662  THR A CA  1 
ATOM   1009 C C   . THR A 1 126 ? -14.153 -14.302 -0.171  1.00 28.53 ? 662  THR A C   1 
ATOM   1010 O O   . THR A 1 126 ? -13.622 -15.397 -0.119  1.00 28.43 ? 662  THR A O   1 
ATOM   1011 C CB  . THR A 1 126 ? -15.540 -14.468 -2.207  1.00 29.45 ? 662  THR A CB  1 
ATOM   1012 O OG1 . THR A 1 126 ? -14.673 -13.523 -2.842  1.00 27.51 ? 662  THR A OG1 1 
ATOM   1013 C CG2 . THR A 1 126 ? -16.954 -14.359 -2.836  1.00 28.54 ? 662  THR A CG2 1 
ATOM   1014 N N   . LYS A 1 127 ? -13.532 -13.164 0.152   1.00 27.74 ? 663  LYS A N   1 
ATOM   1015 C CA  . LYS A 1 127 ? -12.165 -13.098 0.657   1.00 27.00 ? 663  LYS A CA  1 
ATOM   1016 C C   . LYS A 1 127 ? -11.225 -13.460 -0.456  1.00 26.04 ? 663  LYS A C   1 
ATOM   1017 O O   . LYS A 1 127 ? -10.073 -13.753 -0.204  1.00 24.92 ? 663  LYS A O   1 
ATOM   1018 C CB  . LYS A 1 127 ? -11.948 -14.038 1.863   1.00 27.73 ? 663  LYS A CB  1 
ATOM   1019 C CG  . LYS A 1 127 ? -12.083 -13.445 3.193   1.00 30.73 ? 663  LYS A CG  1 
ATOM   1020 C CD  . LYS A 1 127 ? -13.485 -13.077 3.549   1.00 34.20 ? 663  LYS A CD  1 
ATOM   1021 C CE  . LYS A 1 127 ? -13.481 -12.416 4.917   1.00 36.96 ? 663  LYS A CE  1 
ATOM   1022 N NZ  . LYS A 1 127 ? -14.851 -12.087 5.420   1.00 38.95 ? 663  LYS A NZ  1 
ATOM   1023 N N   . ARG A 1 128 ? -11.694 -13.441 -1.700  1.00 25.63 ? 664  ARG A N   1 
ATOM   1024 C CA  . ARG A 1 128 ? -10.823 -13.815 -2.817  1.00 26.17 ? 664  ARG A CA  1 
ATOM   1025 C C   . ARG A 1 128 ? -10.023 -12.609 -3.284  1.00 24.25 ? 664  ARG A C   1 
ATOM   1026 O O   . ARG A 1 128 ? -10.600 -11.531 -3.501  1.00 23.17 ? 664  ARG A O   1 
ATOM   1027 C CB  . ARG A 1 128 ? -11.614 -14.363 -4.011  1.00 25.42 ? 664  ARG A CB  1 
ATOM   1028 C CG  . ARG A 1 128 ? -10.703 -14.744 -5.176  1.00 27.80 ? 664  ARG A CG  1 
ATOM   1029 C CD  . ARG A 1 128 ? -11.441 -14.889 -6.500  1.00 31.68 ? 664  ARG A CD  1 
ATOM   1030 N NE  . ARG A 1 128 ? -12.763 -15.486 -6.303  1.00 36.51 ? 664  ARG A NE  1 
ATOM   1031 C CZ  . ARG A 1 128 ? -13.668 -15.634 -7.267  1.00 39.78 ? 664  ARG A CZ  1 
ATOM   1032 N NH1 . ARG A 1 128 ? -13.399 -15.284 -8.523  1.00 40.32 ? 664  ARG A NH1 1 
ATOM   1033 N NH2 . ARG A 1 128 ? -14.845 -16.167 -6.965  1.00 39.73 ? 664  ARG A NH2 1 
ATOM   1034 N N   . LEU A 1 129 ? -8.717  -12.824 -3.455  1.00 22.54 ? 665  LEU A N   1 
ATOM   1035 C CA  . LEU A 1 129 ? -7.819  -11.910 -4.148  1.00 21.58 ? 665  LEU A CA  1 
ATOM   1036 C C   . LEU A 1 129 ? -7.623  -12.327 -5.604  1.00 20.71 ? 665  LEU A C   1 
ATOM   1037 O O   . LEU A 1 129 ? -7.108  -13.410 -5.895  1.00 20.31 ? 665  LEU A O   1 
ATOM   1038 C CB  . LEU A 1 129 ? -6.438  -11.858 -3.478  1.00 21.30 ? 665  LEU A CB  1 
ATOM   1039 C CG  . LEU A 1 129 ? -5.374  -10.931 -4.110  1.00 21.84 ? 665  LEU A CG  1 
ATOM   1040 C CD1 . LEU A 1 129 ? -5.806  -9.460  -4.135  1.00 22.91 ? 665  LEU A CD1 1 
ATOM   1041 C CD2 . LEU A 1 129 ? -4.029  -11.062 -3.388  1.00 21.52 ? 665  LEU A CD2 1 
ATOM   1042 N N   . THR A 1 130 ? -8.008  -11.447 -6.514  1.00 18.57 ? 666  THR A N   1 
ATOM   1043 C CA  . THR A 1 130 ? -7.758  -11.637 -7.915  1.00 18.54 ? 666  THR A CA  1 
ATOM   1044 C C   . THR A 1 130 ? -6.666  -10.686 -8.365  1.00 18.17 ? 666  THR A C   1 
ATOM   1045 O O   . THR A 1 130 ? -6.655  -9.519  -7.994  1.00 18.53 ? 666  THR A O   1 
ATOM   1046 C CB  . THR A 1 130 ? -9.007  -11.337 -8.747  1.00 19.32 ? 666  THR A CB  1 
ATOM   1047 O OG1 . THR A 1 130 ? -10.052 -12.266 -8.394  1.00 20.73 ? 666  THR A OG1 1 
ATOM   1048 C CG2 . THR A 1 130 ? -8.664  -11.473 -10.202 1.00 18.85 ? 666  THR A CG2 1 
ATOM   1049 N N   . ILE A 1 131 ? -5.764  -11.166 -9.196  1.00 17.98 ? 667  ILE A N   1 
ATOM   1050 C CA  . ILE A 1 131 ? -4.650  -10.343 -9.650  1.00 18.18 ? 667  ILE A CA  1 
ATOM   1051 C C   . ILE A 1 131 ? -4.663  -10.448 -11.165 1.00 19.27 ? 667  ILE A C   1 
ATOM   1052 O O   . ILE A 1 131 ? -4.475  -11.549 -11.691 1.00 19.49 ? 667  ILE A O   1 
ATOM   1053 C CB  . ILE A 1 131 ? -3.276  -10.854 -9.104  1.00 17.83 ? 667  ILE A CB  1 
ATOM   1054 C CG1 . ILE A 1 131 ? -3.206  -10.790 -7.570  1.00 18.58 ? 667  ILE A CG1 1 
ATOM   1055 C CG2 . ILE A 1 131 ? -2.156  -10.072 -9.709  1.00 15.35 ? 667  ILE A CG2 1 
ATOM   1056 C CD1 . ILE A 1 131 ? -3.323  -9.428  -6.929  1.00 16.47 ? 667  ILE A CD1 1 
ATOM   1057 N N   . LEU A 1 132 ? -4.930  -9.326  -11.845 1.00 19.78 ? 668  LEU A N   1 
ATOM   1058 C CA  . LEU A 1 132 ? -5.068  -9.263  -13.311 1.00 20.34 ? 668  LEU A CA  1 
ATOM   1059 C C   . LEU A 1 132 ? -5.926  -10.391 -13.815 1.00 21.51 ? 668  LEU A C   1 
ATOM   1060 O O   . LEU A 1 132 ? -5.544  -11.098 -14.740 1.00 20.75 ? 668  LEU A O   1 
ATOM   1061 C CB  . LEU A 1 132 ? -3.714  -9.354  -14.020 1.00 20.50 ? 668  LEU A CB  1 
ATOM   1062 C CG  . LEU A 1 132 ? -2.785  -8.176  -13.781 1.00 19.99 ? 668  LEU A CG  1 
ATOM   1063 C CD1 . LEU A 1 132 ? -1.441  -8.486  -14.463 1.00 23.11 ? 668  LEU A CD1 1 
ATOM   1064 C CD2 . LEU A 1 132 ? -3.354  -6.883  -14.301 1.00 17.71 ? 668  LEU A CD2 1 
ATOM   1065 N N   . GLY A 1 133 ? -7.051  -10.605 -13.166 1.00 22.56 ? 669  GLY A N   1 
ATOM   1066 C CA  . GLY A 1 133 ? -7.972  -11.642 -13.610 1.00 24.21 ? 669  GLY A CA  1 
ATOM   1067 C C   . GLY A 1 133 ? -7.817  -13.019 -13.004 1.00 25.15 ? 669  GLY A C   1 
ATOM   1068 O O   . GLY A 1 133 ? -8.800  -13.773 -12.987 1.00 26.78 ? 669  GLY A O   1 
ATOM   1069 N N   . LYS A 1 134 ? -6.621  -13.342 -12.494 1.00 25.99 ? 670  LYS A N   1 
ATOM   1070 C CA  . LYS A 1 134 ? -6.304  -14.677 -11.955 1.00 26.26 ? 670  LYS A CA  1 
ATOM   1071 C C   . LYS A 1 134 ? -6.475  -14.767 -10.443 1.00 26.09 ? 670  LYS A C   1 
ATOM   1072 O O   . LYS A 1 134 ? -6.141  -13.833 -9.712  1.00 23.78 ? 670  LYS A O   1 
ATOM   1073 C CB  . LYS A 1 134 ? -4.865  -15.038 -12.299 1.00 27.08 ? 670  LYS A CB  1 
ATOM   1074 C CG  . LYS A 1 134 ? -4.495  -14.800 -13.758 1.00 29.98 ? 670  LYS A CG  1 
ATOM   1075 C CD  . LYS A 1 134 ? -5.536  -15.385 -14.703 1.00 32.38 ? 670  LYS A CD  1 
ATOM   1076 C CE  . LYS A 1 134 ? -4.939  -16.439 -15.639 1.00 34.22 ? 670  LYS A CE  1 
ATOM   1077 N NZ  . LYS A 1 134 ? -6.033  -17.053 -16.487 1.00 35.20 ? 670  LYS A NZ  1 
ATOM   1078 N N   . ASP A 1 135 ? -7.007  -15.888 -9.974  1.00 25.91 ? 671  ASP A N   1 
ATOM   1079 C CA  . ASP A 1 135 ? -7.206  -16.068 -8.551  1.00 27.22 ? 671  ASP A CA  1 
ATOM   1080 C C   . ASP A 1 135 ? -5.829  -16.201 -7.898  1.00 26.46 ? 671  ASP A C   1 
ATOM   1081 O O   . ASP A 1 135 ? -4.984  -16.981 -8.372  1.00 25.76 ? 671  ASP A O   1 
ATOM   1082 C CB  . ASP A 1 135 ? -8.054  -17.314 -8.286  1.00 27.86 ? 671  ASP A CB  1 
ATOM   1083 C CG  . ASP A 1 135 ? -7.855  -17.865 -6.891  1.00 30.68 ? 671  ASP A CG  1 
ATOM   1084 O OD1 . ASP A 1 135 ? -8.340  -17.229 -5.915  1.00 31.12 ? 671  ASP A OD1 1 
ATOM   1085 O OD2 . ASP A 1 135 ? -7.184  -18.931 -6.775  1.00 33.04 ? 671  ASP A OD2 1 
ATOM   1086 N N   . ALA A 1 136 ? -5.578  -15.407 -6.860  1.00 26.02 ? 672  ALA A N   1 
ATOM   1087 C CA  . ALA A 1 136 ? -4.323  -15.543 -6.091  1.00 25.87 ? 672  ALA A CA  1 
ATOM   1088 C C   . ALA A 1 136 ? -4.582  -16.275 -4.792  1.00 26.04 ? 672  ALA A C   1 
ATOM   1089 O O   . ALA A 1 136 ? -3.662  -16.506 -4.017  1.00 25.64 ? 672  ALA A O   1 
ATOM   1090 C CB  . ALA A 1 136 ? -3.685  -14.170 -5.809  1.00 25.25 ? 672  ALA A CB  1 
ATOM   1091 N N   . GLY A 1 137 ? -5.847  -16.581 -4.535  1.00 26.98 ? 673  GLY A N   1 
ATOM   1092 C CA  . GLY A 1 137 ? -6.274  -17.355 -3.357  1.00 27.40 ? 673  GLY A CA  1 
ATOM   1093 C C   . GLY A 1 137 ? -7.199  -16.586 -2.450  1.00 27.33 ? 673  GLY A C   1 
ATOM   1094 O O   . GLY A 1 137 ? -7.438  -15.388 -2.647  1.00 27.96 ? 673  GLY A O   1 
ATOM   1095 N N   . THR A 1 138 ? -7.731  -17.260 -1.439  1.00 26.99 ? 674  THR A N   1 
ATOM   1096 C CA  . THR A 1 138 ? -8.562  -16.577 -0.473  1.00 26.75 ? 674  THR A CA  1 
ATOM   1097 C C   . THR A 1 138 ? -7.748  -16.297 0.792   1.00 28.35 ? 674  THR A C   1 
ATOM   1098 O O   . THR A 1 138 ? -6.808  -17.014 1.132   1.00 27.16 ? 674  THR A O   1 
ATOM   1099 C CB  . THR A 1 138 ? -9.811  -17.381 -0.150  1.00 26.47 ? 674  THR A CB  1 
ATOM   1100 O OG1 . THR A 1 138 ? -9.425  -18.687 0.253   1.00 23.78 ? 674  THR A OG1 1 
ATOM   1101 C CG2 . THR A 1 138 ? -10.725 -17.455 -1.380  1.00 25.30 ? 674  THR A CG2 1 
ATOM   1102 N N   . LEU A 1 139 ? -8.100  -15.210 1.452   1.00 30.24 ? 675  LEU A N   1 
ATOM   1103 C CA  . LEU A 1 139 ? -7.491  -14.809 2.693   1.00 31.95 ? 675  LEU A CA  1 
ATOM   1104 C C   . LEU A 1 139 ? -8.248  -15.463 3.807   1.00 33.59 ? 675  LEU A C   1 
ATOM   1105 O O   . LEU A 1 139 ? -9.465  -15.376 3.863   1.00 34.03 ? 675  LEU A O   1 
ATOM   1106 C CB  . LEU A 1 139 ? -7.605  -13.295 2.889   1.00 32.11 ? 675  LEU A CB  1 
ATOM   1107 C CG  . LEU A 1 139 ? -6.424  -12.448 2.467   1.00 32.90 ? 675  LEU A CG  1 
ATOM   1108 C CD1 . LEU A 1 139 ? -6.701  -11.061 3.002   1.00 31.57 ? 675  LEU A CD1 1 
ATOM   1109 C CD2 . LEU A 1 139 ? -5.094  -13.019 3.004   1.00 32.44 ? 675  LEU A CD2 1 
ATOM   1110 N N   . ILE A 1 140 ? -7.523  -16.092 4.721   1.00 36.19 ? 676  ILE A N   1 
ATOM   1111 C CA  . ILE A 1 140 ? -8.148  -16.681 5.903   1.00 38.00 ? 676  ILE A CA  1 
ATOM   1112 C C   . ILE A 1 140 ? -8.157  -15.622 7.006   1.00 39.83 ? 676  ILE A C   1 
ATOM   1113 O O   . ILE A 1 140 ? -7.157  -14.940 7.274   1.00 39.95 ? 676  ILE A O   1 
ATOM   1114 C CB  . ILE A 1 140 ? -7.471  -18.014 6.331   1.00 37.68 ? 676  ILE A CB  1 
ATOM   1115 C CG1 . ILE A 1 140 ? -7.828  -19.099 5.318   1.00 37.11 ? 676  ILE A CG1 1 
ATOM   1116 C CG2 . ILE A 1 140 ? -7.943  -18.437 7.708   1.00 38.42 ? 676  ILE A CG2 1 
ATOM   1117 C CD1 . ILE A 1 140 ? -7.109  -20.389 5.515   1.00 38.59 ? 676  ILE A CD1 1 
ATOM   1118 N N   . GLU A 1 141 ? -9.324  -15.502 7.622   1.00 41.61 ? 677  GLU A N   1 
ATOM   1119 C CA  . GLU A 1 141 ? -9.664  -14.393 8.495   1.00 43.19 ? 677  GLU A CA  1 
ATOM   1120 C C   . GLU A 1 141 ? -8.930  -14.432 9.849   1.00 43.25 ? 677  GLU A C   1 
ATOM   1121 O O   . GLU A 1 141 ? -9.549  -14.538 10.925  1.00 43.77 ? 677  GLU A O   1 
ATOM   1122 C CB  . GLU A 1 141 ? -11.181 -14.434 8.705   1.00 43.29 ? 677  GLU A CB  1 
ATOM   1123 C CG  . GLU A 1 141 ? -11.787 -13.130 9.183   1.00 44.77 ? 677  GLU A CG  1 
ATOM   1124 C CD  . GLU A 1 141 ? -13.144 -13.345 9.803   1.00 45.12 ? 677  GLU A CD  1 
ATOM   1125 O OE1 . GLU A 1 141 ? -13.699 -14.464 9.645   1.00 49.00 ? 677  GLU A OE1 1 
ATOM   1126 O OE2 . GLU A 1 141 ? -13.647 -12.406 10.465  1.00 45.02 ? 677  GLU A OE2 1 
ATOM   1127 N N   . VAL A 1 150 ? -9.992  3.615   11.209  1.00 21.23 ? 686  VAL A N   1 
ATOM   1128 C CA  . VAL A 1 150 ? -8.849  4.498   11.016  1.00 20.13 ? 686  VAL A CA  1 
ATOM   1129 C C   . VAL A 1 150 ? -7.819  3.806   10.097  1.00 19.76 ? 686  VAL A C   1 
ATOM   1130 O O   . VAL A 1 150 ? -7.497  2.666   10.307  1.00 19.01 ? 686  VAL A O   1 
ATOM   1131 C CB  . VAL A 1 150 ? -8.198  4.866   12.364  1.00 20.22 ? 686  VAL A CB  1 
ATOM   1132 C CG1 . VAL A 1 150 ? -6.844  5.592   12.166  1.00 19.68 ? 686  VAL A CG1 1 
ATOM   1133 C CG2 . VAL A 1 150 ? -9.140  5.737   13.171  1.00 21.18 ? 686  VAL A CG2 1 
ATOM   1134 N N   . GLU A 1 151 ? -7.330  4.510   9.087   1.00 19.40 ? 687  GLU A N   1 
ATOM   1135 C CA  . GLU A 1 151 ? -6.397  3.933   8.095   1.00 18.58 ? 687  GLU A CA  1 
ATOM   1136 C C   . GLU A 1 151 ? -5.038  4.574   8.275   1.00 17.93 ? 687  GLU A C   1 
ATOM   1137 O O   . GLU A 1 151 ? -4.876  5.774   8.035   1.00 18.16 ? 687  GLU A O   1 
ATOM   1138 C CB  . GLU A 1 151 ? -6.923  4.192   6.684   1.00 19.17 ? 687  GLU A CB  1 
ATOM   1139 C CG  . GLU A 1 151 ? -8.286  3.606   6.435   1.00 18.38 ? 687  GLU A CG  1 
ATOM   1140 C CD  . GLU A 1 151 ? -8.882  3.979   5.053   1.00 22.36 ? 687  GLU A CD  1 
ATOM   1141 O OE1 . GLU A 1 151 ? -8.161  3.990   4.034   1.00 26.42 ? 687  GLU A OE1 1 
ATOM   1142 O OE2 . GLU A 1 151 ? -10.106 4.267   4.982   1.00 27.85 ? 687  GLU A OE2 1 
ATOM   1143 N N   . SER A 1 152 ? -4.068  3.749   8.663   1.00 16.91 ? 688  SER A N   1 
ATOM   1144 C CA  . SER A 1 152 ? -2.737  4.168   9.059   1.00 17.76 ? 688  SER A CA  1 
ATOM   1145 C C   . SER A 1 152 ? -1.712  3.949   7.944   1.00 17.34 ? 688  SER A C   1 
ATOM   1146 O O   . SER A 1 152 ? -0.602  4.438   8.036   1.00 19.16 ? 688  SER A O   1 
ATOM   1147 C CB  . SER A 1 152 ? -2.331  3.343   10.273  1.00 17.04 ? 688  SER A CB  1 
ATOM   1148 O OG  . SER A 1 152 ? -2.741  2.006   10.059  1.00 15.58 ? 688  SER A OG  1 
ATOM   1149 N N   . ALA A 1 153 ? -2.107  3.263   6.872   1.00 17.61 ? 689  ALA A N   1 
ATOM   1150 C CA  . ALA A 1 153 ? -1.144  2.890   5.787   1.00 17.64 ? 689  ALA A CA  1 
ATOM   1151 C C   . ALA A 1 153 ? -1.636  3.306   4.400   1.00 17.00 ? 689  ALA A C   1 
ATOM   1152 O O   . ALA A 1 153 ? -1.510  2.558   3.411   1.00 17.17 ? 689  ALA A O   1 
ATOM   1153 C CB  . ALA A 1 153 ? -0.870  1.373   5.844   1.00 17.39 ? 689  ALA A CB  1 
ATOM   1154 N N   . VAL A 1 154 ? -2.199  4.515   4.313   1.00 16.54 ? 690  VAL A N   1 
ATOM   1155 C CA  . VAL A 1 154 ? -2.529  5.092   3.045   1.00 16.25 ? 690  VAL A CA  1 
ATOM   1156 C C   . VAL A 1 154 ? -1.688  6.356   2.702   1.00 16.60 ? 690  VAL A C   1 
ATOM   1157 O O   . VAL A 1 154 ? -1.142  6.464   1.607   1.00 15.54 ? 690  VAL A O   1 
ATOM   1158 C CB  . VAL A 1 154 ? -4.062  5.367   3.010   1.00 15.86 ? 690  VAL A CB  1 
ATOM   1159 C CG1 . VAL A 1 154 ? -4.492  6.051   1.710   1.00 17.33 ? 690  VAL A CG1 1 
ATOM   1160 C CG2 . VAL A 1 154 ? -4.845  4.047   3.219   1.00 17.87 ? 690  VAL A CG2 1 
ATOM   1161 N N   . LEU A 1 155 ? -1.622  7.334   3.603   1.00 16.45 ? 691  LEU A N   1 
ATOM   1162 C CA  . LEU A 1 155 ? -0.804  8.532   3.403   1.00 16.23 ? 691  LEU A CA  1 
ATOM   1163 C C   . LEU A 1 155 ? 0.368   8.585   4.372   1.00 16.55 ? 691  LEU A C   1 
ATOM   1164 O O   . LEU A 1 155 ? 0.230   8.269   5.551   1.00 16.07 ? 691  LEU A O   1 
ATOM   1165 C CB  . LEU A 1 155 ? -1.624  9.797   3.644   1.00 16.63 ? 691  LEU A CB  1 
ATOM   1166 C CG  . LEU A 1 155 ? -2.766  10.010  2.648   1.00 18.18 ? 691  LEU A CG  1 
ATOM   1167 C CD1 . LEU A 1 155 ? -3.690  11.115  3.112   1.00 21.16 ? 691  LEU A CD1 1 
ATOM   1168 C CD2 . LEU A 1 155 ? -2.189  10.305  1.258   1.00 15.31 ? 691  LEU A CD2 1 
ATOM   1169 N N   . ARG A 1 156 ? 1.471   9.121   3.893   1.00 17.01 ? 692  ARG A N   1 
ATOM   1170 C CA  . ARG A 1 156 ? 2.702   9.204   4.692   1.00 18.31 ? 692  ARG A CA  1 
ATOM   1171 C C   . ARG A 1 156 ? 2.578   10.437  5.608   1.00 18.06 ? 692  ARG A C   1 
ATOM   1172 O O   . ARG A 1 156 ? 2.576   11.541  5.096   1.00 17.85 ? 692  ARG A O   1 
ATOM   1173 C CB  . ARG A 1 156 ? 3.897   9.419   3.781   1.00 18.53 ? 692  ARG A CB  1 
ATOM   1174 C CG  . ARG A 1 156 ? 5.190   9.158   4.446   1.00 21.57 ? 692  ARG A CG  1 
ATOM   1175 C CD  . ARG A 1 156 ? 6.327   9.896   3.771   1.00 24.60 ? 692  ARG A CD  1 
ATOM   1176 N NE  . ARG A 1 156 ? 6.341   9.865   2.306   1.00 24.38 ? 692  ARG A NE  1 
ATOM   1177 C CZ  . ARG A 1 156 ? 7.217   9.196   1.553   1.00 23.53 ? 692  ARG A CZ  1 
ATOM   1178 N NH1 . ARG A 1 156 ? 8.166   8.422   2.075   1.00 23.39 ? 692  ARG A NH1 1 
ATOM   1179 N NH2 . ARG A 1 156 ? 7.125   9.285   0.248   1.00 24.80 ? 692  ARG A NH2 1 
ATOM   1180 N N   . GLY A 1 157 ? 2.419   10.232  6.905   1.00 18.37 ? 693  GLY A N   1 
ATOM   1181 C CA  . GLY A 1 157 ? 2.373   11.325  7.875   1.00 18.75 ? 693  GLY A CA  1 
ATOM   1182 C C   . GLY A 1 157 ? 0.983   11.695  8.350   1.00 19.23 ? 693  GLY A C   1 
ATOM   1183 O O   . GLY A 1 157 ? 0.842   12.639  9.144   1.00 17.45 ? 693  GLY A O   1 
ATOM   1184 N N   . PHE A 1 158 ? -0.013  10.926  7.893   1.00 19.72 ? 694  PHE A N   1 
ATOM   1185 C CA  . PHE A 1 158 ? -1.415  11.192  8.152   1.00 21.30 ? 694  PHE A CA  1 
ATOM   1186 C C   . PHE A 1 158 ? -2.118  9.902   8.533   1.00 21.21 ? 694  PHE A C   1 
ATOM   1187 O O   . PHE A 1 158 ? -1.638  8.799   8.214   1.00 22.55 ? 694  PHE A O   1 
ATOM   1188 C CB  . PHE A 1 158 ? -2.119  11.780  6.929   1.00 20.28 ? 694  PHE A CB  1 
ATOM   1189 C CG  . PHE A 1 158 ? -1.553  13.100  6.481   1.00 21.64 ? 694  PHE A CG  1 
ATOM   1190 C CD1 . PHE A 1 158 ? -2.214  14.295  6.786   1.00 21.50 ? 694  PHE A CD1 1 
ATOM   1191 C CD2 . PHE A 1 158 ? -0.362  13.154  5.760   1.00 22.19 ? 694  PHE A CD2 1 
ATOM   1192 C CE1 . PHE A 1 158 ? -1.692  15.497  6.376   1.00 21.21 ? 694  PHE A CE1 1 
ATOM   1193 C CE2 . PHE A 1 158 ? 0.158   14.339  5.363   1.00 22.01 ? 694  PHE A CE2 1 
ATOM   1194 C CZ  . PHE A 1 158 ? -0.489  15.517  5.669   1.00 21.80 ? 694  PHE A CZ  1 
ATOM   1195 N N   . LEU A 1 159 ? -3.215  10.068  9.261   1.00 20.33 ? 695  LEU A N   1 
ATOM   1196 C CA  . LEU A 1 159 ? -4.210  9.023   9.472   1.00 20.95 ? 695  LEU A CA  1 
ATOM   1197 C C   . LEU A 1 159 ? -5.477  9.460   8.795   1.00 21.03 ? 695  LEU A C   1 
ATOM   1198 O O   . LEU A 1 159 ? -5.867  10.622  8.882   1.00 22.09 ? 695  LEU A O   1 
ATOM   1199 C CB  . LEU A 1 159 ? -4.534  8.853   10.953  1.00 21.02 ? 695  LEU A CB  1 
ATOM   1200 C CG  . LEU A 1 159 ? -3.412  8.545   11.930  1.00 21.11 ? 695  LEU A CG  1 
ATOM   1201 C CD1 . LEU A 1 159 ? -4.018  8.417   13.320  1.00 17.44 ? 695  LEU A CD1 1 
ATOM   1202 C CD2 . LEU A 1 159 ? -2.672  7.228   11.499  1.00 22.68 ? 695  LEU A CD2 1 
ATOM   1203 N N   . ILE A 1 160 ? -6.151  8.515   8.168   1.00 21.05 ? 696  ILE A N   1 
ATOM   1204 C CA  . ILE A 1 160 ? -7.501  8.700   7.690   1.00 21.45 ? 696  ILE A CA  1 
ATOM   1205 C C   . ILE A 1 160 ? -8.422  8.362   8.873   1.00 21.89 ? 696  ILE A C   1 
ATOM   1206 O O   . ILE A 1 160 ? -8.455  7.239   9.372   1.00 22.50 ? 696  ILE A O   1 
ATOM   1207 C CB  . ILE A 1 160 ? -7.797  7.836   6.435   1.00 20.85 ? 696  ILE A CB  1 
ATOM   1208 C CG1 . ILE A 1 160 ? -6.806  8.155   5.315   1.00 21.09 ? 696  ILE A CG1 1 
ATOM   1209 C CG2 . ILE A 1 160 ? -9.210  8.098   5.920   1.00 20.62 ? 696  ILE A CG2 1 
ATOM   1210 C CD1 . ILE A 1 160 ? -7.166  7.503   3.982   1.00 21.65 ? 696  ILE A CD1 1 
ATOM   1211 N N   . LEU A 1 161 ? -9.097  9.377   9.369   1.00 21.83 ? 697  LEU A N   1 
ATOM   1212 C CA  . LEU A 1 161 ? -9.953  9.241   10.545  1.00 22.70 ? 697  LEU A CA  1 
ATOM   1213 C C   . LEU A 1 161 ? -11.311 8.655   10.169  1.00 23.01 ? 697  LEU A C   1 
ATOM   1214 O O   . LEU A 1 161 ? -11.965 7.941   10.957  1.00 24.82 ? 697  LEU A O   1 
ATOM   1215 C CB  . LEU A 1 161 ? -10.131 10.612  11.175  1.00 22.29 ? 697  LEU A CB  1 
ATOM   1216 C CG  . LEU A 1 161 ? -8.828  11.128  11.757  1.00 23.09 ? 697  LEU A CG  1 
ATOM   1217 C CD1 . LEU A 1 161 ? -9.113  12.375  12.573  1.00 25.62 ? 697  LEU A CD1 1 
ATOM   1218 C CD2 . LEU A 1 161 ? -8.198  10.056  12.634  1.00 24.35 ? 697  LEU A CD2 1 
ATOM   1219 N N   . GLY A 1 162 ? -11.746 8.943   8.961   1.00 23.35 ? 698  GLY A N   1 
ATOM   1220 C CA  . GLY A 1 162 ? -13.058 8.455   8.526   1.00 23.54 ? 698  GLY A CA  1 
ATOM   1221 C C   . GLY A 1 162 ? -13.625 9.269   7.401   1.00 23.80 ? 698  GLY A C   1 
ATOM   1222 O O   . GLY A 1 162 ? -12.921 10.022  6.751   1.00 22.99 ? 698  GLY A O   1 
ATOM   1223 N N   . LYS A 1 163 ? -14.921 9.122   7.177   1.00 25.10 ? 699  LYS A N   1 
ATOM   1224 C CA  . LYS A 1 163 ? -15.577 9.777   6.076   1.00 26.82 ? 699  LYS A CA  1 
ATOM   1225 C C   . LYS A 1 163 ? -15.449 11.295  6.194   1.00 26.71 ? 699  LYS A C   1 
ATOM   1226 O O   . LYS A 1 163 ? -14.999 11.806  7.223   1.00 25.16 ? 699  LYS A O   1 
ATOM   1227 C CB  . LYS A 1 163 ? -17.042 9.370   6.025   1.00 28.08 ? 699  LYS A CB  1 
ATOM   1228 C CG  . LYS A 1 163 ? -17.837 9.850   7.197   1.00 29.06 ? 699  LYS A CG  1 
ATOM   1229 C CD  . LYS A 1 163 ? -19.238 9.254   7.228   1.00 30.55 ? 699  LYS A CD  1 
ATOM   1230 C CE  . LYS A 1 163 ? -20.029 9.840   8.404   1.00 34.72 ? 699  LYS A CE  1 
ATOM   1231 N NZ  . LYS A 1 163 ? -21.495 9.878   8.078   1.00 38.27 ? 699  LYS A NZ  1 
ATOM   1232 N N   . GLU A 1 164 ? -15.803 11.983  5.112   1.00 27.28 ? 700  GLU A N   1 
ATOM   1233 C CA  . GLU A 1 164 ? -15.694 13.450  5.014   1.00 27.95 ? 700  GLU A CA  1 
ATOM   1234 C C   . GLU A 1 164 ? -16.428 14.119  6.187   1.00 27.78 ? 700  GLU A C   1 
ATOM   1235 O O   . GLU A 1 164 ? -17.508 13.697  6.549   1.00 26.90 ? 700  GLU A O   1 
ATOM   1236 C CB  . GLU A 1 164 ? -16.279 13.889  3.674   1.00 28.38 ? 700  GLU A CB  1 
ATOM   1237 C CG  . GLU A 1 164 ? -16.380 15.398  3.453   1.00 28.45 ? 700  GLU A CG  1 
ATOM   1238 C CD  . GLU A 1 164 ? -16.702 15.774  2.008   1.00 30.95 ? 700  GLU A CD  1 
ATOM   1239 O OE1 . GLU A 1 164 ? -17.460 15.028  1.354   1.00 37.62 ? 700  GLU A OE1 1 
ATOM   1240 O OE2 . GLU A 1 164 ? -16.204 16.823  1.536   1.00 35.68 ? 700  GLU A OE2 1 
ATOM   1241 N N   . ASP A 1 165 ? -15.789 15.105  6.822   1.00 28.03 ? 701  ASP A N   1 
ATOM   1242 C CA  . ASP A 1 165 ? -16.457 15.954  7.797   1.00 28.31 ? 701  ASP A CA  1 
ATOM   1243 C C   . ASP A 1 165 ? -16.443 17.388  7.247   1.00 27.98 ? 701  ASP A C   1 
ATOM   1244 O O   . ASP A 1 165 ? -15.436 18.081  7.325   1.00 27.53 ? 701  ASP A O   1 
ATOM   1245 C CB  . ASP A 1 165 ? -15.773 15.847  9.158   1.00 27.77 ? 701  ASP A CB  1 
ATOM   1246 C CG  . ASP A 1 165 ? -16.557 16.511  10.272  1.00 30.71 ? 701  ASP A CG  1 
ATOM   1247 O OD1 . ASP A 1 165 ? -17.347 17.452  10.005  1.00 31.31 ? 701  ASP A OD1 1 
ATOM   1248 O OD2 . ASP A 1 165 ? -16.376 16.083  11.432  1.00 31.16 ? 701  ASP A OD2 1 
ATOM   1249 N N   . ARG A 1 166 ? -17.560 17.776  6.642   1.00 28.48 ? 702  ARG A N   1 
ATOM   1250 C CA  . ARG A 1 166 ? -17.794 19.143  6.106   1.00 29.74 ? 702  ARG A CA  1 
ATOM   1251 C C   . ARG A 1 166 ? -17.310 20.324  6.948   1.00 29.74 ? 702  ARG A C   1 
ATOM   1252 O O   . ARG A 1 166 ? -17.054 21.397  6.394   1.00 30.34 ? 702  ARG A O   1 
ATOM   1253 C CB  . ARG A 1 166 ? -19.300 19.371  5.867   1.00 30.04 ? 702  ARG A CB  1 
ATOM   1254 C CG  . ARG A 1 166 ? -19.776 19.075  4.474   1.00 32.61 ? 702  ARG A CG  1 
ATOM   1255 C CD  . ARG A 1 166 ? -21.163 19.684  4.267   1.00 32.97 ? 702  ARG A CD  1 
ATOM   1256 N NE  . ARG A 1 166 ? -22.018 19.173  5.311   1.00 35.90 ? 702  ARG A NE  1 
ATOM   1257 C CZ  . ARG A 1 166 ? -22.821 18.121  5.191   1.00 37.84 ? 702  ARG A CZ  1 
ATOM   1258 N NH1 . ARG A 1 166 ? -22.947 17.473  4.033   1.00 40.19 ? 702  ARG A NH1 1 
ATOM   1259 N NH2 . ARG A 1 166 ? -23.542 17.747  6.232   1.00 37.02 ? 702  ARG A NH2 1 
ATOM   1260 N N   . ARG A 1 167 ? -17.232 20.149  8.271   1.00 28.77 ? 703  ARG A N   1 
ATOM   1261 C CA  . ARG A 1 167 ? -16.748 21.199  9.177   1.00 28.38 ? 703  ARG A CA  1 
ATOM   1262 C C   . ARG A 1 167 ? -15.337 21.590  8.881   1.00 27.56 ? 703  ARG A C   1 
ATOM   1263 O O   . ARG A 1 167 ? -14.934 22.703  9.175   1.00 28.47 ? 703  ARG A O   1 
ATOM   1264 C CB  . ARG A 1 167 ? -16.844 20.742  10.643  1.00 28.12 ? 703  ARG A CB  1 
ATOM   1265 C CG  . ARG A 1 167 ? -18.286 20.589  11.115  1.00 28.10 ? 703  ARG A CG  1 
ATOM   1266 C CD  . ARG A 1 167 ? -18.325 20.149  12.566  1.00 28.37 ? 703  ARG A CD  1 
ATOM   1267 N NE  . ARG A 1 167 ? -17.625 18.879  12.728  1.00 27.29 ? 703  ARG A NE  1 
ATOM   1268 C CZ  . ARG A 1 167 ? -17.122 18.432  13.868  1.00 28.14 ? 703  ARG A CZ  1 
ATOM   1269 N NH1 . ARG A 1 167 ? -17.255 19.112  14.994  1.00 28.37 ? 703  ARG A NH1 1 
ATOM   1270 N NH2 . ARG A 1 167 ? -16.501 17.276  13.882  1.00 27.79 ? 703  ARG A NH2 1 
ATOM   1271 N N   . TYR A 1 168 ? -14.570 20.649  8.332   1.00 25.96 ? 704  TYR A N   1 
ATOM   1272 C CA  . TYR A 1 168 ? -13.215 20.926  7.960   1.00 25.28 ? 704  TYR A CA  1 
ATOM   1273 C C   . TYR A 1 168 ? -13.132 21.476  6.538   1.00 25.92 ? 704  TYR A C   1 
ATOM   1274 O O   . TYR A 1 168 ? -12.054 21.744  6.055   1.00 26.68 ? 704  TYR A O   1 
ATOM   1275 C CB  . TYR A 1 168 ? -12.309 19.687  8.248   1.00 24.13 ? 704  TYR A CB  1 
ATOM   1276 C CG  . TYR A 1 168 ? -12.357 19.295  9.735   1.00 21.06 ? 704  TYR A CG  1 
ATOM   1277 C CD1 . TYR A 1 168 ? -11.415 19.783  10.649  1.00 22.86 ? 704  TYR A CD1 1 
ATOM   1278 C CD2 . TYR A 1 168 ? -13.328 18.439  10.208  1.00 21.11 ? 704  TYR A CD2 1 
ATOM   1279 C CE1 . TYR A 1 168 ? -11.456 19.433  11.980  1.00 20.82 ? 704  TYR A CE1 1 
ATOM   1280 C CE2 . TYR A 1 168 ? -13.398 18.089  11.546  1.00 23.28 ? 704  TYR A CE2 1 
ATOM   1281 C CZ  . TYR A 1 168 ? -12.456 18.594  12.425  1.00 22.97 ? 704  TYR A CZ  1 
ATOM   1282 O OH  . TYR A 1 168 ? -12.507 18.253  13.747  1.00 23.55 ? 704  TYR A OH  1 
ATOM   1283 N N   . GLY A 1 169 ? -14.276 21.690  5.882   1.00 27.34 ? 705  GLY A N   1 
ATOM   1284 C CA  . GLY A 1 169 ? -14.308 22.471  4.653   1.00 28.45 ? 705  GLY A CA  1 
ATOM   1285 C C   . GLY A 1 169 ? -14.122 21.660  3.388   1.00 29.43 ? 705  GLY A C   1 
ATOM   1286 O O   . GLY A 1 169 ? -14.280 20.432  3.402   1.00 29.70 ? 705  GLY A O   1 
ATOM   1287 N N   . PRO A 1 170 ? -13.881 22.356  2.262   1.00 30.37 ? 706  PRO A N   1 
ATOM   1288 C CA  . PRO A 1 170 ? -13.482 21.752  0.985   1.00 30.27 ? 706  PRO A CA  1 
ATOM   1289 C C   . PRO A 1 170 ? -12.275 20.831  1.053   1.00 29.43 ? 706  PRO A C   1 
ATOM   1290 O O   . PRO A 1 170 ? -11.271 21.141  1.694   1.00 29.59 ? 706  PRO A O   1 
ATOM   1291 C CB  . PRO A 1 170 ? -13.129 22.966  0.110   1.00 30.67 ? 706  PRO A CB  1 
ATOM   1292 C CG  . PRO A 1 170 ? -13.946 24.097  0.705   1.00 31.02 ? 706  PRO A CG  1 
ATOM   1293 C CD  . PRO A 1 170 ? -14.041 23.828  2.157   1.00 31.06 ? 706  PRO A CD  1 
ATOM   1294 N N   . ALA A 1 171 ? -12.374 19.745  0.308   1.00 29.60 ? 707  ALA A N   1 
ATOM   1295 C CA  . ALA A 1 171 ? -11.348 18.724  0.238   1.00 29.25 ? 707  ALA A CA  1 
ATOM   1296 C C   . ALA A 1 171 ? -10.085 19.226  -0.483  1.00 29.38 ? 707  ALA A C   1 
ATOM   1297 O O   . ALA A 1 171 ? -10.180 19.891  -1.521  1.00 29.07 ? 707  ALA A O   1 
ATOM   1298 C CB  . ALA A 1 171 ? -11.929 17.509  -0.466  1.00 29.04 ? 707  ALA A CB  1 
ATOM   1299 N N   . LEU A 1 172 ? -8.919  18.927  0.082   1.00 29.24 ? 708  LEU A N   1 
ATOM   1300 C CA  . LEU A 1 172 ? -7.629  19.195  -0.563  1.00 29.72 ? 708  LEU A CA  1 
ATOM   1301 C C   . LEU A 1 172 ? -7.298  18.003  -1.452  1.00 30.50 ? 708  LEU A C   1 
ATOM   1302 O O   . LEU A 1 172 ? -7.823  16.894  -1.265  1.00 30.11 ? 708  LEU A O   1 
ATOM   1303 C CB  . LEU A 1 172 ? -6.523  19.327  0.479   1.00 29.90 ? 708  LEU A CB  1 
ATOM   1304 C CG  . LEU A 1 172 ? -6.567  20.546  1.399   1.00 30.57 ? 708  LEU A CG  1 
ATOM   1305 C CD1 . LEU A 1 172 ? -7.990  20.767  1.891   1.00 30.98 ? 708  LEU A CD1 1 
ATOM   1306 C CD2 . LEU A 1 172 ? -5.600  20.416  2.553   1.00 28.97 ? 708  LEU A CD2 1 
ATOM   1307 N N   . SER A 1 173 ? -6.420  18.215  -2.420  1.00 31.27 ? 709  SER A N   1 
ATOM   1308 C CA  . SER A 1 173 ? -5.854  17.085  -3.119  1.00 32.53 ? 709  SER A CA  1 
ATOM   1309 C C   . SER A 1 173 ? -4.704  16.567  -2.251  1.00 33.38 ? 709  SER A C   1 
ATOM   1310 O O   . SER A 1 173 ? -4.173  17.292  -1.413  1.00 32.82 ? 709  SER A O   1 
ATOM   1311 C CB  . SER A 1 173 ? -5.392  17.479  -4.536  1.00 32.25 ? 709  SER A CB  1 
ATOM   1312 O OG  . SER A 1 173 ? -4.362  18.445  -4.489  1.00 32.70 ? 709  SER A OG  1 
ATOM   1313 N N   . ILE A 1 174 ? -4.353  15.298  -2.431  1.00 34.95 ? 710  ILE A N   1 
ATOM   1314 C CA  . ILE A 1 174 ? -3.205  14.683  -1.760  1.00 37.37 ? 710  ILE A CA  1 
ATOM   1315 C C   . ILE A 1 174 ? -1.945  15.578  -1.844  1.00 37.97 ? 710  ILE A C   1 
ATOM   1316 O O   . ILE A 1 174 ? -1.098  15.547  -0.947  1.00 38.83 ? 710  ILE A O   1 
ATOM   1317 C CB  . ILE A 1 174 ? -2.922  13.259  -2.383  1.00 37.46 ? 710  ILE A CB  1 
ATOM   1318 C CG1 . ILE A 1 174 ? -4.024  12.273  -1.994  1.00 37.14 ? 710  ILE A CG1 1 
ATOM   1319 C CG2 . ILE A 1 174 ? -1.567  12.702  -1.970  1.00 37.86 ? 710  ILE A CG2 1 
ATOM   1320 C CD1 . ILE A 1 174 ? -4.124  11.100  -2.941  1.00 38.21 ? 710  ILE A CD1 1 
ATOM   1321 N N   . ASN A 1 175 ? -1.835  16.375  -2.913  1.00 39.18 ? 711  ASN A N   1 
ATOM   1322 C CA  . ASN A 1 175 ? -0.682  17.287  -3.111  1.00 40.16 ? 711  ASN A CA  1 
ATOM   1323 C C   . ASN A 1 175 ? -0.649  18.539  -2.226  1.00 40.85 ? 711  ASN A C   1 
ATOM   1324 O O   . ASN A 1 175 ? 0.429   19.082  -1.950  1.00 41.30 ? 711  ASN A O   1 
ATOM   1325 C CB  . ASN A 1 175 ? -0.602  17.733  -4.583  1.00 41.03 ? 711  ASN A CB  1 
ATOM   1326 C CG  . ASN A 1 175 ? -0.065  16.658  -5.487  1.00 43.13 ? 711  ASN A CG  1 
ATOM   1327 O OD1 . ASN A 1 175 ? 0.654   15.765  -5.030  1.00 47.74 ? 711  ASN A OD1 1 
ATOM   1328 N ND2 . ASN A 1 175 ? -0.389  16.740  -6.791  1.00 46.17 ? 711  ASN A ND2 1 
ATOM   1329 N N   . GLU A 1 176 ? -1.815  18.992  -1.781  1.00 41.09 ? 712  GLU A N   1 
ATOM   1330 C CA  . GLU A 1 176 ? -1.900  20.212  -0.984  1.00 41.64 ? 712  GLU A CA  1 
ATOM   1331 C C   . GLU A 1 176 ? -1.722  20.029  0.540   1.00 41.51 ? 712  GLU A C   1 
ATOM   1332 O O   . GLU A 1 176 ? -1.926  20.971  1.317   1.00 41.54 ? 712  GLU A O   1 
ATOM   1333 C CB  . GLU A 1 176 ? -3.232  20.871  -1.262  1.00 41.90 ? 712  GLU A CB  1 
ATOM   1334 C CG  . GLU A 1 176 ? -3.442  21.225  -2.712  1.00 42.38 ? 712  GLU A CG  1 
ATOM   1335 C CD  . GLU A 1 176 ? -4.771  21.902  -2.920  1.00 42.77 ? 712  GLU A CD  1 
ATOM   1336 O OE1 . GLU A 1 176 ? -4.829  23.131  -2.654  1.00 44.94 ? 712  GLU A OE1 1 
ATOM   1337 O OE2 . GLU A 1 176 ? -5.737  21.208  -3.336  1.00 40.68 ? 712  GLU A OE2 1 
ATOM   1338 N N   . LEU A 1 177 ? -1.304  18.844  0.969   1.00 41.39 ? 713  LEU A N   1 
ATOM   1339 C CA  . LEU A 1 177 ? -1.259  18.512  2.395   1.00 41.20 ? 713  LEU A CA  1 
ATOM   1340 C C   . LEU A 1 177 ? 0.016   18.975  3.045   1.00 41.89 ? 713  LEU A C   1 
ATOM   1341 O O   . LEU A 1 177 ? 0.155   18.893  4.269   1.00 41.43 ? 713  LEU A O   1 
ATOM   1342 C CB  . LEU A 1 177 ? -1.396  17.004  2.601   1.00 41.14 ? 713  LEU A CB  1 
ATOM   1343 C CG  . LEU A 1 177 ? -2.686  16.351  2.109   1.00 40.29 ? 713  LEU A CG  1 
ATOM   1344 C CD1 . LEU A 1 177 ? -2.589  14.856  2.336   1.00 40.20 ? 713  LEU A CD1 1 
ATOM   1345 C CD2 . LEU A 1 177 ? -3.907  16.924  2.812   1.00 40.68 ? 713  LEU A CD2 1 
ATOM   1346 N N   . SER A 1 178 ? 0.954   19.454  2.228   1.00 42.48 ? 714  SER A N   1 
ATOM   1347 C CA  . SER A 1 178 ? 2.200   20.037  2.735   1.00 43.25 ? 714  SER A CA  1 
ATOM   1348 C C   . SER A 1 178 ? 1.907   21.174  3.713   1.00 43.30 ? 714  SER A C   1 
ATOM   1349 O O   . SER A 1 178 ? 2.670   21.403  4.664   1.00 43.95 ? 714  SER A O   1 
ATOM   1350 C CB  . SER A 1 178 ? 3.072   20.586  1.588   1.00 43.46 ? 714  SER A CB  1 
ATOM   1351 O OG  . SER A 1 178 ? 2.967   19.829  0.387   1.00 44.86 ? 714  SER A OG  1 
ATOM   1352 N N   . ASN A 1 179 ? 0.799   21.873  3.468   1.00 43.26 ? 715  ASN A N   1 
ATOM   1353 C CA  . ASN A 1 179 ? 0.435   23.060  4.239   1.00 43.22 ? 715  ASN A CA  1 
ATOM   1354 C C   . ASN A 1 179 ? -0.259  22.810  5.587   1.00 42.17 ? 715  ASN A C   1 
ATOM   1355 O O   . ASN A 1 179 ? -0.467  23.756  6.350   1.00 42.04 ? 715  ASN A O   1 
ATOM   1356 C CB  . ASN A 1 179 ? -0.444  23.972  3.381   1.00 43.33 ? 715  ASN A CB  1 
ATOM   1357 C CG  . ASN A 1 179 ? 0.280   24.488  2.161   1.00 45.45 ? 715  ASN A CG  1 
ATOM   1358 O OD1 . ASN A 1 179 ? 0.261   25.685  1.874   1.00 47.72 ? 715  ASN A OD1 1 
ATOM   1359 N ND2 . ASN A 1 179 ? 0.939   23.582  1.433   1.00 48.70 ? 715  ASN A ND2 1 
ATOM   1360 N N   . LEU A 1 180 ? -0.616  21.564  5.898   1.00 40.47 ? 716  LEU A N   1 
ATOM   1361 C CA  . LEU A 1 180 ? -1.234  21.286  7.190   1.00 39.26 ? 716  LEU A CA  1 
ATOM   1362 C C   . LEU A 1 180 ? -0.188  21.328  8.308   1.00 38.26 ? 716  LEU A C   1 
ATOM   1363 O O   . LEU A 1 180 ? 0.960   20.949  8.112   1.00 37.83 ? 716  LEU A O   1 
ATOM   1364 C CB  . LEU A 1 180 ? -1.972  19.937  7.190   1.00 39.16 ? 716  LEU A CB  1 
ATOM   1365 C CG  . LEU A 1 180 ? -3.299  19.812  6.431   1.00 38.87 ? 716  LEU A CG  1 
ATOM   1366 C CD1 . LEU A 1 180 ? -4.072  18.610  6.963   1.00 38.24 ? 716  LEU A CD1 1 
ATOM   1367 C CD2 . LEU A 1 180 ? -4.186  21.051  6.513   1.00 39.16 ? 716  LEU A CD2 1 
ATOM   1368 N N   . ALA A 1 181 ? -0.582  21.823  9.478   1.00 36.99 ? 717  ALA A N   1 
ATOM   1369 C CA  . ALA A 1 181 ? 0.252   21.686  10.663  1.00 36.38 ? 717  ALA A CA  1 
ATOM   1370 C C   . ALA A 1 181 ? -0.059  20.334  11.312  1.00 35.73 ? 717  ALA A C   1 
ATOM   1371 O O   . ALA A 1 181 ? -1.092  19.721  11.024  1.00 34.88 ? 717  ALA A O   1 
ATOM   1372 C CB  . ALA A 1 181 ? -0.011  22.818  11.631  1.00 36.33 ? 717  ALA A CB  1 
ATOM   1373 N N   . LYS A 1 182 ? 0.833   19.877  12.184  1.00 35.42 ? 718  LYS A N   1 
ATOM   1374 C CA  . LYS A 1 182 ? 0.641   18.631  12.899  1.00 35.56 ? 718  LYS A CA  1 
ATOM   1375 C C   . LYS A 1 182 ? -0.602  18.737  13.758  1.00 34.72 ? 718  LYS A C   1 
ATOM   1376 O O   . LYS A 1 182 ? -0.946  19.821  14.238  1.00 34.90 ? 718  LYS A O   1 
ATOM   1377 C CB  . LYS A 1 182 ? 1.849   18.323  13.784  1.00 35.64 ? 718  LYS A CB  1 
ATOM   1378 C CG  . LYS A 1 182 ? 3.164   18.107  13.025  1.00 37.44 ? 718  LYS A CG  1 
ATOM   1379 C CD  . LYS A 1 182 ? 4.377   18.256  13.948  1.00 37.28 ? 718  LYS A CD  1 
ATOM   1380 C CE  . LYS A 1 182 ? 5.431   17.171  13.707  1.00 40.20 ? 718  LYS A CE  1 
ATOM   1381 N NZ  . LYS A 1 182 ? 6.171   16.818  14.989  1.00 41.21 ? 718  LYS A NZ  1 
ATOM   1382 N N   . GLY A 1 183 ? -1.295  17.620  13.933  1.00 33.57 ? 719  GLY A N   1 
ATOM   1383 C CA  . GLY A 1 183 ? -2.565  17.606  14.647  1.00 32.61 ? 719  GLY A CA  1 
ATOM   1384 C C   . GLY A 1 183 ? -3.696  18.163  13.820  1.00 31.62 ? 719  GLY A C   1 
ATOM   1385 O O   . GLY A 1 183 ? -4.861  17.882  14.096  1.00 32.03 ? 719  GLY A O   1 
ATOM   1386 N N   . GLU A 1 184 ? -3.373  18.913  12.768  1.00 30.29 ? 720  GLU A N   1 
ATOM   1387 C CA  . GLU A 1 184 ? -4.400  19.528  11.937  1.00 29.57 ? 720  GLU A CA  1 
ATOM   1388 C C   . GLU A 1 184 ? -5.069  18.499  11.038  1.00 28.34 ? 720  GLU A C   1 
ATOM   1389 O O   . GLU A 1 184 ? -4.420  17.539  10.572  1.00 25.81 ? 720  GLU A O   1 
ATOM   1390 C CB  . GLU A 1 184 ? -3.822  20.669  11.085  1.00 29.70 ? 720  GLU A CB  1 
ATOM   1391 C CG  . GLU A 1 184 ? -4.888  21.586  10.495  1.00 31.37 ? 720  GLU A CG  1 
ATOM   1392 C CD  . GLU A 1 184 ? -4.346  22.794  9.720   1.00 32.58 ? 720  GLU A CD  1 
ATOM   1393 O OE1 . GLU A 1 184 ? -3.095  22.968  9.572   1.00 32.90 ? 720  GLU A OE1 1 
ATOM   1394 O OE2 . GLU A 1 184 ? -5.204  23.598  9.262   1.00 36.08 ? 720  GLU A OE2 1 
ATOM   1395 N N   . LYS A 1 185 ? -6.356  18.745  10.796  1.00 25.89 ? 721  LYS A N   1 
ATOM   1396 C CA  . LYS A 1 185 ? -7.215  17.911  9.972   1.00 25.44 ? 721  LYS A CA  1 
ATOM   1397 C C   . LYS A 1 185 ? -7.806  18.609  8.754   1.00 24.61 ? 721  LYS A C   1 
ATOM   1398 O O   . LYS A 1 185 ? -8.099  19.809  8.796   1.00 26.10 ? 721  LYS A O   1 
ATOM   1399 C CB  . LYS A 1 185 ? -8.387  17.431  10.811  1.00 24.99 ? 721  LYS A CB  1 
ATOM   1400 C CG  . LYS A 1 185 ? -7.964  16.809  12.107  1.00 26.17 ? 721  LYS A CG  1 
ATOM   1401 C CD  . LYS A 1 185 ? -9.063  15.933  12.675  1.00 27.87 ? 721  LYS A CD  1 
ATOM   1402 C CE  . LYS A 1 185 ? -8.959  15.872  14.171  1.00 28.76 ? 721  LYS A CE  1 
ATOM   1403 N NZ  . LYS A 1 185 ? -9.272  17.189  14.815  1.00 26.38 ? 721  LYS A NZ  1 
ATOM   1404 N N   . ALA A 1 186 ? -8.058  17.833  7.707   1.00 23.75 ? 722  ALA A N   1 
ATOM   1405 C CA  . ALA A 1 186 ? -8.678  18.312  6.457   1.00 23.60 ? 722  ALA A CA  1 
ATOM   1406 C C   . ALA A 1 186 ? -9.384  17.205  5.779   1.00 23.42 ? 722  ALA A C   1 
ATOM   1407 O O   . ALA A 1 186 ? -9.115  16.033  6.047   1.00 23.34 ? 722  ALA A O   1 
ATOM   1408 C CB  . ALA A 1 186 ? -7.600  18.851  5.482   1.00 23.80 ? 722  ALA A CB  1 
ATOM   1409 N N   . ASN A 1 187 ? -10.265 17.556  4.860   1.00 23.03 ? 723  ASN A N   1 
ATOM   1410 C CA  . ASN A 1 187 ? -10.847 16.564  4.007   1.00 23.80 ? 723  ASN A CA  1 
ATOM   1411 C C   . ASN A 1 187 ? -9.883  16.400  2.813   1.00 24.48 ? 723  ASN A C   1 
ATOM   1412 O O   . ASN A 1 187 ? -9.184  17.344  2.433   1.00 23.89 ? 723  ASN A O   1 
ATOM   1413 C CB  . ASN A 1 187 ? -12.268 16.940  3.604   1.00 23.39 ? 723  ASN A CB  1 
ATOM   1414 C CG  . ASN A 1 187 ? -13.213 17.024  4.806   1.00 24.94 ? 723  ASN A CG  1 
ATOM   1415 O OD1 . ASN A 1 187 ? -13.560 16.013  5.415   1.00 25.85 ? 723  ASN A OD1 1 
ATOM   1416 N ND2 . ASN A 1 187 ? -13.610 18.224  5.160   1.00 25.10 ? 723  ASN A ND2 1 
ATOM   1417 N N   . VAL A 1 188 ? -9.788  15.191  2.280   1.00 25.24 ? 724  VAL A N   1 
ATOM   1418 C CA  . VAL A 1 188 ? -8.832  14.904  1.213   1.00 25.48 ? 724  VAL A CA  1 
ATOM   1419 C C   . VAL A 1 188 ? -9.523  14.097  0.128   1.00 25.81 ? 724  VAL A C   1 
ATOM   1420 O O   . VAL A 1 188 ? -10.242 13.134  0.409   1.00 24.58 ? 724  VAL A O   1 
ATOM   1421 C CB  . VAL A 1 188 ? -7.609  14.181  1.796   1.00 26.45 ? 724  VAL A CB  1 
ATOM   1422 C CG1 . VAL A 1 188 ? -6.588  13.766  0.727   1.00 27.13 ? 724  VAL A CG1 1 
ATOM   1423 C CG2 . VAL A 1 188 ? -6.957  15.091  2.770   1.00 26.69 ? 724  VAL A CG2 1 
ATOM   1424 N N   . LEU A 1 189 ? -9.349  14.522  -1.126  1.00 26.61 ? 725  LEU A N   1 
ATOM   1425 C CA  . LEU A 1 189 ? -9.803  13.742  -2.275  1.00 26.25 ? 725  LEU A CA  1 
ATOM   1426 C C   . LEU A 1 189 ? -8.854  12.562  -2.407  1.00 26.80 ? 725  LEU A C   1 
ATOM   1427 O O   . LEU A 1 189 ? -7.806  12.674  -3.031  1.00 27.04 ? 725  LEU A O   1 
ATOM   1428 C CB  . LEU A 1 189 ? -9.800  14.604  -3.564  1.00 26.59 ? 725  LEU A CB  1 
ATOM   1429 C CG  . LEU A 1 189 ? -10.845 15.731  -3.546  1.00 26.47 ? 725  LEU A CG  1 
ATOM   1430 C CD1 . LEU A 1 189 ? -10.512 16.964  -4.434  1.00 28.16 ? 725  LEU A CD1 1 
ATOM   1431 C CD2 . LEU A 1 189 ? -12.199 15.120  -3.909  1.00 27.17 ? 725  LEU A CD2 1 
ATOM   1432 N N   . ILE A 1 190 ? -9.196  11.431  -1.802  1.00 26.59 ? 726  ILE A N   1 
ATOM   1433 C CA  . ILE A 1 190 ? -8.197  10.370  -1.609  1.00 27.36 ? 726  ILE A CA  1 
ATOM   1434 C C   . ILE A 1 190 ? -8.031  9.434   -2.832  1.00 28.29 ? 726  ILE A C   1 
ATOM   1435 O O   . ILE A 1 190 ? -7.015  8.739   -2.943  1.00 27.68 ? 726  ILE A O   1 
ATOM   1436 C CB  . ILE A 1 190 ? -8.494  9.575   -0.301  1.00 26.70 ? 726  ILE A CB  1 
ATOM   1437 C CG1 . ILE A 1 190 ? -7.262  8.793   0.186   1.00 26.83 ? 726  ILE A CG1 1 
ATOM   1438 C CG2 . ILE A 1 190 ? -9.756  8.668   -0.442  1.00 27.25 ? 726  ILE A CG2 1 
ATOM   1439 C CD1 . ILE A 1 190 ? -6.084  9.630   0.596   1.00 28.06 ? 726  ILE A CD1 1 
ATOM   1440 N N   . GLY A 1 191 ? -9.033  9.405   -3.722  1.00 28.93 ? 727  GLY A N   1 
ATOM   1441 C CA  . GLY A 1 191 ? -9.029  8.512   -4.875  1.00 30.27 ? 727  GLY A CA  1 
ATOM   1442 C C   . GLY A 1 191 ? -10.389 7.868   -5.103  1.00 32.03 ? 727  GLY A C   1 
ATOM   1443 O O   . GLY A 1 191 ? -11.082 7.538   -4.144  1.00 32.67 ? 727  GLY A O   1 
ATOM   1444 N N   . GLN A 1 192 ? -10.730 7.631   -6.372  1.00 34.08 ? 728  GLN A N   1 
ATOM   1445 C CA  . GLN A 1 192 ? -12.059 7.142   -6.786  1.00 35.89 ? 728  GLN A CA  1 
ATOM   1446 C C   . GLN A 1 192 ? -13.027 8.310   -6.588  1.00 36.34 ? 728  GLN A C   1 
ATOM   1447 O O   . GLN A 1 192 ? -12.674 9.458   -6.873  1.00 38.03 ? 728  GLN A O   1 
ATOM   1448 C CB  . GLN A 1 192 ? -12.504 5.863   -6.033  1.00 36.67 ? 728  GLN A CB  1 
ATOM   1449 C CG  . GLN A 1 192 ? -11.371 4.839   -5.628  1.00 39.51 ? 728  GLN A CG  1 
ATOM   1450 C CD  . GLN A 1 192 ? -10.929 3.880   -6.730  1.00 43.24 ? 728  GLN A CD  1 
ATOM   1451 O OE1 . GLN A 1 192 ? -10.786 4.268   -7.896  1.00 46.00 ? 728  GLN A OE1 1 
ATOM   1452 N NE2 . GLN A 1 192 ? -10.686 2.613   -6.350  1.00 44.00 ? 728  GLN A NE2 1 
ATOM   1453 N N   . GLY A 1 193 ? -14.232 8.057   -6.103  1.00 36.88 ? 729  GLY A N   1 
ATOM   1454 C CA  . GLY A 1 193 ? -15.137 9.181   -5.750  1.00 36.61 ? 729  GLY A CA  1 
ATOM   1455 C C   . GLY A 1 193 ? -14.947 9.774   -4.342  1.00 35.95 ? 729  GLY A C   1 
ATOM   1456 O O   . GLY A 1 193 ? -15.684 10.681  -3.960  1.00 35.69 ? 729  GLY A O   1 
ATOM   1457 N N   . ASP A 1 194 ? -13.931 9.305   -3.607  1.00 34.75 ? 730  ASP A N   1 
ATOM   1458 C CA  . ASP A 1 194 ? -13.889 9.414   -2.152  1.00 33.57 ? 730  ASP A CA  1 
ATOM   1459 C C   . ASP A 1 194 ? -13.222 10.655  -1.585  1.00 30.92 ? 730  ASP A C   1 
ATOM   1460 O O   . ASP A 1 194 ? -12.160 11.082  -2.025  1.00 30.85 ? 730  ASP A O   1 
ATOM   1461 C CB  . ASP A 1 194 ? -13.137 8.222   -1.552  1.00 34.58 ? 730  ASP A CB  1 
ATOM   1462 C CG  . ASP A 1 194 ? -13.795 6.906   -1.840  1.00 39.07 ? 730  ASP A CG  1 
ATOM   1463 O OD1 . ASP A 1 194 ? -15.049 6.853   -2.001  1.00 41.73 ? 730  ASP A OD1 1 
ATOM   1464 O OD2 . ASP A 1 194 ? -13.022 5.911   -1.895  1.00 44.60 ? 730  ASP A OD2 1 
ATOM   1465 N N   . VAL A 1 195 ? -13.862 11.201  -0.563  1.00 28.48 ? 731  VAL A N   1 
ATOM   1466 C CA  . VAL A 1 195 ? -13.285 12.217  0.300   1.00 25.74 ? 731  VAL A CA  1 
ATOM   1467 C C   . VAL A 1 195 ? -13.336 11.682  1.711   1.00 24.03 ? 731  VAL A C   1 
ATOM   1468 O O   . VAL A 1 195 ? -14.363 11.138  2.159   1.00 23.23 ? 731  VAL A O   1 
ATOM   1469 C CB  . VAL A 1 195 ? -14.086 13.540  0.207   1.00 26.09 ? 731  VAL A CB  1 
ATOM   1470 C CG1 . VAL A 1 195 ? -13.460 14.597  1.076   1.00 24.25 ? 731  VAL A CG1 1 
ATOM   1471 C CG2 . VAL A 1 195 ? -14.189 13.986  -1.297  1.00 23.55 ? 731  VAL A CG2 1 
ATOM   1472 N N   . VAL A 1 196 ? -12.228 11.832  2.416   1.00 21.61 ? 732  VAL A N   1 
ATOM   1473 C CA  . VAL A 1 196 ? -12.074 11.315  3.770   1.00 20.25 ? 732  VAL A CA  1 
ATOM   1474 C C   . VAL A 1 196 ? -11.425 12.381  4.631   1.00 19.17 ? 732  VAL A C   1 
ATOM   1475 O O   . VAL A 1 196 ? -10.681 13.238  4.133   1.00 19.35 ? 732  VAL A O   1 
ATOM   1476 C CB  . VAL A 1 196 ? -11.150 10.063  3.798   1.00 19.25 ? 732  VAL A CB  1 
ATOM   1477 C CG1 . VAL A 1 196 ? -11.821 8.894   3.078   1.00 18.83 ? 732  VAL A CG1 1 
ATOM   1478 C CG2 . VAL A 1 196 ? -9.814  10.391  3.152   1.00 19.33 ? 732  VAL A CG2 1 
ATOM   1479 N N   . LEU A 1 197 ? -11.702 12.335  5.924   1.00 18.00 ? 733  LEU A N   1 
ATOM   1480 C CA  . LEU A 1 197 ? -11.103 13.253  6.850   1.00 18.01 ? 733  LEU A CA  1 
ATOM   1481 C C   . LEU A 1 197 ? -9.798  12.649  7.251   1.00 18.20 ? 733  LEU A C   1 
ATOM   1482 O O   . LEU A 1 197 ? -9.727  11.447  7.523   1.00 17.42 ? 733  LEU A O   1 
ATOM   1483 C CB  . LEU A 1 197 ? -11.998 13.438  8.072   1.00 18.21 ? 733  LEU A CB  1 
ATOM   1484 C CG  . LEU A 1 197 ? -11.446 14.394  9.138   1.00 18.96 ? 733  LEU A CG  1 
ATOM   1485 C CD1 . LEU A 1 197 ? -11.360 15.825  8.587   1.00 18.20 ? 733  LEU A CD1 1 
ATOM   1486 C CD2 . LEU A 1 197 ? -12.290 14.287  10.408  1.00 16.29 ? 733  LEU A CD2 1 
ATOM   1487 N N   . VAL A 1 198 ? -8.745  13.464  7.236   1.00 19.44 ? 734  VAL A N   1 
ATOM   1488 C CA  . VAL A 1 198 ? -7.434  13.017  7.628   1.00 19.09 ? 734  VAL A CA  1 
ATOM   1489 C C   . VAL A 1 198 ? -6.956  13.966  8.683   1.00 20.61 ? 734  VAL A C   1 
ATOM   1490 O O   . VAL A 1 198 ? -7.449  15.086  8.788   1.00 19.94 ? 734  VAL A O   1 
ATOM   1491 C CB  . VAL A 1 198 ? -6.332  13.016  6.489   1.00 19.92 ? 734  VAL A CB  1 
ATOM   1492 C CG1 . VAL A 1 198 ? -6.770  12.264  5.252   1.00 18.58 ? 734  VAL A CG1 1 
ATOM   1493 C CG2 . VAL A 1 198 ? -5.845  14.398  6.170   1.00 19.04 ? 734  VAL A CG2 1 
ATOM   1494 N N   . MET A 1 199 ? -5.978  13.501  9.444   1.00 21.39 ? 735  MET A N   1 
ATOM   1495 C CA  . MET A 1 199 ? -5.264  14.287  10.383  1.00 24.68 ? 735  MET A CA  1 
ATOM   1496 C C   . MET A 1 199 ? -3.802  14.087  10.093  1.00 25.33 ? 735  MET A C   1 
ATOM   1497 O O   . MET A 1 199 ? -3.352  12.946  10.016  1.00 23.78 ? 735  MET A O   1 
ATOM   1498 C CB  . MET A 1 199 ? -5.526  13.787  11.807  1.00 24.51 ? 735  MET A CB  1 
ATOM   1499 C CG  . MET A 1 199 ? -4.550  14.384  12.796  1.00 26.48 ? 735  MET A CG  1 
ATOM   1500 S SD  . MET A 1 199 ? -4.790  13.898  14.494  1.00 31.65 ? 735  MET A SD  1 
ATOM   1501 C CE  . MET A 1 199 ? -3.602  12.543  14.669  1.00 30.79 ? 735  MET A CE  1 
ATOM   1502 N N   . LYS A 1 200 ? -3.057  15.186  9.973   1.00 27.52 ? 736  LYS A N   1 
ATOM   1503 C CA  . LYS A 1 200 ? -1.616  15.103  10.041  1.00 29.41 ? 736  LYS A CA  1 
ATOM   1504 C C   . LYS A 1 200 ? -1.175  14.669  11.436  1.00 30.30 ? 736  LYS A C   1 
ATOM   1505 O O   . LYS A 1 200 ? -1.644  15.206  12.431  1.00 30.03 ? 736  LYS A O   1 
ATOM   1506 C CB  . LYS A 1 200 ? -0.962  16.430  9.679   1.00 30.12 ? 736  LYS A CB  1 
ATOM   1507 C CG  . LYS A 1 200 ? 0.553   16.331  9.631   1.00 31.35 ? 736  LYS A CG  1 
ATOM   1508 C CD  . LYS A 1 200 ? 1.122   17.331  8.635   1.00 35.04 ? 736  LYS A CD  1 
ATOM   1509 C CE  . LYS A 1 200 ? 2.621   17.522  8.774   1.00 35.37 ? 736  LYS A CE  1 
ATOM   1510 N NZ  . LYS A 1 200 ? 3.012   18.826  8.145   1.00 38.45 ? 736  LYS A NZ  1 
ATOM   1511 N N   . ARG A 1 201 ? -0.265  13.697  11.492  1.00 31.54 ? 737  ARG A N   1 
ATOM   1512 C CA  . ARG A 1 201 ? 0.190   13.116  12.740  1.00 32.68 ? 737  ARG A CA  1 
ATOM   1513 C C   . ARG A 1 201 ? 1.204   13.985  13.480  1.00 35.21 ? 737  ARG A C   1 
ATOM   1514 O O   . ARG A 1 201 ? 2.020   14.666  12.870  1.00 34.48 ? 737  ARG A O   1 
ATOM   1515 C CB  . ARG A 1 201 ? 0.842   11.762  12.477  1.00 32.69 ? 737  ARG A CB  1 
ATOM   1516 C CG  . ARG A 1 201 ? -0.121  10.700  12.005  1.00 32.42 ? 737  ARG A CG  1 
ATOM   1517 C CD  . ARG A 1 201 ? 0.589   9.351   11.911  1.00 31.28 ? 737  ARG A CD  1 
ATOM   1518 N NE  . ARG A 1 201 ? 0.879   8.781   13.215  1.00 28.26 ? 737  ARG A NE  1 
ATOM   1519 C CZ  . ARG A 1 201 ? 1.989   8.111   13.515  1.00 29.12 ? 737  ARG A CZ  1 
ATOM   1520 N NH1 . ARG A 1 201 ? 2.943   7.893   12.611  1.00 25.95 ? 737  ARG A NH1 1 
ATOM   1521 N NH2 . ARG A 1 201 ? 2.156   7.640   14.729  1.00 28.49 ? 737  ARG A NH2 1 
ATOM   1522 N N   . LYS A 1 202 ? 1.162   13.919  14.803  1.00 38.47 ? 738  LYS A N   1 
ATOM   1523 C CA  . LYS A 1 202 ? 2.111   14.638  15.659  1.00 41.41 ? 738  LYS A CA  1 
ATOM   1524 C C   . LYS A 1 202 ? 3.368   13.813  15.809  1.00 43.03 ? 738  LYS A C   1 
ATOM   1525 O O   . LYS A 1 202 ? 4.420   14.348  16.150  1.00 44.10 ? 738  LYS A O   1 
ATOM   1526 C CB  . LYS A 1 202 ? 1.511   14.940  17.038  1.00 41.34 ? 738  LYS A CB  1 
ATOM   1527 C CG  . LYS A 1 202 ? 0.325   15.897  17.037  1.00 42.77 ? 738  LYS A CG  1 
ATOM   1528 C CD  . LYS A 1 202 ? -0.035  16.351  18.479  1.00 43.02 ? 738  LYS A CD  1 
ATOM   1529 C CE  . LYS A 1 202 ? -1.486  16.819  18.613  1.00 44.09 ? 738  LYS A CE  1 
ATOM   1530 N NZ  . LYS A 1 202 ? -1.950  16.878  20.055  1.00 44.51 ? 738  LYS A NZ  1 
ATOM   1531 N N   . ARG A 1 203 ? 3.262   12.505  15.558  1.00 44.96 ? 739  ARG A N   1 
ATOM   1532 C CA  . ARG A 1 203 ? 4.425   11.621  15.496  1.00 46.14 ? 739  ARG A CA  1 
ATOM   1533 C C   . ARG A 1 203 ? 4.924   11.369  14.065  1.00 46.57 ? 739  ARG A C   1 
ATOM   1534 O O   . ARG A 1 203 ? 4.163   11.406  13.109  1.00 46.41 ? 739  ARG A O   1 
ATOM   1535 C CB  . ARG A 1 203 ? 4.070   10.280  16.113  1.00 46.31 ? 739  ARG A CB  1 
ATOM   1536 C CG  . ARG A 1 203 ? 3.649   10.373  17.555  1.00 47.30 ? 739  ARG A CG  1 
ATOM   1537 C CD  . ARG A 1 203 ? 3.158   9.033   18.055  1.00 48.00 ? 739  ARG A CD  1 
ATOM   1538 N NE  . ARG A 1 203 ? 2.860   9.119   19.474  1.00 48.82 ? 739  ARG A NE  1 
ATOM   1539 C CZ  . ARG A 1 203 ? 3.775   9.064   20.436  1.00 49.97 ? 739  ARG A CZ  1 
ATOM   1540 N NH1 . ARG A 1 203 ? 5.057   8.903   20.134  1.00 50.83 ? 739  ARG A NH1 1 
ATOM   1541 N NH2 . ARG A 1 203 ? 3.398   9.181   21.705  1.00 50.72 ? 739  ARG A NH2 1 
ATOM   1542 N N   . ASP A 1 204 ? 6.220   11.109  13.936  1.00 47.75 ? 740  ASP A N   1 
ATOM   1543 C CA  . ASP A 1 204 ? 6.797   10.592  12.692  1.00 47.90 ? 740  ASP A CA  1 
ATOM   1544 C C   . ASP A 1 204 ? 7.047   9.091   12.889  1.00 47.72 ? 740  ASP A C   1 
ATOM   1545 O O   . ASP A 1 204 ? 7.341   8.635   14.003  1.00 48.06 ? 740  ASP A O   1 
ATOM   1546 C CB  . ASP A 1 204 ? 8.109   11.330  12.359  1.00 48.23 ? 740  ASP A CB  1 
ATOM   1547 C CG  . ASP A 1 204 ? 8.742   10.883  11.023  1.00 49.07 ? 740  ASP A CG  1 
ATOM   1548 O OD1 . ASP A 1 204 ? 8.182   10.010  10.307  1.00 49.45 ? 740  ASP A OD1 1 
ATOM   1549 O OD2 . ASP A 1 204 ? 9.830   11.424  10.699  1.00 51.98 ? 740  ASP A OD2 1 
ATOM   1550 N N   . SER A 1 205 ? 6.898   8.329   11.813  1.00 47.22 ? 741  SER A N   1 
ATOM   1551 C CA  . SER A 1 205 ? 7.258   6.924   11.814  1.00 46.60 ? 741  SER A CA  1 
ATOM   1552 C C   . SER A 1 205 ? 8.385   6.711   10.815  1.00 46.67 ? 741  SER A C   1 
ATOM   1553 O O   . SER A 1 205 ? 9.065   5.685   10.858  1.00 47.39 ? 741  SER A O   1 
ATOM   1554 C CB  . SER A 1 205 ? 6.039   6.053   11.485  1.00 46.52 ? 741  SER A CB  1 
ATOM   1555 O OG  . SER A 1 205 ? 5.286   5.751   12.653  1.00 43.51 ? 741  SER A OG  1 
HETATM 1556 O O   . HOH B 2 .   ? 10.850  -0.744  8.532   1.00 25.02 ? 2001 HOH A O   1 
HETATM 1557 O O   . HOH B 2 .   ? -9.700  0.095   8.041   1.00 47.33 ? 2002 HOH A O   1 
HETATM 1558 O O   . HOH B 2 .   ? -9.536  21.284  15.255  1.00 40.31 ? 2003 HOH A O   1 
HETATM 1559 O O   . HOH B 2 .   ? -2.183  8.731   16.358  1.00 42.73 ? 2004 HOH A O   1 
HETATM 1560 O O   . HOH B 2 .   ? -2.024  -8.092  -19.244 1.00 47.56 ? 2005 HOH A O   1 
HETATM 1561 O O   . HOH B 2 .   ? 8.033   -11.545 -6.716  1.00 15.94 ? 2006 HOH A O   1 
HETATM 1562 O O   . HOH B 2 .   ? -1.884  -18.383 -2.755  1.00 28.68 ? 2007 HOH A O   1 
HETATM 1563 O O   . HOH B 2 .   ? -2.277  -19.533 3.624   1.00 43.20 ? 2008 HOH A O   1 
HETATM 1564 O O   . HOH B 2 .   ? 0.412   -19.493 5.856   1.00 20.99 ? 2009 HOH A O   1 
HETATM 1565 O O   . HOH B 2 .   ? -0.860  -21.728 2.794   1.00 23.06 ? 2010 HOH A O   1 
HETATM 1566 O O   . HOH B 2 .   ? 5.401   -21.343 -0.468  1.00 31.81 ? 2011 HOH A O   1 
HETATM 1567 O O   . HOH B 2 .   ? 0.329   -16.106 11.962  1.00 31.61 ? 2012 HOH A O   1 
HETATM 1568 O O   . HOH B 2 .   ? 5.182   -20.059 5.705   1.00 34.66 ? 2013 HOH A O   1 
HETATM 1569 O O   . HOH B 2 .   ? 7.740   -16.177 5.340   1.00 38.80 ? 2014 HOH A O   1 
HETATM 1570 O O   . HOH B 2 .   ? 8.657   -4.340  14.393  1.00 30.94 ? 2015 HOH A O   1 
HETATM 1571 O O   . HOH B 2 .   ? 0.545   -7.065  14.836  1.00 42.48 ? 2016 HOH A O   1 
HETATM 1572 O O   . HOH B 2 .   ? 15.184  -12.454 4.443   1.00 40.50 ? 2017 HOH A O   1 
HETATM 1573 O O   . HOH B 2 .   ? 8.425   -0.661  7.748   1.00 11.88 ? 2018 HOH A O   1 
HETATM 1574 O O   . HOH B 2 .   ? 13.572  -8.442  -1.322  1.00 24.14 ? 2019 HOH A O   1 
HETATM 1575 O O   . HOH B 2 .   ? 14.907  -15.371 0.716   1.00 31.34 ? 2020 HOH A O   1 
HETATM 1576 O O   . HOH B 2 .   ? 14.568  -3.225  -6.193  1.00 34.81 ? 2021 HOH A O   1 
HETATM 1577 O O   . HOH B 2 .   ? 12.732  3.795   -14.767 1.00 26.93 ? 2022 HOH A O   1 
HETATM 1578 O O   . HOH B 2 .   ? 13.621  5.530   -6.136  1.00 43.92 ? 2023 HOH A O   1 
HETATM 1579 O O   . HOH B 2 .   ? 9.918   7.591   -0.417  1.00 24.04 ? 2024 HOH A O   1 
HETATM 1580 O O   . HOH B 2 .   ? 3.239   6.154   -8.769  1.00 26.32 ? 2025 HOH A O   1 
HETATM 1581 O O   . HOH B 2 .   ? 10.077  -1.114  11.098  1.00 37.52 ? 2026 HOH A O   1 
HETATM 1582 O O   . HOH B 2 .   ? 7.597   -1.638  15.276  1.00 42.26 ? 2027 HOH A O   1 
HETATM 1583 O O   . HOH B 2 .   ? -1.824  -2.083  14.336  1.00 39.68 ? 2028 HOH A O   1 
HETATM 1584 O O   . HOH B 2 .   ? 1.412   1.656   19.450  1.00 41.42 ? 2029 HOH A O   1 
HETATM 1585 O O   . HOH B 2 .   ? 4.709   0.037   17.865  1.00 48.19 ? 2030 HOH A O   1 
HETATM 1586 O O   . HOH B 2 .   ? -0.937  3.670   19.455  1.00 36.14 ? 2031 HOH A O   1 
HETATM 1587 O O   . HOH B 2 .   ? -5.111  0.828   8.717   1.00 19.85 ? 2032 HOH A O   1 
HETATM 1588 O O   . HOH B 2 .   ? -7.438  0.097   7.424   1.00 36.32 ? 2033 HOH A O   1 
HETATM 1589 O O   . HOH B 2 .   ? -4.757  -11.872 8.824   1.00 23.89 ? 2034 HOH A O   1 
HETATM 1590 O O   . HOH B 2 .   ? 9.426   -0.612  -4.664  1.00 16.50 ? 2035 HOH A O   1 
HETATM 1591 O O   . HOH B 2 .   ? -2.280  7.342   -0.881  1.00 26.88 ? 2036 HOH A O   1 
HETATM 1592 O O   . HOH B 2 .   ? -0.348  10.950  -6.620  1.00 41.51 ? 2037 HOH A O   1 
HETATM 1593 O O   . HOH B 2 .   ? -4.834  5.188   -3.901  1.00 27.93 ? 2038 HOH A O   1 
HETATM 1594 O O   . HOH B 2 .   ? 0.767   8.532   -7.209  1.00 28.79 ? 2039 HOH A O   1 
HETATM 1595 O O   . HOH B 2 .   ? 1.503   4.760   -10.213 1.00 32.17 ? 2040 HOH A O   1 
HETATM 1596 O O   . HOH B 2 .   ? 7.077   -5.930  -18.067 1.00 34.19 ? 2041 HOH A O   1 
HETATM 1597 O O   . HOH B 2 .   ? -14.510 6.185   1.916   1.00 36.18 ? 2042 HOH A O   1 
HETATM 1598 O O   . HOH B 2 .   ? -8.279  5.034   -4.435  1.00 38.22 ? 2043 HOH A O   1 
HETATM 1599 O O   . HOH B 2 .   ? -5.200  -1.532  -5.714  1.00 13.49 ? 2044 HOH A O   1 
HETATM 1600 O O   . HOH B 2 .   ? -7.997  -3.582  -1.746  1.00 35.69 ? 2045 HOH A O   1 
HETATM 1601 O O   . HOH B 2 .   ? -11.868 -0.175  -4.314  1.00 34.45 ? 2046 HOH A O   1 
HETATM 1602 O O   . HOH B 2 .   ? -13.171 -5.331  -1.544  1.00 42.53 ? 2047 HOH A O   1 
HETATM 1603 O O   . HOH B 2 .   ? -11.407 -4.221  -0.082  1.00 42.95 ? 2048 HOH A O   1 
HETATM 1604 O O   . HOH B 2 .   ? -14.885 -13.649 -5.573  1.00 34.74 ? 2049 HOH A O   1 
HETATM 1605 O O   . HOH B 2 .   ? -11.119 -10.912 -6.177  1.00 30.18 ? 2050 HOH A O   1 
HETATM 1606 O O   . HOH B 2 .   ? -7.485  -8.508  -10.995 1.00 37.84 ? 2051 HOH A O   1 
HETATM 1607 O O   . HOH B 2 .   ? -9.886  -19.871 -4.508  1.00 51.67 ? 2052 HOH A O   1 
HETATM 1608 O O   . HOH B 2 .   ? -4.969  -20.129 -6.068  1.00 34.79 ? 2053 HOH A O   1 
HETATM 1609 O O   . HOH B 2 .   ? -8.666  -19.829 -1.549  1.00 29.87 ? 2054 HOH A O   1 
HETATM 1610 O O   . HOH B 2 .   ? -6.414  1.375   3.982   1.00 33.36 ? 2055 HOH A O   1 
HETATM 1611 O O   . HOH B 2 .   ? -2.888  6.723   6.330   1.00 12.11 ? 2056 HOH A O   1 
HETATM 1612 O O   . HOH B 2 .   ? -4.520  1.571   6.142   1.00 27.48 ? 2057 HOH A O   1 
HETATM 1613 O O   . HOH B 2 .   ? -12.419 8.357   13.501  1.00 51.55 ? 2058 HOH A O   1 
HETATM 1614 O O   . HOH B 2 .   ? -15.247 11.258  10.030  1.00 33.50 ? 2059 HOH A O   1 
HETATM 1615 O O   . HOH B 2 .   ? -16.344 24.593  10.917  1.00 24.81 ? 2060 HOH A O   1 
HETATM 1616 O O   . HOH B 2 .   ? -16.243 19.143  2.822   1.00 32.73 ? 2061 HOH A O   1 
HETATM 1617 O O   . HOH B 2 .   ? -10.409 20.348  4.178   1.00 22.74 ? 2062 HOH A O   1 
HETATM 1618 O O   . HOH B 2 .   ? -10.420 23.644  3.000   1.00 37.37 ? 2063 HOH A O   1 
HETATM 1619 O O   . HOH B 2 .   ? 2.488   14.600  -3.182  1.00 32.79 ? 2064 HOH A O   1 
HETATM 1620 O O   . HOH B 2 .   ? -8.185  21.220  -4.505  1.00 49.90 ? 2065 HOH A O   1 
HETATM 1621 O O   . HOH B 2 .   ? -7.914  21.022  12.125  1.00 34.88 ? 2066 HOH A O   1 
HETATM 1622 O O   . HOH B 2 .   ? -10.732 19.019  15.581  1.00 28.21 ? 2067 HOH A O   1 
HETATM 1623 O O   . HOH B 2 .   ? -5.752  13.939  -4.557  1.00 32.04 ? 2068 HOH A O   1 
HETATM 1624 O O   . HOH B 2 .   ? -4.900  7.123   -1.883  1.00 26.07 ? 2069 HOH A O   1 
HETATM 1625 O O   . HOH B 2 .   ? -10.169 5.627   -2.313  1.00 31.88 ? 2070 HOH A O   1 
HETATM 1626 O O   . HOH B 2 .   ? -11.987 2.987   -2.654  1.00 42.01 ? 2071 HOH A O   1 
HETATM 1627 O O   . HOH B 2 .   ? -0.540  10.248  15.672  1.00 43.23 ? 2072 HOH A O   1 
HETATM 1628 O O   . HOH B 2 .   ? 4.140   9.302   10.361  1.00 33.97 ? 2073 HOH A O   1 
HETATM 1629 O O   . HOH B 2 .   ? 3.409   6.206   16.373  1.00 40.35 ? 2074 HOH A O   1 
HETATM 1630 O O   . HOH B 2 .   ? 7.802   10.738  16.399  1.00 36.95 ? 2075 HOH A O   1 
HETATM 1631 O O   . HOH B 2 .   ? -2.212  -22.052 0.580   1.00 33.09 ? 2076 HOH A O   1 
# 
loop_
_pdbx_poly_seq_scheme.asym_id 
_pdbx_poly_seq_scheme.entity_id 
_pdbx_poly_seq_scheme.seq_id 
_pdbx_poly_seq_scheme.mon_id 
_pdbx_poly_seq_scheme.ndb_seq_num 
_pdbx_poly_seq_scheme.pdb_seq_num 
_pdbx_poly_seq_scheme.auth_seq_num 
_pdbx_poly_seq_scheme.pdb_mon_id 
_pdbx_poly_seq_scheme.auth_mon_id 
_pdbx_poly_seq_scheme.pdb_strand_id 
_pdbx_poly_seq_scheme.pdb_ins_code 
_pdbx_poly_seq_scheme.hetero 
A 1 1   GLY 1   537 ?   ?   ?   A . n 
A 1 2   GLU 2   538 538 GLU GLU A . n 
A 1 3   ILE 3   539 539 ILE ILE A . n 
A 1 4   ASN 4   540 540 ASN ASN A . n 
A 1 5   GLY 5   541 541 GLY GLY A . n 
A 1 6   PRO 6   542 542 PRO PRO A . n 
A 1 7   GLU 7   543 543 GLU GLU A . n 
A 1 8   SER 8   544 544 SER SER A . n 
A 1 9   VAL 9   545 545 VAL VAL A . n 
A 1 10  LEU 10  546 546 LEU LEU A . n 
A 1 11  VAL 11  547 547 VAL VAL A . n 
A 1 12  ASN 12  548 548 ASN ASN A . n 
A 1 13  THR 13  549 549 THR THR A . n 
A 1 14  TYR 14  550 550 TYR TYR A . n 
A 1 15  GLN 15  551 551 GLN GLN A . n 
A 1 16  TRP 16  552 552 TRP TRP A . n 
A 1 17  ILE 17  553 553 ILE ILE A . n 
A 1 18  ILE 18  554 554 ILE ILE A . n 
A 1 19  ARG 19  555 555 ARG ARG A . n 
A 1 20  ASN 20  556 556 ASN ASN A . n 
A 1 21  TRP 21  557 557 TRP TRP A . n 
A 1 22  GLU 22  558 558 GLU GLU A . n 
A 1 23  THR 23  559 559 THR THR A . n 
A 1 24  VAL 24  560 560 VAL VAL A . n 
A 1 25  LYS 25  561 561 LYS LYS A . n 
A 1 26  ILE 26  562 562 ILE ILE A . n 
A 1 27  GLN 27  563 563 GLN GLN A . n 
A 1 28  TRP 28  564 564 TRP TRP A . n 
A 1 29  SER 29  565 565 SER SER A . n 
A 1 30  GLN 30  566 566 GLN GLN A . n 
A 1 31  ASN 31  567 567 ASN ASN A . n 
A 1 32  PRO 32  568 568 PRO PRO A . n 
A 1 33  THR 33  569 569 THR THR A . n 
A 1 34  MET 34  570 570 MET MET A . n 
A 1 35  LEU 35  571 571 LEU LEU A . n 
A 1 36  TYR 36  572 572 TYR TYR A . n 
A 1 37  ASN 37  573 573 ASN ASN A . n 
A 1 38  LYS 38  574 574 LYS LYS A . n 
A 1 39  MET 39  575 575 MET MET A . n 
A 1 40  GLU 40  576 576 GLU GLU A . n 
A 1 41  PHE 41  577 577 PHE PHE A . n 
A 1 42  GLU 42  578 578 GLU GLU A . n 
A 1 43  PRO 43  579 579 PRO PRO A . n 
A 1 44  PHE 44  580 580 PHE PHE A . n 
A 1 45  GLN 45  581 581 GLN GLN A . n 
A 1 46  SER 46  582 582 SER SER A . n 
A 1 47  LEU 47  583 583 LEU LEU A . n 
A 1 48  VAL 48  584 584 VAL VAL A . n 
A 1 49  PRO 49  585 585 PRO PRO A . n 
A 1 50  LYS 50  586 586 LYS LYS A . n 
A 1 51  ALA 51  587 587 ALA ALA A . n 
A 1 52  ILE 52  588 588 ILE ILE A . n 
A 1 53  ARG 53  589 589 ARG ARG A . n 
A 1 54  GLY 54  590 590 GLY GLY A . n 
A 1 55  GLN 55  591 591 GLN GLN A . n 
A 1 56  TYR 56  592 592 TYR TYR A . n 
A 1 57  SER 57  593 593 SER SER A . n 
A 1 58  GLY 58  594 594 GLY GLY A . n 
A 1 59  PHE 59  595 595 PHE PHE A . n 
A 1 60  VAL 60  596 596 VAL VAL A . n 
A 1 61  ARG 61  597 597 ARG ARG A . n 
A 1 62  THR 62  598 598 THR THR A . n 
A 1 63  LEU 63  599 599 LEU LEU A . n 
A 1 64  PHE 64  600 600 PHE PHE A . n 
A 1 65  GLN 65  601 601 GLN GLN A . n 
A 1 66  GLN 66  602 602 GLN GLN A . n 
A 1 67  MET 67  603 603 MET MET A . n 
A 1 68  ARG 68  604 604 ARG ARG A . n 
A 1 69  ASP 69  605 605 ASP ASP A . n 
A 1 70  VAL 70  606 606 VAL VAL A . n 
A 1 71  LEU 71  607 607 LEU LEU A . n 
A 1 72  GLY 72  608 608 GLY GLY A . n 
A 1 73  THR 73  609 609 THR THR A . n 
A 1 74  PHE 74  610 610 PHE PHE A . n 
A 1 75  ASP 75  611 611 ASP ASP A . n 
A 1 76  THR 76  612 612 THR THR A . n 
A 1 77  THR 77  613 613 THR THR A . n 
A 1 78  GLN 78  614 614 GLN GLN A . n 
A 1 79  ILE 79  615 615 ILE ILE A . n 
A 1 80  ILE 80  616 616 ILE ILE A . n 
A 1 81  LYS 81  617 617 LYS LYS A . n 
A 1 82  LEU 82  618 618 LEU LEU A . n 
A 1 83  LEU 83  619 619 LEU LEU A . n 
A 1 84  PRO 84  620 620 PRO PRO A . n 
A 1 85  PHE 85  621 621 PHE PHE A . n 
A 1 86  ALA 86  622 622 ALA ALA A . n 
A 1 87  ALA 87  623 623 ALA ALA A . n 
A 1 88  ALA 88  624 624 ALA ALA A . n 
A 1 89  PRO 89  625 625 PRO PRO A . n 
A 1 90  PRO 90  626 626 PRO PRO A . n 
A 1 91  LYS 91  627 627 LYS LYS A . n 
A 1 92  GLN 92  628 628 GLN GLN A . n 
A 1 93  SER 93  629 629 SER SER A . n 
A 1 94  ARG 94  630 630 ARG ARG A . n 
A 1 95  MET 95  631 631 MET MET A . n 
A 1 96  GLN 96  632 632 GLN GLN A . n 
A 1 97  PHE 97  633 633 PHE PHE A . n 
A 1 98  SER 98  634 634 SER SER A . n 
A 1 99  SER 99  635 635 SER SER A . n 
A 1 100 LEU 100 636 636 LEU LEU A . n 
A 1 101 THR 101 637 637 THR THR A . n 
A 1 102 VAL 102 638 638 VAL VAL A . n 
A 1 103 ASN 103 639 639 ASN ASN A . n 
A 1 104 VAL 104 640 640 VAL VAL A . n 
A 1 105 ARG 105 641 641 ARG ARG A . n 
A 1 106 GLY 106 642 642 GLY GLY A . n 
A 1 107 SER 107 643 643 SER SER A . n 
A 1 108 GLY 108 644 644 GLY GLY A . n 
A 1 109 MET 109 645 645 MET MET A . n 
A 1 110 ARG 110 646 646 ARG ARG A . n 
A 1 111 ILE 111 647 647 ILE ILE A . n 
A 1 112 LEU 112 648 648 LEU LEU A . n 
A 1 113 VAL 113 649 649 VAL VAL A . n 
A 1 114 ARG 114 650 650 ARG ARG A . n 
A 1 115 GLY 115 651 651 GLY GLY A . n 
A 1 116 ASN 116 652 652 ASN ASN A . n 
A 1 117 SER 117 653 653 SER SER A . n 
A 1 118 PRO 118 654 654 PRO PRO A . n 
A 1 119 VAL 119 655 655 VAL VAL A . n 
A 1 120 PHE 120 656 656 PHE PHE A . n 
A 1 121 ASN 121 657 657 ASN ASN A . n 
A 1 122 TYR 122 658 658 TYR TYR A . n 
A 1 123 ASN 123 659 659 ASN ASN A . n 
A 1 124 LYS 124 660 660 LYS LYS A . n 
A 1 125 THR 125 661 661 THR THR A . n 
A 1 126 THR 126 662 662 THR THR A . n 
A 1 127 LYS 127 663 663 LYS LYS A . n 
A 1 128 ARG 128 664 664 ARG ARG A . n 
A 1 129 LEU 129 665 665 LEU LEU A . n 
A 1 130 THR 130 666 666 THR THR A . n 
A 1 131 ILE 131 667 667 ILE ILE A . n 
A 1 132 LEU 132 668 668 LEU LEU A . n 
A 1 133 GLY 133 669 669 GLY GLY A . n 
A 1 134 LYS 134 670 670 LYS LYS A . n 
A 1 135 ASP 135 671 671 ASP ASP A . n 
A 1 136 ALA 136 672 672 ALA ALA A . n 
A 1 137 GLY 137 673 673 GLY GLY A . n 
A 1 138 THR 138 674 674 THR THR A . n 
A 1 139 LEU 139 675 675 LEU LEU A . n 
A 1 140 ILE 140 676 676 ILE ILE A . n 
A 1 141 GLU 141 677 677 GLU GLU A . n 
A 1 142 ASP 142 678 ?   ?   ?   A . n 
A 1 143 PRO 143 679 ?   ?   ?   A . n 
A 1 144 ASP 144 680 ?   ?   ?   A . n 
A 1 145 GLU 145 681 ?   ?   ?   A . n 
A 1 146 SER 146 682 ?   ?   ?   A . n 
A 1 147 THR 147 683 ?   ?   ?   A . n 
A 1 148 SER 148 684 ?   ?   ?   A . n 
A 1 149 GLY 149 685 ?   ?   ?   A . n 
A 1 150 VAL 150 686 686 VAL VAL A . n 
A 1 151 GLU 151 687 687 GLU GLU A . n 
A 1 152 SER 152 688 688 SER SER A . n 
A 1 153 ALA 153 689 689 ALA ALA A . n 
A 1 154 VAL 154 690 690 VAL VAL A . n 
A 1 155 LEU 155 691 691 LEU LEU A . n 
A 1 156 ARG 156 692 692 ARG ARG A . n 
A 1 157 GLY 157 693 693 GLY GLY A . n 
A 1 158 PHE 158 694 694 PHE PHE A . n 
A 1 159 LEU 159 695 695 LEU LEU A . n 
A 1 160 ILE 160 696 696 ILE ILE A . n 
A 1 161 LEU 161 697 697 LEU LEU A . n 
A 1 162 GLY 162 698 698 GLY GLY A . n 
A 1 163 LYS 163 699 699 LYS LYS A . n 
A 1 164 GLU 164 700 700 GLU GLU A . n 
A 1 165 ASP 165 701 701 ASP ASP A . n 
A 1 166 ARG 166 702 702 ARG ARG A . n 
A 1 167 ARG 167 703 703 ARG ARG A . n 
A 1 168 TYR 168 704 704 TYR TYR A . n 
A 1 169 GLY 169 705 705 GLY GLY A . n 
A 1 170 PRO 170 706 706 PRO PRO A . n 
A 1 171 ALA 171 707 707 ALA ALA A . n 
A 1 172 LEU 172 708 708 LEU LEU A . n 
A 1 173 SER 173 709 709 SER SER A . n 
A 1 174 ILE 174 710 710 ILE ILE A . n 
A 1 175 ASN 175 711 711 ASN ASN A . n 
A 1 176 GLU 176 712 712 GLU GLU A . n 
A 1 177 LEU 177 713 713 LEU LEU A . n 
A 1 178 SER 178 714 714 SER SER A . n 
A 1 179 ASN 179 715 715 ASN ASN A . n 
A 1 180 LEU 180 716 716 LEU LEU A . n 
A 1 181 ALA 181 717 717 ALA ALA A . n 
A 1 182 LYS 182 718 718 LYS LYS A . n 
A 1 183 GLY 183 719 719 GLY GLY A . n 
A 1 184 GLU 184 720 720 GLU GLU A . n 
A 1 185 LYS 185 721 721 LYS LYS A . n 
A 1 186 ALA 186 722 722 ALA ALA A . n 
A 1 187 ASN 187 723 723 ASN ASN A . n 
A 1 188 VAL 188 724 724 VAL VAL A . n 
A 1 189 LEU 189 725 725 LEU LEU A . n 
A 1 190 ILE 190 726 726 ILE ILE A . n 
A 1 191 GLY 191 727 727 GLY GLY A . n 
A 1 192 GLN 192 728 728 GLN GLN A . n 
A 1 193 GLY 193 729 729 GLY GLY A . n 
A 1 194 ASP 194 730 730 ASP ASP A . n 
A 1 195 VAL 195 731 731 VAL VAL A . n 
A 1 196 VAL 196 732 732 VAL VAL A . n 
A 1 197 LEU 197 733 733 LEU LEU A . n 
A 1 198 VAL 198 734 734 VAL VAL A . n 
A 1 199 MET 199 735 735 MET MET A . n 
A 1 200 LYS 200 736 736 LYS LYS A . n 
A 1 201 ARG 201 737 737 ARG ARG A . n 
A 1 202 LYS 202 738 738 LYS LYS A . n 
A 1 203 ARG 203 739 739 ARG ARG A . n 
A 1 204 ASP 204 740 740 ASP ASP A . n 
A 1 205 SER 205 741 741 SER SER A . n 
A 1 206 SER 206 742 ?   ?   ?   A . n 
A 1 207 ILE 207 743 ?   ?   ?   A . n 
A 1 208 LEU 208 744 ?   ?   ?   A . n 
A 1 209 THR 209 745 ?   ?   ?   A . n 
A 1 210 ASP 210 746 ?   ?   ?   A . n 
A 1 211 SER 211 747 ?   ?   ?   A . n 
A 1 212 GLN 212 748 ?   ?   ?   A . n 
A 1 213 THR 213 749 ?   ?   ?   A . n 
A 1 214 ALA 214 750 ?   ?   ?   A . n 
A 1 215 THR 215 751 ?   ?   ?   A . n 
A 1 216 LYS 216 752 ?   ?   ?   A . n 
A 1 217 ARG 217 753 ?   ?   ?   A . n 
# 
loop_
_pdbx_nonpoly_scheme.asym_id 
_pdbx_nonpoly_scheme.entity_id 
_pdbx_nonpoly_scheme.mon_id 
_pdbx_nonpoly_scheme.ndb_seq_num 
_pdbx_nonpoly_scheme.pdb_seq_num 
_pdbx_nonpoly_scheme.auth_seq_num 
_pdbx_nonpoly_scheme.pdb_mon_id 
_pdbx_nonpoly_scheme.auth_mon_id 
_pdbx_nonpoly_scheme.pdb_strand_id 
_pdbx_nonpoly_scheme.pdb_ins_code 
B 2 HOH 1  2001 2001 HOH HOH A . 
B 2 HOH 2  2002 2002 HOH HOH A . 
B 2 HOH 3  2003 2003 HOH HOH A . 
B 2 HOH 4  2004 2004 HOH HOH A . 
B 2 HOH 5  2005 2005 HOH HOH A . 
B 2 HOH 6  2006 2006 HOH HOH A . 
B 2 HOH 7  2007 2007 HOH HOH A . 
B 2 HOH 8  2008 2008 HOH HOH A . 
B 2 HOH 9  2009 2009 HOH HOH A . 
B 2 HOH 10 2010 2010 HOH HOH A . 
B 2 HOH 11 2011 2011 HOH HOH A . 
B 2 HOH 12 2012 2012 HOH HOH A . 
B 2 HOH 13 2013 2013 HOH HOH A . 
B 2 HOH 14 2014 2014 HOH HOH A . 
B 2 HOH 15 2015 2015 HOH HOH A . 
B 2 HOH 16 2016 2016 HOH HOH A . 
B 2 HOH 17 2017 2017 HOH HOH A . 
B 2 HOH 18 2018 2018 HOH HOH A . 
B 2 HOH 19 2019 2019 HOH HOH A . 
B 2 HOH 20 2020 2020 HOH HOH A . 
B 2 HOH 21 2021 2021 HOH HOH A . 
B 2 HOH 22 2022 2022 HOH HOH A . 
B 2 HOH 23 2023 2023 HOH HOH A . 
B 2 HOH 24 2024 2024 HOH HOH A . 
B 2 HOH 25 2025 2025 HOH HOH A . 
B 2 HOH 26 2026 2026 HOH HOH A . 
B 2 HOH 27 2027 2027 HOH HOH A . 
B 2 HOH 28 2028 2028 HOH HOH A . 
B 2 HOH 29 2029 2029 HOH HOH A . 
B 2 HOH 30 2030 2030 HOH HOH A . 
B 2 HOH 31 2031 2031 HOH HOH A . 
B 2 HOH 32 2032 2032 HOH HOH A . 
B 2 HOH 33 2033 2033 HOH HOH A . 
B 2 HOH 34 2034 2034 HOH HOH A . 
B 2 HOH 35 2035 2035 HOH HOH A . 
B 2 HOH 36 2036 2036 HOH HOH A . 
B 2 HOH 37 2037 2037 HOH HOH A . 
B 2 HOH 38 2038 2038 HOH HOH A . 
B 2 HOH 39 2039 2039 HOH HOH A . 
B 2 HOH 40 2040 2040 HOH HOH A . 
B 2 HOH 41 2041 2041 HOH HOH A . 
B 2 HOH 42 2042 2042 HOH HOH A . 
B 2 HOH 43 2043 2043 HOH HOH A . 
B 2 HOH 44 2044 2044 HOH HOH A . 
B 2 HOH 45 2045 2045 HOH HOH A . 
B 2 HOH 46 2046 2046 HOH HOH A . 
B 2 HOH 47 2047 2047 HOH HOH A . 
B 2 HOH 48 2048 2048 HOH HOH A . 
B 2 HOH 49 2049 2049 HOH HOH A . 
B 2 HOH 50 2050 2050 HOH HOH A . 
B 2 HOH 51 2051 2051 HOH HOH A . 
B 2 HOH 52 2052 2052 HOH HOH A . 
B 2 HOH 53 2053 2053 HOH HOH A . 
B 2 HOH 54 2054 2054 HOH HOH A . 
B 2 HOH 55 2055 2055 HOH HOH A . 
B 2 HOH 56 2056 2056 HOH HOH A . 
B 2 HOH 57 2057 2057 HOH HOH A . 
B 2 HOH 58 2058 2058 HOH HOH A . 
B 2 HOH 59 2059 2059 HOH HOH A . 
B 2 HOH 60 2060 2060 HOH HOH A . 
B 2 HOH 61 2061 2061 HOH HOH A . 
B 2 HOH 62 2062 2062 HOH HOH A . 
B 2 HOH 63 2063 2063 HOH HOH A . 
B 2 HOH 64 2064 2064 HOH HOH A . 
B 2 HOH 65 2065 2065 HOH HOH A . 
B 2 HOH 66 2066 2066 HOH HOH A . 
B 2 HOH 67 2067 2067 HOH HOH A . 
B 2 HOH 68 2068 2068 HOH HOH A . 
B 2 HOH 69 2069 2069 HOH HOH A . 
B 2 HOH 70 2070 2070 HOH HOH A . 
B 2 HOH 71 2071 2071 HOH HOH A . 
B 2 HOH 72 2072 2072 HOH HOH A . 
B 2 HOH 73 2073 2073 HOH HOH A . 
B 2 HOH 74 2074 2074 HOH HOH A . 
B 2 HOH 75 2075 2075 HOH HOH A . 
B 2 HOH 76 2076 2076 HOH HOH A . 
# 
_pdbx_struct_assembly.id                   1 
_pdbx_struct_assembly.details              author_and_software_defined_assembly 
_pdbx_struct_assembly.method_details       PISA 
_pdbx_struct_assembly.oligomeric_details   monomeric 
_pdbx_struct_assembly.oligomeric_count     1 
# 
_pdbx_struct_assembly_gen.assembly_id       1 
_pdbx_struct_assembly_gen.oper_expression   1 
_pdbx_struct_assembly_gen.asym_id_list      A,B 
# 
_pdbx_struct_oper_list.id                   1 
_pdbx_struct_oper_list.type                 'identity operation' 
_pdbx_struct_oper_list.name                 1_555 
_pdbx_struct_oper_list.symmetry_operation   x,y,z 
_pdbx_struct_oper_list.matrix[1][1]         1.0000000000 
_pdbx_struct_oper_list.matrix[1][2]         0.0000000000 
_pdbx_struct_oper_list.matrix[1][3]         0.0000000000 
_pdbx_struct_oper_list.vector[1]            0.0000000000 
_pdbx_struct_oper_list.matrix[2][1]         0.0000000000 
_pdbx_struct_oper_list.matrix[2][2]         1.0000000000 
_pdbx_struct_oper_list.matrix[2][3]         0.0000000000 
_pdbx_struct_oper_list.vector[2]            0.0000000000 
_pdbx_struct_oper_list.matrix[3][1]         0.0000000000 
_pdbx_struct_oper_list.matrix[3][2]         0.0000000000 
_pdbx_struct_oper_list.matrix[3][3]         1.0000000000 
_pdbx_struct_oper_list.vector[3]            0.0000000000 
# 
loop_
_pdbx_audit_revision_history.ordinal 
_pdbx_audit_revision_history.data_content_type 
_pdbx_audit_revision_history.major_revision 
_pdbx_audit_revision_history.minor_revision 
_pdbx_audit_revision_history.revision_date 
1 'Structure model' 1 0 2008-09-09 
2 'Structure model' 1 1 2012-05-30 
3 'Structure model' 1 2 2023-12-13 
# 
_pdbx_audit_revision_details.ordinal             1 
_pdbx_audit_revision_details.revision_ordinal    1 
_pdbx_audit_revision_details.data_content_type   'Structure model' 
_pdbx_audit_revision_details.provider            repository 
_pdbx_audit_revision_details.type                'Initial release' 
_pdbx_audit_revision_details.description         ? 
_pdbx_audit_revision_details.details             ? 
# 
loop_
_pdbx_audit_revision_group.ordinal 
_pdbx_audit_revision_group.revision_ordinal 
_pdbx_audit_revision_group.data_content_type 
_pdbx_audit_revision_group.group 
1  2 'Structure model' 'Database references'       
2  2 'Structure model' 'Derived calculations'      
3  2 'Structure model' 'Non-polymer description'   
4  2 'Structure model' Other                       
5  2 'Structure model' 'Structure summary'         
6  2 'Structure model' 'Version format compliance' 
7  3 'Structure model' 'Data collection'           
8  3 'Structure model' 'Database references'       
9  3 'Structure model' Other                       
10 3 'Structure model' 'Refinement description'    
# 
loop_
_pdbx_audit_revision_category.ordinal 
_pdbx_audit_revision_category.revision_ordinal 
_pdbx_audit_revision_category.data_content_type 
_pdbx_audit_revision_category.category 
1 3 'Structure model' chem_comp_atom                
2 3 'Structure model' chem_comp_bond                
3 3 'Structure model' database_2                    
4 3 'Structure model' pdbx_database_status          
5 3 'Structure model' pdbx_initial_refinement_model 
# 
loop_
_pdbx_audit_revision_item.ordinal 
_pdbx_audit_revision_item.revision_ordinal 
_pdbx_audit_revision_item.data_content_type 
_pdbx_audit_revision_item.item 
1 3 'Structure model' '_database_2.pdbx_DOI'                 
2 3 'Structure model' '_database_2.pdbx_database_accession'  
3 3 'Structure model' '_pdbx_database_status.status_code_sf' 
# 
loop_
_software.name 
_software.classification 
_software.version 
_software.citation_id 
_software.pdbx_ordinal 
REFMAC refinement       5.2.0019 ? 1 
XDS    'data reduction' .        ? 2 
XSCALE 'data scaling'   .        ? 3 
PHASER phasing          .        ? 4 
# 
loop_
_pdbx_validate_torsion.id 
_pdbx_validate_torsion.PDB_model_num 
_pdbx_validate_torsion.auth_comp_id 
_pdbx_validate_torsion.auth_asym_id 
_pdbx_validate_torsion.auth_seq_id 
_pdbx_validate_torsion.PDB_ins_code 
_pdbx_validate_torsion.label_alt_id 
_pdbx_validate_torsion.phi 
_pdbx_validate_torsion.psi 
1 1 ILE A 539 ? ? -109.68 67.84   
2 1 GLN A 728 ? ? 71.49   -140.06 
# 
loop_
_pdbx_unobs_or_zero_occ_atoms.id 
_pdbx_unobs_or_zero_occ_atoms.PDB_model_num 
_pdbx_unobs_or_zero_occ_atoms.polymer_flag 
_pdbx_unobs_or_zero_occ_atoms.occupancy_flag 
_pdbx_unobs_or_zero_occ_atoms.auth_asym_id 
_pdbx_unobs_or_zero_occ_atoms.auth_comp_id 
_pdbx_unobs_or_zero_occ_atoms.auth_seq_id 
_pdbx_unobs_or_zero_occ_atoms.PDB_ins_code 
_pdbx_unobs_or_zero_occ_atoms.auth_atom_id 
_pdbx_unobs_or_zero_occ_atoms.label_alt_id 
_pdbx_unobs_or_zero_occ_atoms.label_asym_id 
_pdbx_unobs_or_zero_occ_atoms.label_comp_id 
_pdbx_unobs_or_zero_occ_atoms.label_seq_id 
_pdbx_unobs_or_zero_occ_atoms.label_atom_id 
1 1 Y 1 A GLU 538 ? CG  ? A GLU 2 CG  
2 1 Y 1 A GLU 538 ? CD  ? A GLU 2 CD  
3 1 Y 1 A GLU 538 ? OE1 ? A GLU 2 OE1 
4 1 Y 1 A GLU 538 ? OE2 ? A GLU 2 OE2 
# 
loop_
_pdbx_unobs_or_zero_occ_residues.id 
_pdbx_unobs_or_zero_occ_residues.PDB_model_num 
_pdbx_unobs_or_zero_occ_residues.polymer_flag 
_pdbx_unobs_or_zero_occ_residues.occupancy_flag 
_pdbx_unobs_or_zero_occ_residues.auth_asym_id 
_pdbx_unobs_or_zero_occ_residues.auth_comp_id 
_pdbx_unobs_or_zero_occ_residues.auth_seq_id 
_pdbx_unobs_or_zero_occ_residues.PDB_ins_code 
_pdbx_unobs_or_zero_occ_residues.label_asym_id 
_pdbx_unobs_or_zero_occ_residues.label_comp_id 
_pdbx_unobs_or_zero_occ_residues.label_seq_id 
1  1 Y 1 A GLY 537 ? A GLY 1   
2  1 Y 1 A ASP 678 ? A ASP 142 
3  1 Y 1 A PRO 679 ? A PRO 143 
4  1 Y 1 A ASP 680 ? A ASP 144 
5  1 Y 1 A GLU 681 ? A GLU 145 
6  1 Y 1 A SER 682 ? A SER 146 
7  1 Y 1 A THR 683 ? A THR 147 
8  1 Y 1 A SER 684 ? A SER 148 
9  1 Y 1 A GLY 685 ? A GLY 149 
10 1 Y 1 A SER 742 ? A SER 206 
11 1 Y 1 A ILE 743 ? A ILE 207 
12 1 Y 1 A LEU 744 ? A LEU 208 
13 1 Y 1 A THR 745 ? A THR 209 
14 1 Y 1 A ASP 746 ? A ASP 210 
15 1 Y 1 A SER 747 ? A SER 211 
16 1 Y 1 A GLN 748 ? A GLN 212 
17 1 Y 1 A THR 749 ? A THR 213 
18 1 Y 1 A ALA 750 ? A ALA 214 
19 1 Y 1 A THR 751 ? A THR 215 
20 1 Y 1 A LYS 752 ? A LYS 216 
21 1 Y 1 A ARG 753 ? A ARG 217 
# 
loop_
_chem_comp_atom.comp_id 
_chem_comp_atom.atom_id 
_chem_comp_atom.type_symbol 
_chem_comp_atom.pdbx_aromatic_flag 
_chem_comp_atom.pdbx_stereo_config 
_chem_comp_atom.pdbx_ordinal 
ALA N    N N N 1   
ALA CA   C N S 2   
ALA C    C N N 3   
ALA O    O N N 4   
ALA CB   C N N 5   
ALA OXT  O N N 6   
ALA H    H N N 7   
ALA H2   H N N 8   
ALA HA   H N N 9   
ALA HB1  H N N 10  
ALA HB2  H N N 11  
ALA HB3  H N N 12  
ALA HXT  H N N 13  
ARG N    N N N 14  
ARG CA   C N S 15  
ARG C    C N N 16  
ARG O    O N N 17  
ARG CB   C N N 18  
ARG CG   C N N 19  
ARG CD   C N N 20  
ARG NE   N N N 21  
ARG CZ   C N N 22  
ARG NH1  N N N 23  
ARG NH2  N N N 24  
ARG OXT  O N N 25  
ARG H    H N N 26  
ARG H2   H N N 27  
ARG HA   H N N 28  
ARG HB2  H N N 29  
ARG HB3  H N N 30  
ARG HG2  H N N 31  
ARG HG3  H N N 32  
ARG HD2  H N N 33  
ARG HD3  H N N 34  
ARG HE   H N N 35  
ARG HH11 H N N 36  
ARG HH12 H N N 37  
ARG HH21 H N N 38  
ARG HH22 H N N 39  
ARG HXT  H N N 40  
ASN N    N N N 41  
ASN CA   C N S 42  
ASN C    C N N 43  
ASN O    O N N 44  
ASN CB   C N N 45  
ASN CG   C N N 46  
ASN OD1  O N N 47  
ASN ND2  N N N 48  
ASN OXT  O N N 49  
ASN H    H N N 50  
ASN H2   H N N 51  
ASN HA   H N N 52  
ASN HB2  H N N 53  
ASN HB3  H N N 54  
ASN HD21 H N N 55  
ASN HD22 H N N 56  
ASN HXT  H N N 57  
ASP N    N N N 58  
ASP CA   C N S 59  
ASP C    C N N 60  
ASP O    O N N 61  
ASP CB   C N N 62  
ASP CG   C N N 63  
ASP OD1  O N N 64  
ASP OD2  O N N 65  
ASP OXT  O N N 66  
ASP H    H N N 67  
ASP H2   H N N 68  
ASP HA   H N N 69  
ASP HB2  H N N 70  
ASP HB3  H N N 71  
ASP HD2  H N N 72  
ASP HXT  H N N 73  
GLN N    N N N 74  
GLN CA   C N S 75  
GLN C    C N N 76  
GLN O    O N N 77  
GLN CB   C N N 78  
GLN CG   C N N 79  
GLN CD   C N N 80  
GLN OE1  O N N 81  
GLN NE2  N N N 82  
GLN OXT  O N N 83  
GLN H    H N N 84  
GLN H2   H N N 85  
GLN HA   H N N 86  
GLN HB2  H N N 87  
GLN HB3  H N N 88  
GLN HG2  H N N 89  
GLN HG3  H N N 90  
GLN HE21 H N N 91  
GLN HE22 H N N 92  
GLN HXT  H N N 93  
GLU N    N N N 94  
GLU CA   C N S 95  
GLU C    C N N 96  
GLU O    O N N 97  
GLU CB   C N N 98  
GLU CG   C N N 99  
GLU CD   C N N 100 
GLU OE1  O N N 101 
GLU OE2  O N N 102 
GLU OXT  O N N 103 
GLU H    H N N 104 
GLU H2   H N N 105 
GLU HA   H N N 106 
GLU HB2  H N N 107 
GLU HB3  H N N 108 
GLU HG2  H N N 109 
GLU HG3  H N N 110 
GLU HE2  H N N 111 
GLU HXT  H N N 112 
GLY N    N N N 113 
GLY CA   C N N 114 
GLY C    C N N 115 
GLY O    O N N 116 
GLY OXT  O N N 117 
GLY H    H N N 118 
GLY H2   H N N 119 
GLY HA2  H N N 120 
GLY HA3  H N N 121 
GLY HXT  H N N 122 
HOH O    O N N 123 
HOH H1   H N N 124 
HOH H2   H N N 125 
ILE N    N N N 126 
ILE CA   C N S 127 
ILE C    C N N 128 
ILE O    O N N 129 
ILE CB   C N S 130 
ILE CG1  C N N 131 
ILE CG2  C N N 132 
ILE CD1  C N N 133 
ILE OXT  O N N 134 
ILE H    H N N 135 
ILE H2   H N N 136 
ILE HA   H N N 137 
ILE HB   H N N 138 
ILE HG12 H N N 139 
ILE HG13 H N N 140 
ILE HG21 H N N 141 
ILE HG22 H N N 142 
ILE HG23 H N N 143 
ILE HD11 H N N 144 
ILE HD12 H N N 145 
ILE HD13 H N N 146 
ILE HXT  H N N 147 
LEU N    N N N 148 
LEU CA   C N S 149 
LEU C    C N N 150 
LEU O    O N N 151 
LEU CB   C N N 152 
LEU CG   C N N 153 
LEU CD1  C N N 154 
LEU CD2  C N N 155 
LEU OXT  O N N 156 
LEU H    H N N 157 
LEU H2   H N N 158 
LEU HA   H N N 159 
LEU HB2  H N N 160 
LEU HB3  H N N 161 
LEU HG   H N N 162 
LEU HD11 H N N 163 
LEU HD12 H N N 164 
LEU HD13 H N N 165 
LEU HD21 H N N 166 
LEU HD22 H N N 167 
LEU HD23 H N N 168 
LEU HXT  H N N 169 
LYS N    N N N 170 
LYS CA   C N S 171 
LYS C    C N N 172 
LYS O    O N N 173 
LYS CB   C N N 174 
LYS CG   C N N 175 
LYS CD   C N N 176 
LYS CE   C N N 177 
LYS NZ   N N N 178 
LYS OXT  O N N 179 
LYS H    H N N 180 
LYS H2   H N N 181 
LYS HA   H N N 182 
LYS HB2  H N N 183 
LYS HB3  H N N 184 
LYS HG2  H N N 185 
LYS HG3  H N N 186 
LYS HD2  H N N 187 
LYS HD3  H N N 188 
LYS HE2  H N N 189 
LYS HE3  H N N 190 
LYS HZ1  H N N 191 
LYS HZ2  H N N 192 
LYS HZ3  H N N 193 
LYS HXT  H N N 194 
MET N    N N N 195 
MET CA   C N S 196 
MET C    C N N 197 
MET O    O N N 198 
MET CB   C N N 199 
MET CG   C N N 200 
MET SD   S N N 201 
MET CE   C N N 202 
MET OXT  O N N 203 
MET H    H N N 204 
MET H2   H N N 205 
MET HA   H N N 206 
MET HB2  H N N 207 
MET HB3  H N N 208 
MET HG2  H N N 209 
MET HG3  H N N 210 
MET HE1  H N N 211 
MET HE2  H N N 212 
MET HE3  H N N 213 
MET HXT  H N N 214 
PHE N    N N N 215 
PHE CA   C N S 216 
PHE C    C N N 217 
PHE O    O N N 218 
PHE CB   C N N 219 
PHE CG   C Y N 220 
PHE CD1  C Y N 221 
PHE CD2  C Y N 222 
PHE CE1  C Y N 223 
PHE CE2  C Y N 224 
PHE CZ   C Y N 225 
PHE OXT  O N N 226 
PHE H    H N N 227 
PHE H2   H N N 228 
PHE HA   H N N 229 
PHE HB2  H N N 230 
PHE HB3  H N N 231 
PHE HD1  H N N 232 
PHE HD2  H N N 233 
PHE HE1  H N N 234 
PHE HE2  H N N 235 
PHE HZ   H N N 236 
PHE HXT  H N N 237 
PRO N    N N N 238 
PRO CA   C N S 239 
PRO C    C N N 240 
PRO O    O N N 241 
PRO CB   C N N 242 
PRO CG   C N N 243 
PRO CD   C N N 244 
PRO OXT  O N N 245 
PRO H    H N N 246 
PRO HA   H N N 247 
PRO HB2  H N N 248 
PRO HB3  H N N 249 
PRO HG2  H N N 250 
PRO HG3  H N N 251 
PRO HD2  H N N 252 
PRO HD3  H N N 253 
PRO HXT  H N N 254 
SER N    N N N 255 
SER CA   C N S 256 
SER C    C N N 257 
SER O    O N N 258 
SER CB   C N N 259 
SER OG   O N N 260 
SER OXT  O N N 261 
SER H    H N N 262 
SER H2   H N N 263 
SER HA   H N N 264 
SER HB2  H N N 265 
SER HB3  H N N 266 
SER HG   H N N 267 
SER HXT  H N N 268 
THR N    N N N 269 
THR CA   C N S 270 
THR C    C N N 271 
THR O    O N N 272 
THR CB   C N R 273 
THR OG1  O N N 274 
THR CG2  C N N 275 
THR OXT  O N N 276 
THR H    H N N 277 
THR H2   H N N 278 
THR HA   H N N 279 
THR HB   H N N 280 
THR HG1  H N N 281 
THR HG21 H N N 282 
THR HG22 H N N 283 
THR HG23 H N N 284 
THR HXT  H N N 285 
TRP N    N N N 286 
TRP CA   C N S 287 
TRP C    C N N 288 
TRP O    O N N 289 
TRP CB   C N N 290 
TRP CG   C Y N 291 
TRP CD1  C Y N 292 
TRP CD2  C Y N 293 
TRP NE1  N Y N 294 
TRP CE2  C Y N 295 
TRP CE3  C Y N 296 
TRP CZ2  C Y N 297 
TRP CZ3  C Y N 298 
TRP CH2  C Y N 299 
TRP OXT  O N N 300 
TRP H    H N N 301 
TRP H2   H N N 302 
TRP HA   H N N 303 
TRP HB2  H N N 304 
TRP HB3  H N N 305 
TRP HD1  H N N 306 
TRP HE1  H N N 307 
TRP HE3  H N N 308 
TRP HZ2  H N N 309 
TRP HZ3  H N N 310 
TRP HH2  H N N 311 
TRP HXT  H N N 312 
TYR N    N N N 313 
TYR CA   C N S 314 
TYR C    C N N 315 
TYR O    O N N 316 
TYR CB   C N N 317 
TYR CG   C Y N 318 
TYR CD1  C Y N 319 
TYR CD2  C Y N 320 
TYR CE1  C Y N 321 
TYR CE2  C Y N 322 
TYR CZ   C Y N 323 
TYR OH   O N N 324 
TYR OXT  O N N 325 
TYR H    H N N 326 
TYR H2   H N N 327 
TYR HA   H N N 328 
TYR HB2  H N N 329 
TYR HB3  H N N 330 
TYR HD1  H N N 331 
TYR HD2  H N N 332 
TYR HE1  H N N 333 
TYR HE2  H N N 334 
TYR HH   H N N 335 
TYR HXT  H N N 336 
VAL N    N N N 337 
VAL CA   C N S 338 
VAL C    C N N 339 
VAL O    O N N 340 
VAL CB   C N N 341 
VAL CG1  C N N 342 
VAL CG2  C N N 343 
VAL OXT  O N N 344 
VAL H    H N N 345 
VAL H2   H N N 346 
VAL HA   H N N 347 
VAL HB   H N N 348 
VAL HG11 H N N 349 
VAL HG12 H N N 350 
VAL HG13 H N N 351 
VAL HG21 H N N 352 
VAL HG22 H N N 353 
VAL HG23 H N N 354 
VAL HXT  H N N 355 
# 
loop_
_chem_comp_bond.comp_id 
_chem_comp_bond.atom_id_1 
_chem_comp_bond.atom_id_2 
_chem_comp_bond.value_order 
_chem_comp_bond.pdbx_aromatic_flag 
_chem_comp_bond.pdbx_stereo_config 
_chem_comp_bond.pdbx_ordinal 
ALA N   CA   sing N N 1   
ALA N   H    sing N N 2   
ALA N   H2   sing N N 3   
ALA CA  C    sing N N 4   
ALA CA  CB   sing N N 5   
ALA CA  HA   sing N N 6   
ALA C   O    doub N N 7   
ALA C   OXT  sing N N 8   
ALA CB  HB1  sing N N 9   
ALA CB  HB2  sing N N 10  
ALA CB  HB3  sing N N 11  
ALA OXT HXT  sing N N 12  
ARG N   CA   sing N N 13  
ARG N   H    sing N N 14  
ARG N   H2   sing N N 15  
ARG CA  C    sing N N 16  
ARG CA  CB   sing N N 17  
ARG CA  HA   sing N N 18  
ARG C   O    doub N N 19  
ARG C   OXT  sing N N 20  
ARG CB  CG   sing N N 21  
ARG CB  HB2  sing N N 22  
ARG CB  HB3  sing N N 23  
ARG CG  CD   sing N N 24  
ARG CG  HG2  sing N N 25  
ARG CG  HG3  sing N N 26  
ARG CD  NE   sing N N 27  
ARG CD  HD2  sing N N 28  
ARG CD  HD3  sing N N 29  
ARG NE  CZ   sing N N 30  
ARG NE  HE   sing N N 31  
ARG CZ  NH1  sing N N 32  
ARG CZ  NH2  doub N N 33  
ARG NH1 HH11 sing N N 34  
ARG NH1 HH12 sing N N 35  
ARG NH2 HH21 sing N N 36  
ARG NH2 HH22 sing N N 37  
ARG OXT HXT  sing N N 38  
ASN N   CA   sing N N 39  
ASN N   H    sing N N 40  
ASN N   H2   sing N N 41  
ASN CA  C    sing N N 42  
ASN CA  CB   sing N N 43  
ASN CA  HA   sing N N 44  
ASN C   O    doub N N 45  
ASN C   OXT  sing N N 46  
ASN CB  CG   sing N N 47  
ASN CB  HB2  sing N N 48  
ASN CB  HB3  sing N N 49  
ASN CG  OD1  doub N N 50  
ASN CG  ND2  sing N N 51  
ASN ND2 HD21 sing N N 52  
ASN ND2 HD22 sing N N 53  
ASN OXT HXT  sing N N 54  
ASP N   CA   sing N N 55  
ASP N   H    sing N N 56  
ASP N   H2   sing N N 57  
ASP CA  C    sing N N 58  
ASP CA  CB   sing N N 59  
ASP CA  HA   sing N N 60  
ASP C   O    doub N N 61  
ASP C   OXT  sing N N 62  
ASP CB  CG   sing N N 63  
ASP CB  HB2  sing N N 64  
ASP CB  HB3  sing N N 65  
ASP CG  OD1  doub N N 66  
ASP CG  OD2  sing N N 67  
ASP OD2 HD2  sing N N 68  
ASP OXT HXT  sing N N 69  
GLN N   CA   sing N N 70  
GLN N   H    sing N N 71  
GLN N   H2   sing N N 72  
GLN CA  C    sing N N 73  
GLN CA  CB   sing N N 74  
GLN CA  HA   sing N N 75  
GLN C   O    doub N N 76  
GLN C   OXT  sing N N 77  
GLN CB  CG   sing N N 78  
GLN CB  HB2  sing N N 79  
GLN CB  HB3  sing N N 80  
GLN CG  CD   sing N N 81  
GLN CG  HG2  sing N N 82  
GLN CG  HG3  sing N N 83  
GLN CD  OE1  doub N N 84  
GLN CD  NE2  sing N N 85  
GLN NE2 HE21 sing N N 86  
GLN NE2 HE22 sing N N 87  
GLN OXT HXT  sing N N 88  
GLU N   CA   sing N N 89  
GLU N   H    sing N N 90  
GLU N   H2   sing N N 91  
GLU CA  C    sing N N 92  
GLU CA  CB   sing N N 93  
GLU CA  HA   sing N N 94  
GLU C   O    doub N N 95  
GLU C   OXT  sing N N 96  
GLU CB  CG   sing N N 97  
GLU CB  HB2  sing N N 98  
GLU CB  HB3  sing N N 99  
GLU CG  CD   sing N N 100 
GLU CG  HG2  sing N N 101 
GLU CG  HG3  sing N N 102 
GLU CD  OE1  doub N N 103 
GLU CD  OE2  sing N N 104 
GLU OE2 HE2  sing N N 105 
GLU OXT HXT  sing N N 106 
GLY N   CA   sing N N 107 
GLY N   H    sing N N 108 
GLY N   H2   sing N N 109 
GLY CA  C    sing N N 110 
GLY CA  HA2  sing N N 111 
GLY CA  HA3  sing N N 112 
GLY C   O    doub N N 113 
GLY C   OXT  sing N N 114 
GLY OXT HXT  sing N N 115 
HOH O   H1   sing N N 116 
HOH O   H2   sing N N 117 
ILE N   CA   sing N N 118 
ILE N   H    sing N N 119 
ILE N   H2   sing N N 120 
ILE CA  C    sing N N 121 
ILE CA  CB   sing N N 122 
ILE CA  HA   sing N N 123 
ILE C   O    doub N N 124 
ILE C   OXT  sing N N 125 
ILE CB  CG1  sing N N 126 
ILE CB  CG2  sing N N 127 
ILE CB  HB   sing N N 128 
ILE CG1 CD1  sing N N 129 
ILE CG1 HG12 sing N N 130 
ILE CG1 HG13 sing N N 131 
ILE CG2 HG21 sing N N 132 
ILE CG2 HG22 sing N N 133 
ILE CG2 HG23 sing N N 134 
ILE CD1 HD11 sing N N 135 
ILE CD1 HD12 sing N N 136 
ILE CD1 HD13 sing N N 137 
ILE OXT HXT  sing N N 138 
LEU N   CA   sing N N 139 
LEU N   H    sing N N 140 
LEU N   H2   sing N N 141 
LEU CA  C    sing N N 142 
LEU CA  CB   sing N N 143 
LEU CA  HA   sing N N 144 
LEU C   O    doub N N 145 
LEU C   OXT  sing N N 146 
LEU CB  CG   sing N N 147 
LEU CB  HB2  sing N N 148 
LEU CB  HB3  sing N N 149 
LEU CG  CD1  sing N N 150 
LEU CG  CD2  sing N N 151 
LEU CG  HG   sing N N 152 
LEU CD1 HD11 sing N N 153 
LEU CD1 HD12 sing N N 154 
LEU CD1 HD13 sing N N 155 
LEU CD2 HD21 sing N N 156 
LEU CD2 HD22 sing N N 157 
LEU CD2 HD23 sing N N 158 
LEU OXT HXT  sing N N 159 
LYS N   CA   sing N N 160 
LYS N   H    sing N N 161 
LYS N   H2   sing N N 162 
LYS CA  C    sing N N 163 
LYS CA  CB   sing N N 164 
LYS CA  HA   sing N N 165 
LYS C   O    doub N N 166 
LYS C   OXT  sing N N 167 
LYS CB  CG   sing N N 168 
LYS CB  HB2  sing N N 169 
LYS CB  HB3  sing N N 170 
LYS CG  CD   sing N N 171 
LYS CG  HG2  sing N N 172 
LYS CG  HG3  sing N N 173 
LYS CD  CE   sing N N 174 
LYS CD  HD2  sing N N 175 
LYS CD  HD3  sing N N 176 
LYS CE  NZ   sing N N 177 
LYS CE  HE2  sing N N 178 
LYS CE  HE3  sing N N 179 
LYS NZ  HZ1  sing N N 180 
LYS NZ  HZ2  sing N N 181 
LYS NZ  HZ3  sing N N 182 
LYS OXT HXT  sing N N 183 
MET N   CA   sing N N 184 
MET N   H    sing N N 185 
MET N   H2   sing N N 186 
MET CA  C    sing N N 187 
MET CA  CB   sing N N 188 
MET CA  HA   sing N N 189 
MET C   O    doub N N 190 
MET C   OXT  sing N N 191 
MET CB  CG   sing N N 192 
MET CB  HB2  sing N N 193 
MET CB  HB3  sing N N 194 
MET CG  SD   sing N N 195 
MET CG  HG2  sing N N 196 
MET CG  HG3  sing N N 197 
MET SD  CE   sing N N 198 
MET CE  HE1  sing N N 199 
MET CE  HE2  sing N N 200 
MET CE  HE3  sing N N 201 
MET OXT HXT  sing N N 202 
PHE N   CA   sing N N 203 
PHE N   H    sing N N 204 
PHE N   H2   sing N N 205 
PHE CA  C    sing N N 206 
PHE CA  CB   sing N N 207 
PHE CA  HA   sing N N 208 
PHE C   O    doub N N 209 
PHE C   OXT  sing N N 210 
PHE CB  CG   sing N N 211 
PHE CB  HB2  sing N N 212 
PHE CB  HB3  sing N N 213 
PHE CG  CD1  doub Y N 214 
PHE CG  CD2  sing Y N 215 
PHE CD1 CE1  sing Y N 216 
PHE CD1 HD1  sing N N 217 
PHE CD2 CE2  doub Y N 218 
PHE CD2 HD2  sing N N 219 
PHE CE1 CZ   doub Y N 220 
PHE CE1 HE1  sing N N 221 
PHE CE2 CZ   sing Y N 222 
PHE CE2 HE2  sing N N 223 
PHE CZ  HZ   sing N N 224 
PHE OXT HXT  sing N N 225 
PRO N   CA   sing N N 226 
PRO N   CD   sing N N 227 
PRO N   H    sing N N 228 
PRO CA  C    sing N N 229 
PRO CA  CB   sing N N 230 
PRO CA  HA   sing N N 231 
PRO C   O    doub N N 232 
PRO C   OXT  sing N N 233 
PRO CB  CG   sing N N 234 
PRO CB  HB2  sing N N 235 
PRO CB  HB3  sing N N 236 
PRO CG  CD   sing N N 237 
PRO CG  HG2  sing N N 238 
PRO CG  HG3  sing N N 239 
PRO CD  HD2  sing N N 240 
PRO CD  HD3  sing N N 241 
PRO OXT HXT  sing N N 242 
SER N   CA   sing N N 243 
SER N   H    sing N N 244 
SER N   H2   sing N N 245 
SER CA  C    sing N N 246 
SER CA  CB   sing N N 247 
SER CA  HA   sing N N 248 
SER C   O    doub N N 249 
SER C   OXT  sing N N 250 
SER CB  OG   sing N N 251 
SER CB  HB2  sing N N 252 
SER CB  HB3  sing N N 253 
SER OG  HG   sing N N 254 
SER OXT HXT  sing N N 255 
THR N   CA   sing N N 256 
THR N   H    sing N N 257 
THR N   H2   sing N N 258 
THR CA  C    sing N N 259 
THR CA  CB   sing N N 260 
THR CA  HA   sing N N 261 
THR C   O    doub N N 262 
THR C   OXT  sing N N 263 
THR CB  OG1  sing N N 264 
THR CB  CG2  sing N N 265 
THR CB  HB   sing N N 266 
THR OG1 HG1  sing N N 267 
THR CG2 HG21 sing N N 268 
THR CG2 HG22 sing N N 269 
THR CG2 HG23 sing N N 270 
THR OXT HXT  sing N N 271 
TRP N   CA   sing N N 272 
TRP N   H    sing N N 273 
TRP N   H2   sing N N 274 
TRP CA  C    sing N N 275 
TRP CA  CB   sing N N 276 
TRP CA  HA   sing N N 277 
TRP C   O    doub N N 278 
TRP C   OXT  sing N N 279 
TRP CB  CG   sing N N 280 
TRP CB  HB2  sing N N 281 
TRP CB  HB3  sing N N 282 
TRP CG  CD1  doub Y N 283 
TRP CG  CD2  sing Y N 284 
TRP CD1 NE1  sing Y N 285 
TRP CD1 HD1  sing N N 286 
TRP CD2 CE2  doub Y N 287 
TRP CD2 CE3  sing Y N 288 
TRP NE1 CE2  sing Y N 289 
TRP NE1 HE1  sing N N 290 
TRP CE2 CZ2  sing Y N 291 
TRP CE3 CZ3  doub Y N 292 
TRP CE3 HE3  sing N N 293 
TRP CZ2 CH2  doub Y N 294 
TRP CZ2 HZ2  sing N N 295 
TRP CZ3 CH2  sing Y N 296 
TRP CZ3 HZ3  sing N N 297 
TRP CH2 HH2  sing N N 298 
TRP OXT HXT  sing N N 299 
TYR N   CA   sing N N 300 
TYR N   H    sing N N 301 
TYR N   H2   sing N N 302 
TYR CA  C    sing N N 303 
TYR CA  CB   sing N N 304 
TYR CA  HA   sing N N 305 
TYR C   O    doub N N 306 
TYR C   OXT  sing N N 307 
TYR CB  CG   sing N N 308 
TYR CB  HB2  sing N N 309 
TYR CB  HB3  sing N N 310 
TYR CG  CD1  doub Y N 311 
TYR CG  CD2  sing Y N 312 
TYR CD1 CE1  sing Y N 313 
TYR CD1 HD1  sing N N 314 
TYR CD2 CE2  doub Y N 315 
TYR CD2 HD2  sing N N 316 
TYR CE1 CZ   doub Y N 317 
TYR CE1 HE1  sing N N 318 
TYR CE2 CZ   sing Y N 319 
TYR CE2 HE2  sing N N 320 
TYR CZ  OH   sing N N 321 
TYR OH  HH   sing N N 322 
TYR OXT HXT  sing N N 323 
VAL N   CA   sing N N 324 
VAL N   H    sing N N 325 
VAL N   H2   sing N N 326 
VAL CA  C    sing N N 327 
VAL CA  CB   sing N N 328 
VAL CA  HA   sing N N 329 
VAL C   O    doub N N 330 
VAL C   OXT  sing N N 331 
VAL CB  CG1  sing N N 332 
VAL CB  CG2  sing N N 333 
VAL CB  HB   sing N N 334 
VAL CG1 HG11 sing N N 335 
VAL CG1 HG12 sing N N 336 
VAL CG1 HG13 sing N N 337 
VAL CG2 HG21 sing N N 338 
VAL CG2 HG22 sing N N 339 
VAL CG2 HG23 sing N N 340 
VAL OXT HXT  sing N N 341 
# 
_pdbx_entity_nonpoly.entity_id   2 
_pdbx_entity_nonpoly.name        water 
_pdbx_entity_nonpoly.comp_id     HOH 
# 
loop_
_pdbx_initial_refinement_model.id 
_pdbx_initial_refinement_model.entity_id_list 
_pdbx_initial_refinement_model.type 
_pdbx_initial_refinement_model.source_name 
_pdbx_initial_refinement_model.accession_code 
_pdbx_initial_refinement_model.details 
1 ? 'experimental model' PDB 2VY7 '627-DOMAIN FROM PDB ENTRY 2VY7, AND NLS DOMAIN FROM PDB ENTRY 2JDQ' 
2 ? 'experimental model' PDB 2JDQ '627-DOMAIN FROM PDB ENTRY 2VY7, AND NLS DOMAIN FROM PDB ENTRY 2JDQ' 
# 
